data_7KFQ
# 
_entry.id   7KFQ 
# 
_audit_conform.dict_name       mmcif_pdbx.dic 
_audit_conform.dict_version    5.380 
_audit_conform.dict_location   http://mmcif.pdb.org/dictionaries/ascii/mmcif_pdbx.dic 
# 
loop_
_database_2.database_id 
_database_2.database_code 
_database_2.pdbx_database_accession 
_database_2.pdbx_DOI 
PDB   7KFQ         pdb_00007kfq 10.2210/pdb7kfq/pdb 
WWPDB D_1000252403 ?            ?                   
# 
_pdbx_database_status.status_code                     REL 
_pdbx_database_status.status_code_sf                  REL 
_pdbx_database_status.status_code_mr                  ? 
_pdbx_database_status.entry_id                        7KFQ 
_pdbx_database_status.recvd_initial_deposition_date   2020-10-14 
_pdbx_database_status.SG_entry                        N 
_pdbx_database_status.deposit_site                    RCSB 
_pdbx_database_status.process_site                    RCSB 
_pdbx_database_status.status_code_cs                  ? 
_pdbx_database_status.status_code_nmr_data            ? 
_pdbx_database_status.methods_development_category    ? 
_pdbx_database_status.pdb_format_compatible           Y 
# 
loop_
_audit_author.name 
_audit_author.pdbx_ordinal 
_audit_author.identifier_ORCID 
'Walton, W.G.'  1 0000-0001-6745-534X 
'Redinbo, M.R.' 2 0000-0003-0814-5346 
'Dangl, J.L.'   3 0000-0003-3199-8654 
# 
_citation.abstract                  ? 
_citation.abstract_id_CAS           ? 
_citation.book_id_ISBN              ? 
_citation.book_publisher            ? 
_citation.book_publisher_city       ? 
_citation.book_title                ? 
_citation.coordinate_linkage        ? 
_citation.country                   UK 
_citation.database_id_Medline       ? 
_citation.details                   ? 
_citation.id                        primary 
_citation.journal_abbrev            'Nat Microbiol' 
_citation.journal_id_ASTM           ? 
_citation.journal_id_CSD            ? 
_citation.journal_id_ISSN           2058-5276 
_citation.journal_full              ? 
_citation.journal_issue             ? 
_citation.journal_volume            7 
_citation.language                  ? 
_citation.page_first                1817 
_citation.page_last                 1833 
_citation.title                     'Diverse MarR bacterial regulators of auxin catabolism in the plant microbiome.' 
_citation.year                      2022 
_citation.database_id_CSD           ? 
_citation.pdbx_database_id_DOI      10.1038/s41564-022-01244-3 
_citation.pdbx_database_id_PubMed   36266335 
_citation.unpublished_flag          ? 
# 
loop_
_citation_author.citation_id 
_citation_author.name 
_citation_author.ordinal 
_citation_author.identifier_ORCID 
primary 'Conway, J.M.'       1  0000-0002-2715-2149 
primary 'Walton, W.G.'       2  ?                   
primary 'Salas-Gonzalez, I.' 3  0000-0002-0347-5058 
primary 'Law, T.F.'          4  ?                   
primary 'Lindberg, C.A.'     5  ?                   
primary 'Crook, L.E.'        6  ?                   
primary 'Kosina, S.M.'       7  0000-0003-2885-1248 
primary 'Fitzpatrick, C.R.'  8  ?                   
primary 'Lietzan, A.D.'      9  0000-0001-6388-2491 
primary 'Northen, T.R.'      10 0000-0001-8404-3259 
primary 'Jones, C.D.'        11 ?                   
primary 'Finkel, O.M.'       12 0000-0003-4770-0402 
primary 'Redinbo, M.R.'      13 0000-0003-0814-5346 
primary 'Dangl, J.L.'        14 0000-0003-3199-8654 
# 
_cell.angle_alpha                  90.000 
_cell.angle_alpha_esd              ? 
_cell.angle_beta                   90.000 
_cell.angle_beta_esd               ? 
_cell.angle_gamma                  90.000 
_cell.angle_gamma_esd              ? 
_cell.entry_id                     7KFQ 
_cell.details                      ? 
_cell.formula_units_Z              ? 
_cell.length_a                     54.683 
_cell.length_a_esd                 ? 
_cell.length_b                     114.277 
_cell.length_b_esd                 ? 
_cell.length_c                     114.907 
_cell.length_c_esd                 ? 
_cell.volume                       718054.899 
_cell.volume_esd                   ? 
_cell.Z_PDB                        16 
_cell.reciprocal_angle_alpha       ? 
_cell.reciprocal_angle_beta        ? 
_cell.reciprocal_angle_gamma       ? 
_cell.reciprocal_angle_alpha_esd   ? 
_cell.reciprocal_angle_beta_esd    ? 
_cell.reciprocal_angle_gamma_esd   ? 
_cell.reciprocal_length_a          ? 
_cell.reciprocal_length_b          ? 
_cell.reciprocal_length_c          ? 
_cell.reciprocal_length_a_esd      ? 
_cell.reciprocal_length_b_esd      ? 
_cell.reciprocal_length_c_esd      ? 
_cell.pdbx_unique_axis             ? 
# 
_symmetry.entry_id                         7KFQ 
_symmetry.cell_setting                     ? 
_symmetry.Int_Tables_number                22 
_symmetry.space_group_name_Hall            'F 2 2' 
_symmetry.space_group_name_H-M             'F 2 2 2' 
_symmetry.pdbx_full_space_group_name_H-M   ? 
# 
loop_
_entity.id 
_entity.type 
_entity.src_method 
_entity.pdbx_description 
_entity.formula_weight 
_entity.pdbx_number_of_molecules 
_entity.pdbx_ec 
_entity.pdbx_mutation 
_entity.pdbx_fragment 
_entity.details 
1 polymer     man 'Transcriptional regulator, MarR family' 20969.717 1   ? ? ? ? 
2 non-polymer syn '1H-INDOLE-3-CARBOXYLIC ACID'            161.157   1   ? ? ? ? 
3 non-polymer syn 'SULFATE ION'                            96.063    1   ? ? ? ? 
4 water       nat water                                    18.015    129 ? ? ? ? 
# 
_entity_poly.entity_id                      1 
_entity_poly.type                           'polypeptide(L)' 
_entity_poly.nstd_linkage                   no 
_entity_poly.nstd_monomer                   no 
_entity_poly.pdbx_seq_one_letter_code       
;MHHHHHHSSGVDLGTENLYFQSNAMAEQPPETHRFVDDYLPALLAQASQLISSEFHEVARQHGFSVSEWRVMASLAGSEP
ISIGQLAQVTVTKQPTVTRLLDRMEARGQVERLPHESDRRITLVRITRKGLKAVEHLMELAREHERRVLEPFGLRRAEEL
KQTLRQMIDLHVHVPVEEPEED
;
_entity_poly.pdbx_seq_one_letter_code_can   
;MHHHHHHSSGVDLGTENLYFQSNAMAEQPPETHRFVDDYLPALLAQASQLISSEFHEVARQHGFSVSEWRVMASLAGSEP
ISIGQLAQVTVTKQPTVTRLLDRMEARGQVERLPHESDRRITLVRITRKGLKAVEHLMELAREHERRVLEPFGLRRAEEL
KQTLRQMIDLHVHVPVEEPEED
;
_entity_poly.pdbx_strand_id                 A 
_entity_poly.pdbx_target_identifier         ? 
# 
loop_
_entity_poly_seq.entity_id 
_entity_poly_seq.num 
_entity_poly_seq.mon_id 
_entity_poly_seq.hetero 
1 1   MET n 
1 2   HIS n 
1 3   HIS n 
1 4   HIS n 
1 5   HIS n 
1 6   HIS n 
1 7   HIS n 
1 8   SER n 
1 9   SER n 
1 10  GLY n 
1 11  VAL n 
1 12  ASP n 
1 13  LEU n 
1 14  GLY n 
1 15  THR n 
1 16  GLU n 
1 17  ASN n 
1 18  LEU n 
1 19  TYR n 
1 20  PHE n 
1 21  GLN n 
1 22  SER n 
1 23  ASN n 
1 24  ALA n 
1 25  MET n 
1 26  ALA n 
1 27  GLU n 
1 28  GLN n 
1 29  PRO n 
1 30  PRO n 
1 31  GLU n 
1 32  THR n 
1 33  HIS n 
1 34  ARG n 
1 35  PHE n 
1 36  VAL n 
1 37  ASP n 
1 38  ASP n 
1 39  TYR n 
1 40  LEU n 
1 41  PRO n 
1 42  ALA n 
1 43  LEU n 
1 44  LEU n 
1 45  ALA n 
1 46  GLN n 
1 47  ALA n 
1 48  SER n 
1 49  GLN n 
1 50  LEU n 
1 51  ILE n 
1 52  SER n 
1 53  SER n 
1 54  GLU n 
1 55  PHE n 
1 56  HIS n 
1 57  GLU n 
1 58  VAL n 
1 59  ALA n 
1 60  ARG n 
1 61  GLN n 
1 62  HIS n 
1 63  GLY n 
1 64  PHE n 
1 65  SER n 
1 66  VAL n 
1 67  SER n 
1 68  GLU n 
1 69  TRP n 
1 70  ARG n 
1 71  VAL n 
1 72  MET n 
1 73  ALA n 
1 74  SER n 
1 75  LEU n 
1 76  ALA n 
1 77  GLY n 
1 78  SER n 
1 79  GLU n 
1 80  PRO n 
1 81  ILE n 
1 82  SER n 
1 83  ILE n 
1 84  GLY n 
1 85  GLN n 
1 86  LEU n 
1 87  ALA n 
1 88  GLN n 
1 89  VAL n 
1 90  THR n 
1 91  VAL n 
1 92  THR n 
1 93  LYS n 
1 94  GLN n 
1 95  PRO n 
1 96  THR n 
1 97  VAL n 
1 98  THR n 
1 99  ARG n 
1 100 LEU n 
1 101 LEU n 
1 102 ASP n 
1 103 ARG n 
1 104 MET n 
1 105 GLU n 
1 106 ALA n 
1 107 ARG n 
1 108 GLY n 
1 109 GLN n 
1 110 VAL n 
1 111 GLU n 
1 112 ARG n 
1 113 LEU n 
1 114 PRO n 
1 115 HIS n 
1 116 GLU n 
1 117 SER n 
1 118 ASP n 
1 119 ARG n 
1 120 ARG n 
1 121 ILE n 
1 122 THR n 
1 123 LEU n 
1 124 VAL n 
1 125 ARG n 
1 126 ILE n 
1 127 THR n 
1 128 ARG n 
1 129 LYS n 
1 130 GLY n 
1 131 LEU n 
1 132 LYS n 
1 133 ALA n 
1 134 VAL n 
1 135 GLU n 
1 136 HIS n 
1 137 LEU n 
1 138 MET n 
1 139 GLU n 
1 140 LEU n 
1 141 ALA n 
1 142 ARG n 
1 143 GLU n 
1 144 HIS n 
1 145 GLU n 
1 146 ARG n 
1 147 ARG n 
1 148 VAL n 
1 149 LEU n 
1 150 GLU n 
1 151 PRO n 
1 152 PHE n 
1 153 GLY n 
1 154 LEU n 
1 155 ARG n 
1 156 ARG n 
1 157 ALA n 
1 158 GLU n 
1 159 GLU n 
1 160 LEU n 
1 161 LYS n 
1 162 GLN n 
1 163 THR n 
1 164 LEU n 
1 165 ARG n 
1 166 GLN n 
1 167 MET n 
1 168 ILE n 
1 169 ASP n 
1 170 LEU n 
1 171 HIS n 
1 172 VAL n 
1 173 HIS n 
1 174 VAL n 
1 175 PRO n 
1 176 VAL n 
1 177 GLU n 
1 178 GLU n 
1 179 PRO n 
1 180 GLU n 
1 181 GLU n 
1 182 ASP n 
# 
_entity_src_gen.entity_id                          1 
_entity_src_gen.pdbx_src_id                        1 
_entity_src_gen.pdbx_alt_source_flag               sample 
_entity_src_gen.pdbx_seq_type                      'Biological sequence' 
_entity_src_gen.pdbx_beg_seq_num                   1 
_entity_src_gen.pdbx_end_seq_num                   182 
_entity_src_gen.gene_src_common_name               ? 
_entity_src_gen.gene_src_genus                     ? 
_entity_src_gen.pdbx_gene_src_gene                 Vapar_1489 
_entity_src_gen.gene_src_species                   ? 
_entity_src_gen.gene_src_strain                    ? 
_entity_src_gen.gene_src_tissue                    ? 
_entity_src_gen.gene_src_tissue_fraction           ? 
_entity_src_gen.gene_src_details                   ? 
_entity_src_gen.pdbx_gene_src_fragment             ? 
_entity_src_gen.pdbx_gene_src_scientific_name      'Variovorax paradoxus' 
_entity_src_gen.pdbx_gene_src_ncbi_taxonomy_id     34073 
_entity_src_gen.pdbx_gene_src_variant              ? 
_entity_src_gen.pdbx_gene_src_cell_line            ? 
_entity_src_gen.pdbx_gene_src_atcc                 ? 
_entity_src_gen.pdbx_gene_src_organ                ? 
_entity_src_gen.pdbx_gene_src_organelle            ? 
_entity_src_gen.pdbx_gene_src_cell                 ? 
_entity_src_gen.pdbx_gene_src_cellular_location    ? 
_entity_src_gen.host_org_common_name               ? 
_entity_src_gen.pdbx_host_org_scientific_name      'Escherichia coli' 
_entity_src_gen.pdbx_host_org_ncbi_taxonomy_id     562 
_entity_src_gen.host_org_genus                     ? 
_entity_src_gen.pdbx_host_org_gene                 ? 
_entity_src_gen.pdbx_host_org_organ                ? 
_entity_src_gen.host_org_species                   ? 
_entity_src_gen.pdbx_host_org_tissue               ? 
_entity_src_gen.pdbx_host_org_tissue_fraction      ? 
_entity_src_gen.pdbx_host_org_strain               ? 
_entity_src_gen.pdbx_host_org_variant              ? 
_entity_src_gen.pdbx_host_org_cell_line            ? 
_entity_src_gen.pdbx_host_org_atcc                 ? 
_entity_src_gen.pdbx_host_org_culture_collection   ? 
_entity_src_gen.pdbx_host_org_cell                 ? 
_entity_src_gen.pdbx_host_org_organelle            ? 
_entity_src_gen.pdbx_host_org_cellular_location    ? 
_entity_src_gen.pdbx_host_org_vector_type          ? 
_entity_src_gen.pdbx_host_org_vector               ? 
_entity_src_gen.host_org_details                   ? 
_entity_src_gen.expression_system_id               ? 
_entity_src_gen.plasmid_name                       ? 
_entity_src_gen.plasmid_details                    ? 
_entity_src_gen.pdbx_description                   ? 
# 
_struct_ref.id                         1 
_struct_ref.db_name                    UNP 
_struct_ref.db_code                    C5CSP2_VARPS 
_struct_ref.pdbx_db_accession          C5CSP2 
_struct_ref.pdbx_db_isoform            ? 
_struct_ref.entity_id                  1 
_struct_ref.pdbx_seq_one_letter_code   
;MAEQPPETHRFVDDYLPALLAQASQLISSEFHEVARQHGFSVSEWRVMASLAGSEPISIGQLAQVTVTKQPTVTRLLDRM
EARGQVERLPHESDRRITLVRITRKGLKAVEHLMELAREHERRVLEPFGLRRAEELKQTLRQMIDLHVHVPVEEPEED
;
_struct_ref.pdbx_align_begin           1 
# 
_struct_ref_seq.align_id                      1 
_struct_ref_seq.ref_id                        1 
_struct_ref_seq.pdbx_PDB_id_code              7KFQ 
_struct_ref_seq.pdbx_strand_id                A 
_struct_ref_seq.seq_align_beg                 25 
_struct_ref_seq.pdbx_seq_align_beg_ins_code   ? 
_struct_ref_seq.seq_align_end                 182 
_struct_ref_seq.pdbx_seq_align_end_ins_code   ? 
_struct_ref_seq.pdbx_db_accession             C5CSP2 
_struct_ref_seq.db_align_beg                  1 
_struct_ref_seq.pdbx_db_align_beg_ins_code    ? 
_struct_ref_seq.db_align_end                  158 
_struct_ref_seq.pdbx_db_align_end_ins_code    ? 
_struct_ref_seq.pdbx_auth_seq_align_beg       1 
_struct_ref_seq.pdbx_auth_seq_align_end       158 
# 
loop_
_struct_ref_seq_dif.align_id 
_struct_ref_seq_dif.pdbx_pdb_id_code 
_struct_ref_seq_dif.mon_id 
_struct_ref_seq_dif.pdbx_pdb_strand_id 
_struct_ref_seq_dif.seq_num 
_struct_ref_seq_dif.pdbx_pdb_ins_code 
_struct_ref_seq_dif.pdbx_seq_db_name 
_struct_ref_seq_dif.pdbx_seq_db_accession_code 
_struct_ref_seq_dif.db_mon_id 
_struct_ref_seq_dif.pdbx_seq_db_seq_num 
_struct_ref_seq_dif.details 
_struct_ref_seq_dif.pdbx_auth_seq_num 
_struct_ref_seq_dif.pdbx_ordinal 
1 7KFQ MET A 1  ? UNP C5CSP2 ? ? 'initiating methionine' -23 1  
1 7KFQ HIS A 2  ? UNP C5CSP2 ? ? 'expression tag'        -22 2  
1 7KFQ HIS A 3  ? UNP C5CSP2 ? ? 'expression tag'        -21 3  
1 7KFQ HIS A 4  ? UNP C5CSP2 ? ? 'expression tag'        -20 4  
1 7KFQ HIS A 5  ? UNP C5CSP2 ? ? 'expression tag'        -19 5  
1 7KFQ HIS A 6  ? UNP C5CSP2 ? ? 'expression tag'        -18 6  
1 7KFQ HIS A 7  ? UNP C5CSP2 ? ? 'expression tag'        -17 7  
1 7KFQ SER A 8  ? UNP C5CSP2 ? ? 'expression tag'        -16 8  
1 7KFQ SER A 9  ? UNP C5CSP2 ? ? 'expression tag'        -15 9  
1 7KFQ GLY A 10 ? UNP C5CSP2 ? ? 'expression tag'        -14 10 
1 7KFQ VAL A 11 ? UNP C5CSP2 ? ? 'expression tag'        -13 11 
1 7KFQ ASP A 12 ? UNP C5CSP2 ? ? 'expression tag'        -12 12 
1 7KFQ LEU A 13 ? UNP C5CSP2 ? ? 'expression tag'        -11 13 
1 7KFQ GLY A 14 ? UNP C5CSP2 ? ? 'expression tag'        -10 14 
1 7KFQ THR A 15 ? UNP C5CSP2 ? ? 'expression tag'        -9  15 
1 7KFQ GLU A 16 ? UNP C5CSP2 ? ? 'expression tag'        -8  16 
1 7KFQ ASN A 17 ? UNP C5CSP2 ? ? 'expression tag'        -7  17 
1 7KFQ LEU A 18 ? UNP C5CSP2 ? ? 'expression tag'        -6  18 
1 7KFQ TYR A 19 ? UNP C5CSP2 ? ? 'expression tag'        -5  19 
1 7KFQ PHE A 20 ? UNP C5CSP2 ? ? 'expression tag'        -4  20 
1 7KFQ GLN A 21 ? UNP C5CSP2 ? ? 'expression tag'        -3  21 
1 7KFQ SER A 22 ? UNP C5CSP2 ? ? 'expression tag'        -2  22 
1 7KFQ ASN A 23 ? UNP C5CSP2 ? ? 'expression tag'        -1  23 
1 7KFQ ALA A 24 ? UNP C5CSP2 ? ? 'expression tag'        0   24 
# 
loop_
_chem_comp.id 
_chem_comp.type 
_chem_comp.mon_nstd_flag 
_chem_comp.name 
_chem_comp.pdbx_synonyms 
_chem_comp.formula 
_chem_comp.formula_weight 
ALA 'L-peptide linking' y ALANINE                       ? 'C3 H7 N O2'     89.093  
ARG 'L-peptide linking' y ARGININE                      ? 'C6 H15 N4 O2 1' 175.209 
ASN 'L-peptide linking' y ASPARAGINE                    ? 'C4 H8 N2 O3'    132.118 
ASP 'L-peptide linking' y 'ASPARTIC ACID'               ? 'C4 H7 N O4'     133.103 
GLN 'L-peptide linking' y GLUTAMINE                     ? 'C5 H10 N2 O3'   146.144 
GLU 'L-peptide linking' y 'GLUTAMIC ACID'               ? 'C5 H9 N O4'     147.129 
GLY 'peptide linking'   y GLYCINE                       ? 'C2 H5 N O2'     75.067  
HIS 'L-peptide linking' y HISTIDINE                     ? 'C6 H10 N3 O2 1' 156.162 
HOH non-polymer         . WATER                         ? 'H2 O'           18.015  
ICO non-polymer         . '1H-INDOLE-3-CARBOXYLIC ACID' ? 'C9 H7 N O2'     161.157 
ILE 'L-peptide linking' y ISOLEUCINE                    ? 'C6 H13 N O2'    131.173 
LEU 'L-peptide linking' y LEUCINE                       ? 'C6 H13 N O2'    131.173 
LYS 'L-peptide linking' y LYSINE                        ? 'C6 H15 N2 O2 1' 147.195 
MET 'L-peptide linking' y METHIONINE                    ? 'C5 H11 N O2 S'  149.211 
PHE 'L-peptide linking' y PHENYLALANINE                 ? 'C9 H11 N O2'    165.189 
PRO 'L-peptide linking' y PROLINE                       ? 'C5 H9 N O2'     115.130 
SER 'L-peptide linking' y SERINE                        ? 'C3 H7 N O3'     105.093 
SO4 non-polymer         . 'SULFATE ION'                 ? 'O4 S -2'        96.063  
THR 'L-peptide linking' y THREONINE                     ? 'C4 H9 N O3'     119.119 
TRP 'L-peptide linking' y TRYPTOPHAN                    ? 'C11 H12 N2 O2'  204.225 
TYR 'L-peptide linking' y TYROSINE                      ? 'C9 H11 N O3'    181.189 
VAL 'L-peptide linking' y VALINE                        ? 'C5 H11 N O2'    117.146 
# 
_exptl.absorpt_coefficient_mu     ? 
_exptl.absorpt_correction_T_max   ? 
_exptl.absorpt_correction_T_min   ? 
_exptl.absorpt_correction_type    ? 
_exptl.absorpt_process_details    ? 
_exptl.entry_id                   7KFQ 
_exptl.crystals_number            1 
_exptl.details                    ? 
_exptl.method                     'X-RAY DIFFRACTION' 
_exptl.method_details             ? 
# 
_exptl_crystal.colour                      ? 
_exptl_crystal.density_diffrn              ? 
_exptl_crystal.density_Matthews            2.46 
_exptl_crystal.density_method              ? 
_exptl_crystal.density_percent_sol         50.05 
_exptl_crystal.description                 ? 
_exptl_crystal.F_000                       ? 
_exptl_crystal.id                          1 
_exptl_crystal.preparation                 ? 
_exptl_crystal.size_max                    ? 
_exptl_crystal.size_mid                    ? 
_exptl_crystal.size_min                    ? 
_exptl_crystal.size_rad                    ? 
_exptl_crystal.colour_lustre               ? 
_exptl_crystal.colour_modifier             ? 
_exptl_crystal.colour_primary              ? 
_exptl_crystal.density_meas                ? 
_exptl_crystal.density_meas_esd            ? 
_exptl_crystal.density_meas_gt             ? 
_exptl_crystal.density_meas_lt             ? 
_exptl_crystal.density_meas_temp           ? 
_exptl_crystal.density_meas_temp_esd       ? 
_exptl_crystal.density_meas_temp_gt        ? 
_exptl_crystal.density_meas_temp_lt        ? 
_exptl_crystal.pdbx_crystal_image_url      ? 
_exptl_crystal.pdbx_crystal_image_format   ? 
_exptl_crystal.pdbx_mosaicity              ? 
_exptl_crystal.pdbx_mosaicity_esd          ? 
# 
_exptl_crystal_grow.apparatus       ? 
_exptl_crystal_grow.atmosphere      ? 
_exptl_crystal_grow.crystal_id      1 
_exptl_crystal_grow.details         ? 
_exptl_crystal_grow.method          'VAPOR DIFFUSION, SITTING DROP' 
_exptl_crystal_grow.method_ref      ? 
_exptl_crystal_grow.pH              ? 
_exptl_crystal_grow.pressure        ? 
_exptl_crystal_grow.pressure_esd    ? 
_exptl_crystal_grow.seeding         ? 
_exptl_crystal_grow.seeding_ref     ? 
_exptl_crystal_grow.temp            293 
_exptl_crystal_grow.temp_details    ? 
_exptl_crystal_grow.temp_esd        ? 
_exptl_crystal_grow.time            ? 
_exptl_crystal_grow.pdbx_details    '0.2 M Ammonium Sulfate, 0.1 M Tris: HCl, pH 8.5, 25 % (w/v) PEG 3350' 
_exptl_crystal_grow.pdbx_pH_range   ? 
# 
_diffrn.ambient_environment              ? 
_diffrn.ambient_temp                     100 
_diffrn.ambient_temp_details             ? 
_diffrn.ambient_temp_esd                 ? 
_diffrn.crystal_id                       1 
_diffrn.crystal_support                  ? 
_diffrn.crystal_treatment                ? 
_diffrn.details                          ? 
_diffrn.id                               1 
_diffrn.ambient_pressure                 ? 
_diffrn.ambient_pressure_esd             ? 
_diffrn.ambient_pressure_gt              ? 
_diffrn.ambient_pressure_lt              ? 
_diffrn.ambient_temp_gt                  ? 
_diffrn.ambient_temp_lt                  ? 
_diffrn.pdbx_serial_crystal_experiment   N 
# 
_diffrn_detector.details                      ? 
_diffrn_detector.detector                     PIXEL 
_diffrn_detector.diffrn_id                    1 
_diffrn_detector.type                         'DECTRIS PILATUS3 6M' 
_diffrn_detector.area_resol_mean              ? 
_diffrn_detector.dtime                        ? 
_diffrn_detector.pdbx_frames_total            ? 
_diffrn_detector.pdbx_collection_time_total   ? 
_diffrn_detector.pdbx_collection_date         2019-12-15 
_diffrn_detector.pdbx_frequency               ? 
# 
_diffrn_radiation.collimation                      ? 
_diffrn_radiation.diffrn_id                        1 
_diffrn_radiation.filter_edge                      ? 
_diffrn_radiation.inhomogeneity                    ? 
_diffrn_radiation.monochromator                    ? 
_diffrn_radiation.polarisn_norm                    ? 
_diffrn_radiation.polarisn_ratio                   ? 
_diffrn_radiation.probe                            ? 
_diffrn_radiation.type                             ? 
_diffrn_radiation.xray_symbol                      ? 
_diffrn_radiation.wavelength_id                    1 
_diffrn_radiation.pdbx_monochromatic_or_laue_m_l   M 
_diffrn_radiation.pdbx_wavelength_list             ? 
_diffrn_radiation.pdbx_wavelength                  ? 
_diffrn_radiation.pdbx_diffrn_protocol             'SINGLE WAVELENGTH' 
_diffrn_radiation.pdbx_analyzer                    ? 
_diffrn_radiation.pdbx_scattering_type             x-ray 
# 
_diffrn_radiation_wavelength.id           1 
_diffrn_radiation_wavelength.wavelength   1.0332 
_diffrn_radiation_wavelength.wt           1.0 
# 
_diffrn_source.current                     ? 
_diffrn_source.details                     ? 
_diffrn_source.diffrn_id                   1 
_diffrn_source.power                       ? 
_diffrn_source.size                        ? 
_diffrn_source.source                      SYNCHROTRON 
_diffrn_source.target                      ? 
_diffrn_source.type                        'APS BEAMLINE 23-ID-D' 
_diffrn_source.voltage                     ? 
_diffrn_source.take-off_angle              ? 
_diffrn_source.pdbx_wavelength_list        1.0332 
_diffrn_source.pdbx_wavelength             ? 
_diffrn_source.pdbx_synchrotron_beamline   23-ID-D 
_diffrn_source.pdbx_synchrotron_site       APS 
# 
_reflns.B_iso_Wilson_estimate            19.61 
_reflns.entry_id                         7KFQ 
_reflns.data_reduction_details           ? 
_reflns.data_reduction_method            ? 
_reflns.d_resolution_high                1.35 
_reflns.d_resolution_low                 45.33 
_reflns.details                          ? 
_reflns.limit_h_max                      ? 
_reflns.limit_h_min                      ? 
_reflns.limit_k_max                      ? 
_reflns.limit_k_min                      ? 
_reflns.limit_l_max                      ? 
_reflns.limit_l_min                      ? 
_reflns.number_all                       ? 
_reflns.number_obs                       39480 
_reflns.observed_criterion               ? 
_reflns.observed_criterion_F_max         ? 
_reflns.observed_criterion_F_min         ? 
_reflns.observed_criterion_I_max         ? 
_reflns.observed_criterion_I_min         ? 
_reflns.observed_criterion_sigma_F       ? 
_reflns.observed_criterion_sigma_I       ? 
_reflns.percent_possible_obs             99.69 
_reflns.R_free_details                   ? 
_reflns.Rmerge_F_all                     ? 
_reflns.Rmerge_F_obs                     ? 
_reflns.Friedel_coverage                 ? 
_reflns.number_gt                        ? 
_reflns.threshold_expression             ? 
_reflns.pdbx_redundancy                  2.0 
_reflns.pdbx_Rmerge_I_obs                ? 
_reflns.pdbx_Rmerge_I_all                ? 
_reflns.pdbx_Rsym_value                  ? 
_reflns.pdbx_netI_over_av_sigmaI         ? 
_reflns.pdbx_netI_over_sigmaI            20.95 
_reflns.pdbx_res_netI_over_av_sigmaI_2   ? 
_reflns.pdbx_res_netI_over_sigmaI_2      ? 
_reflns.pdbx_chi_squared                 ? 
_reflns.pdbx_scaling_rejects             ? 
_reflns.pdbx_d_res_high_opt              ? 
_reflns.pdbx_d_res_low_opt               ? 
_reflns.pdbx_d_res_opt_method            ? 
_reflns.phase_calculation_details        ? 
_reflns.pdbx_Rrim_I_all                  ? 
_reflns.pdbx_Rpim_I_all                  ? 
_reflns.pdbx_d_opt                       ? 
_reflns.pdbx_number_measured_all         ? 
_reflns.pdbx_diffrn_id                   1 
_reflns.pdbx_ordinal                     1 
_reflns.pdbx_CC_half                     1 
_reflns.pdbx_CC_star                     ? 
_reflns.pdbx_R_split                     ? 
# 
_reflns_shell.d_res_high                  1.35 
_reflns_shell.d_res_low                   1.398 
_reflns_shell.meanI_over_sigI_all         ? 
_reflns_shell.meanI_over_sigI_obs         ? 
_reflns_shell.number_measured_all         ? 
_reflns_shell.number_measured_obs         ? 
_reflns_shell.number_possible             ? 
_reflns_shell.number_unique_all           ? 
_reflns_shell.number_unique_obs           3842 
_reflns_shell.percent_possible_all        ? 
_reflns_shell.percent_possible_obs        ? 
_reflns_shell.Rmerge_F_all                ? 
_reflns_shell.Rmerge_F_obs                ? 
_reflns_shell.Rmerge_I_all                ? 
_reflns_shell.Rmerge_I_obs                ? 
_reflns_shell.meanI_over_sigI_gt          ? 
_reflns_shell.meanI_over_uI_all           ? 
_reflns_shell.meanI_over_uI_gt            ? 
_reflns_shell.number_measured_gt          ? 
_reflns_shell.number_unique_gt            ? 
_reflns_shell.percent_possible_gt         ? 
_reflns_shell.Rmerge_F_gt                 ? 
_reflns_shell.Rmerge_I_gt                 ? 
_reflns_shell.pdbx_redundancy             ? 
_reflns_shell.pdbx_Rsym_value             ? 
_reflns_shell.pdbx_chi_squared            ? 
_reflns_shell.pdbx_netI_over_sigmaI_all   ? 
_reflns_shell.pdbx_netI_over_sigmaI_obs   ? 
_reflns_shell.pdbx_Rrim_I_all             ? 
_reflns_shell.pdbx_Rpim_I_all             ? 
_reflns_shell.pdbx_rejects                ? 
_reflns_shell.pdbx_ordinal                1 
_reflns_shell.pdbx_diffrn_id              1 
_reflns_shell.pdbx_CC_half                0.763 
_reflns_shell.pdbx_CC_star                ? 
_reflns_shell.pdbx_R_split                ? 
# 
_refine.aniso_B[1][1]                            ? 
_refine.aniso_B[1][2]                            ? 
_refine.aniso_B[1][3]                            ? 
_refine.aniso_B[2][2]                            ? 
_refine.aniso_B[2][3]                            ? 
_refine.aniso_B[3][3]                            ? 
_refine.B_iso_max                                ? 
_refine.B_iso_mean                               29.70 
_refine.B_iso_min                                ? 
_refine.correlation_coeff_Fo_to_Fc               ? 
_refine.correlation_coeff_Fo_to_Fc_free          ? 
_refine.details                                  ? 
_refine.diff_density_max                         ? 
_refine.diff_density_max_esd                     ? 
_refine.diff_density_min                         ? 
_refine.diff_density_min_esd                     ? 
_refine.diff_density_rms                         ? 
_refine.diff_density_rms_esd                     ? 
_refine.entry_id                                 7KFQ 
_refine.pdbx_refine_id                           'X-RAY DIFFRACTION' 
_refine.ls_abs_structure_details                 ? 
_refine.ls_abs_structure_Flack                   ? 
_refine.ls_abs_structure_Flack_esd               ? 
_refine.ls_abs_structure_Rogers                  ? 
_refine.ls_abs_structure_Rogers_esd              ? 
_refine.ls_d_res_high                            1.35 
_refine.ls_d_res_low                             45.33 
_refine.ls_extinction_coef                       ? 
_refine.ls_extinction_coef_esd                   ? 
_refine.ls_extinction_expression                 ? 
_refine.ls_extinction_method                     ? 
_refine.ls_goodness_of_fit_all                   ? 
_refine.ls_goodness_of_fit_all_esd               ? 
_refine.ls_goodness_of_fit_obs                   ? 
_refine.ls_goodness_of_fit_obs_esd               ? 
_refine.ls_hydrogen_treatment                    ? 
_refine.ls_matrix_type                           ? 
_refine.ls_number_constraints                    ? 
_refine.ls_number_parameters                     ? 
_refine.ls_number_reflns_all                     ? 
_refine.ls_number_reflns_obs                     39479 
_refine.ls_number_reflns_R_free                  1999 
_refine.ls_number_reflns_R_work                  37480 
_refine.ls_number_restraints                     ? 
_refine.ls_percent_reflns_obs                    99.70 
_refine.ls_percent_reflns_R_free                 5.06 
_refine.ls_R_factor_all                          ? 
_refine.ls_R_factor_obs                          0.1885 
_refine.ls_R_factor_R_free                       0.2222 
_refine.ls_R_factor_R_free_error                 ? 
_refine.ls_R_factor_R_free_error_details         ? 
_refine.ls_R_factor_R_work                       0.1867 
_refine.ls_R_Fsqd_factor_obs                     ? 
_refine.ls_R_I_factor_obs                        ? 
_refine.ls_redundancy_reflns_all                 ? 
_refine.ls_redundancy_reflns_obs                 ? 
_refine.ls_restrained_S_all                      ? 
_refine.ls_restrained_S_obs                      ? 
_refine.ls_shift_over_esd_max                    ? 
_refine.ls_shift_over_esd_mean                   ? 
_refine.ls_structure_factor_coef                 ? 
_refine.ls_weighting_details                     ? 
_refine.ls_weighting_scheme                      ? 
_refine.ls_wR_factor_all                         ? 
_refine.ls_wR_factor_obs                         ? 
_refine.ls_wR_factor_R_free                      ? 
_refine.ls_wR_factor_R_work                      ? 
_refine.occupancy_max                            ? 
_refine.occupancy_min                            ? 
_refine.solvent_model_details                    'FLAT BULK SOLVENT MODEL' 
_refine.solvent_model_param_bsol                 ? 
_refine.solvent_model_param_ksol                 ? 
_refine.pdbx_R_complete                          ? 
_refine.ls_R_factor_gt                           ? 
_refine.ls_goodness_of_fit_gt                    ? 
_refine.ls_goodness_of_fit_ref                   ? 
_refine.ls_shift_over_su_max                     ? 
_refine.ls_shift_over_su_max_lt                  ? 
_refine.ls_shift_over_su_mean                    ? 
_refine.ls_shift_over_su_mean_lt                 ? 
_refine.pdbx_ls_sigma_I                          ? 
_refine.pdbx_ls_sigma_F                          1.35 
_refine.pdbx_ls_sigma_Fsqd                       ? 
_refine.pdbx_data_cutoff_high_absF               ? 
_refine.pdbx_data_cutoff_high_rms_absF           ? 
_refine.pdbx_data_cutoff_low_absF                ? 
_refine.pdbx_isotropic_thermal_model             ? 
_refine.pdbx_ls_cross_valid_method               'FREE R-VALUE' 
_refine.pdbx_method_to_determine_struct          'MOLECULAR REPLACEMENT' 
_refine.pdbx_starting_model                      7KFO 
_refine.pdbx_stereochemistry_target_values       'GeoStd + Monomer Library + CDL v1.2' 
_refine.pdbx_R_Free_selection_details            ? 
_refine.pdbx_stereochem_target_val_spec_case     ? 
_refine.pdbx_overall_ESU_R                       ? 
_refine.pdbx_overall_ESU_R_Free                  ? 
_refine.pdbx_solvent_vdw_probe_radii             1.1100 
_refine.pdbx_solvent_ion_probe_radii             ? 
_refine.pdbx_solvent_shrinkage_radii             0.9000 
_refine.pdbx_real_space_R                        ? 
_refine.pdbx_density_correlation                 ? 
_refine.pdbx_pd_number_of_powder_patterns        ? 
_refine.pdbx_pd_number_of_points                 ? 
_refine.pdbx_pd_meas_number_of_points            ? 
_refine.pdbx_pd_proc_ls_prof_R_factor            ? 
_refine.pdbx_pd_proc_ls_prof_wR_factor           ? 
_refine.pdbx_pd_Marquardt_correlation_coeff      ? 
_refine.pdbx_pd_Fsqrd_R_factor                   ? 
_refine.pdbx_pd_ls_matrix_band_width             ? 
_refine.pdbx_overall_phase_error                 22.1524 
_refine.pdbx_overall_SU_R_free_Cruickshank_DPI   ? 
_refine.pdbx_overall_SU_R_free_Blow_DPI          ? 
_refine.pdbx_overall_SU_R_Blow_DPI               ? 
_refine.pdbx_TLS_residual_ADP_flag               ? 
_refine.pdbx_diffrn_id                           1 
_refine.overall_SU_B                             ? 
_refine.overall_SU_ML                            0.1063 
_refine.overall_SU_R_Cruickshank_DPI             ? 
_refine.overall_SU_R_free                        ? 
_refine.overall_FOM_free_R_set                   ? 
_refine.overall_FOM_work_R_set                   ? 
_refine.pdbx_average_fsc_overall                 ? 
_refine.pdbx_average_fsc_work                    ? 
_refine.pdbx_average_fsc_free                    ? 
# 
_refine_hist.pdbx_refine_id                   'X-RAY DIFFRACTION' 
_refine_hist.cycle_id                         LAST 
_refine_hist.details                          ? 
_refine_hist.d_res_high                       1.35 
_refine_hist.d_res_low                        45.33 
_refine_hist.number_atoms_solvent             129 
_refine_hist.number_atoms_total               1291 
_refine_hist.number_reflns_all                ? 
_refine_hist.number_reflns_obs                ? 
_refine_hist.number_reflns_R_free             ? 
_refine_hist.number_reflns_R_work             ? 
_refine_hist.R_factor_all                     ? 
_refine_hist.R_factor_obs                     ? 
_refine_hist.R_factor_R_free                  ? 
_refine_hist.R_factor_R_work                  ? 
_refine_hist.pdbx_number_residues_total       ? 
_refine_hist.pdbx_B_iso_mean_ligand           ? 
_refine_hist.pdbx_B_iso_mean_solvent          ? 
_refine_hist.pdbx_number_atoms_protein        1145 
_refine_hist.pdbx_number_atoms_nucleic_acid   0 
_refine_hist.pdbx_number_atoms_ligand         17 
_refine_hist.pdbx_number_atoms_lipid          ? 
_refine_hist.pdbx_number_atoms_carb           ? 
_refine_hist.pdbx_pseudo_atom_details         ? 
# 
loop_
_refine_ls_restr.pdbx_refine_id 
_refine_ls_restr.criterion 
_refine_ls_restr.dev_ideal 
_refine_ls_restr.dev_ideal_target 
_refine_ls_restr.number 
_refine_ls_restr.rejects 
_refine_ls_restr.type 
_refine_ls_restr.weight 
_refine_ls_restr.pdbx_restraint_function 
'X-RAY DIFFRACTION' ? 0.0065  ? 1324 ? f_bond_d           ? ? 
'X-RAY DIFFRACTION' ? 0.8925  ? 1809 ? f_angle_d          ? ? 
'X-RAY DIFFRACTION' ? 0.0781  ? 198  ? f_chiral_restr     ? ? 
'X-RAY DIFFRACTION' ? 0.0045  ? 244  ? f_plane_restr      ? ? 
'X-RAY DIFFRACTION' ? 25.1251 ? 531  ? f_dihedral_angle_d ? ? 
# 
loop_
_refine_ls_shell.pdbx_refine_id 
_refine_ls_shell.d_res_high 
_refine_ls_shell.d_res_low 
_refine_ls_shell.number_reflns_all 
_refine_ls_shell.number_reflns_obs 
_refine_ls_shell.number_reflns_R_free 
_refine_ls_shell.number_reflns_R_work 
_refine_ls_shell.percent_reflns_obs 
_refine_ls_shell.percent_reflns_R_free 
_refine_ls_shell.R_factor_all 
_refine_ls_shell.R_factor_obs 
_refine_ls_shell.R_factor_R_free 
_refine_ls_shell.R_factor_R_free_error 
_refine_ls_shell.R_factor_R_work 
_refine_ls_shell.redundancy_reflns_all 
_refine_ls_shell.redundancy_reflns_obs 
_refine_ls_shell.wR_factor_all 
_refine_ls_shell.wR_factor_obs 
_refine_ls_shell.wR_factor_R_free 
_refine_ls_shell.wR_factor_R_work 
_refine_ls_shell.pdbx_R_complete 
_refine_ls_shell.pdbx_total_number_of_bins_used 
_refine_ls_shell.pdbx_phase_error 
_refine_ls_shell.pdbx_fsc_work 
_refine_ls_shell.pdbx_fsc_free 
'X-RAY DIFFRACTION' 1.35 1.38  . . 135 2584 97.81  . . . 0.2917 . 0.2937 . . . . . . . . . . . 
'X-RAY DIFFRACTION' 1.38 1.42  . . 140 2633 98.97  . . . 0.2628 . 0.2624 . . . . . . . . . . . 
'X-RAY DIFFRACTION' 1.42 1.46  . . 141 2643 99.78  . . . 0.2745 . 0.2484 . . . . . . . . . . . 
'X-RAY DIFFRACTION' 1.46 1.51  . . 144 2685 99.89  . . . 0.2156 . 0.2216 . . . . . . . . . . . 
'X-RAY DIFFRACTION' 1.51 1.56  . . 142 2647 100.00 . . . 0.2492 . 0.2127 . . . . . . . . . . . 
'X-RAY DIFFRACTION' 1.56 1.63  . . 142 2661 100.00 . . . 0.2173 . 0.2148 . . . . . . . . . . . 
'X-RAY DIFFRACTION' 1.63 1.70  . . 142 2662 100.00 . . . 0.2323 . 0.2159 . . . . . . . . . . . 
'X-RAY DIFFRACTION' 1.70 1.79  . . 144 2669 99.89  . . . 0.2346 . 0.2113 . . . . . . . . . . . 
'X-RAY DIFFRACTION' 1.79 1.90  . . 139 2678 100.00 . . . 0.2524 . 0.2073 . . . . . . . . . . . 
'X-RAY DIFFRACTION' 1.90 2.05  . . 143 2692 100.00 . . . 0.2197 . 0.1905 . . . . . . . . . . . 
'X-RAY DIFFRACTION' 2.05 2.26  . . 146 2692 99.96  . . . 0.2057 . 0.1827 . . . . . . . . . . . 
'X-RAY DIFFRACTION' 2.26 2.58  . . 143 2687 99.86  . . . 0.1881 . 0.1796 . . . . . . . . . . . 
'X-RAY DIFFRACTION' 2.58 3.25  . . 144 2730 99.90  . . . 0.2641 . 0.1781 . . . . . . . . . . . 
'X-RAY DIFFRACTION' 3.25 45.33 . . 154 2817 99.73  . . . 0.2020 . 0.1694 . . . . . . . . . . . 
# 
_struct.entry_id                     7KFQ 
_struct.title                        
'Crystal structure of the MarR family transcriptional regulator from Variovorax paradoxus bound to 1H-Indole-3-Carboxylic Acid' 
_struct.pdbx_model_details           ? 
_struct.pdbx_formula_weight          ? 
_struct.pdbx_formula_weight_method   ? 
_struct.pdbx_model_type_details      ? 
_struct.pdbx_CASP_flag               N 
# 
_struct_keywords.entry_id        7KFQ 
_struct_keywords.text            'Transcriptional Regulator, Ligand Binding, DNA BINDING PROTEIN' 
_struct_keywords.pdbx_keywords   'DNA BINDING PROTEIN' 
# 
loop_
_struct_asym.id 
_struct_asym.pdbx_blank_PDB_chainid_flag 
_struct_asym.pdbx_modified 
_struct_asym.entity_id 
_struct_asym.details 
A N N 1 ? 
B N N 2 ? 
C N N 3 ? 
D N N 4 ? 
# 
loop_
_struct_conf.conf_type_id 
_struct_conf.id 
_struct_conf.pdbx_PDB_helix_id 
_struct_conf.beg_label_comp_id 
_struct_conf.beg_label_asym_id 
_struct_conf.beg_label_seq_id 
_struct_conf.pdbx_beg_PDB_ins_code 
_struct_conf.end_label_comp_id 
_struct_conf.end_label_asym_id 
_struct_conf.end_label_seq_id 
_struct_conf.pdbx_end_PDB_ins_code 
_struct_conf.beg_auth_comp_id 
_struct_conf.beg_auth_asym_id 
_struct_conf.beg_auth_seq_id 
_struct_conf.end_auth_comp_id 
_struct_conf.end_auth_asym_id 
_struct_conf.end_auth_seq_id 
_struct_conf.pdbx_PDB_helix_class 
_struct_conf.details 
_struct_conf.pdbx_PDB_helix_length 
HELX_P HELX_P1 AA1 ARG A 34  ? ASP A 38  ? ARG A 10  ASP A 14  5 ? 5  
HELX_P HELX_P2 AA2 TYR A 39  ? HIS A 62  ? TYR A 15  HIS A 38  1 ? 24 
HELX_P HELX_P3 AA3 SER A 65  ? ALA A 76  ? SER A 41  ALA A 52  1 ? 12 
HELX_P HELX_P4 AA4 ILE A 83  ? THR A 90  ? ILE A 59  THR A 66  1 ? 8  
HELX_P HELX_P5 AA5 LYS A 93  ? ARG A 107 ? LYS A 69  ARG A 83  1 ? 15 
HELX_P HELX_P6 AA6 THR A 127 ? GLU A 150 ? THR A 103 GLU A 126 1 ? 24 
HELX_P HELX_P7 AA7 PHE A 152 ? VAL A 172 ? PHE A 128 VAL A 148 1 ? 21 
# 
_struct_conf_type.id          HELX_P 
_struct_conf_type.criteria    ? 
_struct_conf_type.reference   ? 
# 
_struct_sheet.id               AA1 
_struct_sheet.type             ? 
_struct_sheet.number_strands   3 
_struct_sheet.details          ? 
# 
loop_
_struct_sheet_order.sheet_id 
_struct_sheet_order.range_id_1 
_struct_sheet_order.range_id_2 
_struct_sheet_order.offset 
_struct_sheet_order.sense 
AA1 1 2 ? anti-parallel 
AA1 2 3 ? anti-parallel 
# 
loop_
_struct_sheet_range.sheet_id 
_struct_sheet_range.id 
_struct_sheet_range.beg_label_comp_id 
_struct_sheet_range.beg_label_asym_id 
_struct_sheet_range.beg_label_seq_id 
_struct_sheet_range.pdbx_beg_PDB_ins_code 
_struct_sheet_range.end_label_comp_id 
_struct_sheet_range.end_label_asym_id 
_struct_sheet_range.end_label_seq_id 
_struct_sheet_range.pdbx_end_PDB_ins_code 
_struct_sheet_range.beg_auth_comp_id 
_struct_sheet_range.beg_auth_asym_id 
_struct_sheet_range.beg_auth_seq_id 
_struct_sheet_range.end_auth_comp_id 
_struct_sheet_range.end_auth_asym_id 
_struct_sheet_range.end_auth_seq_id 
AA1 1 ILE A 81  ? SER A 82  ? ILE A 57 SER A 58  
AA1 2 THR A 122 ? ILE A 126 ? THR A 98 ILE A 102 
AA1 3 VAL A 110 ? PRO A 114 ? VAL A 86 PRO A 90  
# 
loop_
_pdbx_struct_sheet_hbond.sheet_id 
_pdbx_struct_sheet_hbond.range_id_1 
_pdbx_struct_sheet_hbond.range_id_2 
_pdbx_struct_sheet_hbond.range_1_label_atom_id 
_pdbx_struct_sheet_hbond.range_1_label_comp_id 
_pdbx_struct_sheet_hbond.range_1_label_asym_id 
_pdbx_struct_sheet_hbond.range_1_label_seq_id 
_pdbx_struct_sheet_hbond.range_1_PDB_ins_code 
_pdbx_struct_sheet_hbond.range_1_auth_atom_id 
_pdbx_struct_sheet_hbond.range_1_auth_comp_id 
_pdbx_struct_sheet_hbond.range_1_auth_asym_id 
_pdbx_struct_sheet_hbond.range_1_auth_seq_id 
_pdbx_struct_sheet_hbond.range_2_label_atom_id 
_pdbx_struct_sheet_hbond.range_2_label_comp_id 
_pdbx_struct_sheet_hbond.range_2_label_asym_id 
_pdbx_struct_sheet_hbond.range_2_label_seq_id 
_pdbx_struct_sheet_hbond.range_2_PDB_ins_code 
_pdbx_struct_sheet_hbond.range_2_auth_atom_id 
_pdbx_struct_sheet_hbond.range_2_auth_comp_id 
_pdbx_struct_sheet_hbond.range_2_auth_asym_id 
_pdbx_struct_sheet_hbond.range_2_auth_seq_id 
AA1 1 2 N ILE A 81  ? N ILE A 57 O VAL A 124 ? O VAL A 100 
AA1 2 3 O LEU A 123 ? O LEU A 99 N LEU A 113 ? N LEU A 89  
# 
loop_
_struct_site.id 
_struct_site.pdbx_evidence_code 
_struct_site.pdbx_auth_asym_id 
_struct_site.pdbx_auth_comp_id 
_struct_site.pdbx_auth_seq_id 
_struct_site.pdbx_auth_ins_code 
_struct_site.pdbx_num_residues 
_struct_site.details 
AC1 Software A ICO 201 ? 10 'binding site for residue ICO A 201' 
AC2 Software A SO4 202 ? 10 'binding site for residue SO4 A 202' 
# 
loop_
_struct_site_gen.id 
_struct_site_gen.site_id 
_struct_site_gen.pdbx_num_res 
_struct_site_gen.label_comp_id 
_struct_site_gen.label_asym_id 
_struct_site_gen.label_seq_id 
_struct_site_gen.pdbx_auth_ins_code 
_struct_site_gen.auth_comp_id 
_struct_site_gen.auth_asym_id 
_struct_site_gen.auth_seq_id 
_struct_site_gen.label_atom_id 
_struct_site_gen.label_alt_id 
_struct_site_gen.symmetry 
_struct_site_gen.details 
1  AC1 10 VAL A 36  ? VAL A 12  . ? 2_565  ? 
2  AC1 10 TYR A 39  ? TYR A 15  . ? 2_565  ? 
3  AC1 10 ALA A 42  ? ALA A 18  . ? 2_565  ? 
4  AC1 10 ALA A 45  ? ALA A 21  . ? 2_565  ? 
5  AC1 10 SER A 52  ? SER A 28  . ? 1_555  ? 
6  AC1 10 HIS A 56  ? HIS A 32  . ? 1_555  ? 
7  AC1 10 ARG A 70  ? ARG A 46  . ? 1_555  ? 
8  AC1 10 SER A 74  ? SER A 50  . ? 1_555  ? 
9  AC1 10 VAL A 89  ? VAL A 65  . ? 1_555  ? 
10 AC1 10 HOH D .   ? HOH A 345 . ? 1_555  ? 
11 AC2 10 ARG A 125 ? ARG A 101 . ? 1_555  ? 
12 AC2 10 ARG A 125 ? ARG A 101 . ? 14_555 ? 
13 AC2 10 THR A 127 ? THR A 103 . ? 14_555 ? 
14 AC2 10 THR A 127 ? THR A 103 . ? 1_555  ? 
15 AC2 10 ARG A 128 ? ARG A 104 . ? 1_555  ? 
16 AC2 10 ARG A 128 ? ARG A 104 . ? 14_555 ? 
17 AC2 10 HOH D .   ? HOH A 305 . ? 14_555 ? 
18 AC2 10 HOH D .   ? HOH A 305 . ? 1_555  ? 
19 AC2 10 HOH D .   ? HOH A 369 . ? 14_555 ? 
20 AC2 10 HOH D .   ? HOH A 369 . ? 1_555  ? 
# 
_atom_sites.entry_id                    7KFQ 
_atom_sites.Cartn_transf_matrix[1][1]   ? 
_atom_sites.Cartn_transf_matrix[1][2]   ? 
_atom_sites.Cartn_transf_matrix[1][3]   ? 
_atom_sites.Cartn_transf_matrix[2][1]   ? 
_atom_sites.Cartn_transf_matrix[2][2]   ? 
_atom_sites.Cartn_transf_matrix[2][3]   ? 
_atom_sites.Cartn_transf_matrix[3][1]   ? 
_atom_sites.Cartn_transf_matrix[3][2]   ? 
_atom_sites.Cartn_transf_matrix[3][3]   ? 
_atom_sites.Cartn_transf_vector[1]      ? 
_atom_sites.Cartn_transf_vector[2]      ? 
_atom_sites.Cartn_transf_vector[3]      ? 
_atom_sites.fract_transf_matrix[1][1]   -0.00191131 
_atom_sites.fract_transf_matrix[1][2]   -0.01504772 
_atom_sites.fract_transf_matrix[1][3]   -0.01021407 
_atom_sites.fract_transf_matrix[2][1]   0.00855710 
_atom_sites.fract_transf_matrix[2][2]   -0.00164044 
_atom_sites.fract_transf_matrix[2][3]   0.00081550 
_atom_sites.fract_transf_matrix[3][1]   -0.00157859 
_atom_sites.fract_transf_matrix[3][2]   -0.00466853 
_atom_sites.fract_transf_matrix[3][3]   0.00717322 
_atom_sites.fract_transf_vector[1]      0.084617 
_atom_sites.fract_transf_vector[2]      0.409217 
_atom_sites.fract_transf_vector[3]      0.374227 
_atom_sites.solution_primary            ? 
_atom_sites.solution_secondary          ? 
_atom_sites.solution_hydrogens          ? 
_atom_sites.special_details             ? 
# 
loop_
_atom_type.symbol 
_atom_type.scat_dispersion_real 
_atom_type.scat_dispersion_imag 
_atom_type.scat_Cromer_Mann_a1 
_atom_type.scat_Cromer_Mann_a2 
_atom_type.scat_Cromer_Mann_a3 
_atom_type.scat_Cromer_Mann_a4 
_atom_type.scat_Cromer_Mann_b1 
_atom_type.scat_Cromer_Mann_b2 
_atom_type.scat_Cromer_Mann_b3 
_atom_type.scat_Cromer_Mann_b4 
_atom_type.scat_Cromer_Mann_c 
_atom_type.scat_source 
_atom_type.scat_dispersion_source 
C ? ? 3.54356 2.42580 ? ? 25.62398 1.50364  ? ? 0.0 
;2-Gaussian fit: Grosse-Kunstleve RW, Sauter NK, Adams PD: Newsletter of the IUCr Commission on Crystallographic Computing 2004, 3, 22-31.
;
? 
H ? ? 0.51345 0.48472 ? ? 24.73122 6.32584  ? ? 0.0 
;2-Gaussian fit: Grosse-Kunstleve RW, Sauter NK, Adams PD: Newsletter of the IUCr Commission on Crystallographic Computing 2004, 3, 22-31.
;
? 
N ? ? 4.01032 2.96436 ? ? 19.97189 1.75589  ? ? 0.0 
;2-Gaussian fit: Grosse-Kunstleve RW, Sauter NK, Adams PD: Newsletter of the IUCr Commission on Crystallographic Computing 2004, 3, 22-31.
;
? 
O ? ? 4.49882 3.47563 ? ? 15.80542 1.70748  ? ? 0.0 
;2-Gaussian fit: Grosse-Kunstleve RW, Sauter NK, Adams PD: Newsletter of the IUCr Commission on Crystallographic Computing 2004, 3, 22-31.
;
? 
S ? ? 9.55732 6.39887 ? ? 1.23737  29.19336 ? ? 0.0 
;2-Gaussian fit: Grosse-Kunstleve RW, Sauter NK, Adams PD: Newsletter of the IUCr Commission on Crystallographic Computing 2004, 3, 22-31.
;
? 
# 
loop_
_atom_site.group_PDB 
_atom_site.id 
_atom_site.type_symbol 
_atom_site.label_atom_id 
_atom_site.label_alt_id 
_atom_site.label_comp_id 
_atom_site.label_asym_id 
_atom_site.label_entity_id 
_atom_site.label_seq_id 
_atom_site.pdbx_PDB_ins_code 
_atom_site.Cartn_x 
_atom_site.Cartn_y 
_atom_site.Cartn_z 
_atom_site.occupancy 
_atom_site.B_iso_or_equiv 
_atom_site.pdbx_formal_charge 
_atom_site.auth_seq_id 
_atom_site.auth_comp_id 
_atom_site.auth_asym_id 
_atom_site.auth_atom_id 
_atom_site.pdbx_PDB_model_num 
ATOM   1    N N   . HIS A 1 33  ? 31.36098  14.44297  2.65119   1.000 64.57382  ? 9   HIS A N   1 
ATOM   2    C CA  . HIS A 1 33  ? 30.85059  13.13807  2.15186   1.000 70.97964  ? 9   HIS A CA  1 
ATOM   3    C C   . HIS A 1 33  ? 30.93014  12.01822  3.18521   1.000 67.10971  ? 9   HIS A C   1 
ATOM   4    O O   . HIS A 1 33  ? 32.02289  11.52899  3.46156   1.000 76.19771  ? 9   HIS A O   1 
ATOM   5    C CB  . HIS A 1 33  ? 31.69402  12.55614  1.02695   1.000 70.23805  ? 9   HIS A CB  1 
ATOM   6    C CG  . HIS A 1 33  ? 31.23550  11.18243  0.66047   1.000 80.55127  ? 9   HIS A CG  1 
ATOM   7    N ND1 . HIS A 1 33  ? 31.54652  10.07268  1.38856   1.000 78.19372  ? 9   HIS A ND1 1 
ATOM   8    C CD2 . HIS A 1 33  ? 30.48480  10.74467  -0.36958  1.000 76.28585  ? 9   HIS A CD2 1 
ATOM   9    C CE1 . HIS A 1 33  ? 31.02433  9.00859   0.82133   1.000 62.99132  ? 9   HIS A CE1 1 
ATOM   10   N NE2 . HIS A 1 33  ? 30.34222  9.39712   -0.23215  1.000 63.53217  ? 9   HIS A NE2 1 
ATOM   11   N N   . ARG A 1 34  ? 29.80107  11.62494  3.71448   1.000 45.77783  ? 10  ARG A N   1 
ATOM   12   C CA  . ARG A 1 34  ? 29.71848  10.42427  4.55885   1.000 42.75354  ? 10  ARG A CA  1 
ATOM   13   C C   . ARG A 1 34  ? 29.03893  9.35861   3.69754   1.000 26.46640  ? 10  ARG A C   1 
ATOM   14   O O   . ARG A 1 34  ? 28.24334  9.70002   2.92449   1.000 28.25165  ? 10  ARG A O   1 
ATOM   15   C CB  . ARG A 1 34  ? 28.73913  10.71853  5.67287   1.000 39.33196  ? 10  ARG A CB  1 
ATOM   16   C CG  . ARG A 1 34  ? 29.19979  11.79992  6.62000   1.000 53.26781  ? 10  ARG A CG  1 
ATOM   17   C CD  . ARG A 1 34  ? 28.20755  11.58060  7.71603   1.000 54.12674  ? 10  ARG A CD  1 
ATOM   18   N NE  . ARG A 1 34  ? 27.02312  12.30376  7.34852   1.000 54.02628  ? 10  ARG A NE  1 
ATOM   19   C CZ  . ARG A 1 34  ? 26.45028  13.17635  8.12885   1.000 62.93311  ? 10  ARG A CZ  1 
ATOM   20   N NH1 . ARG A 1 34  ? 26.97546  13.42336  9.30665   1.000 62.46692  ? 10  ARG A NH1 1 
ATOM   21   N NH2 . ARG A 1 34  ? 25.37445  13.81623  7.74196   1.000 66.74694  ? 10  ARG A NH2 1 
ATOM   22   N N   . PHE A 1 35  ? 29.36643  8.10343   3.90633   1.000 30.17072  ? 11  PHE A N   1 
ATOM   23   C CA  . PHE A 1 35  ? 28.74574  7.01325   3.11846   1.000 28.20541  ? 11  PHE A CA  1 
ATOM   24   C C   . PHE A 1 35  ? 27.21784  7.08690   3.13832   1.000 23.38261  ? 11  PHE A C   1 
ATOM   25   O O   . PHE A 1 35  ? 26.64025  7.00988   2.12272   1.000 25.20613  ? 11  PHE A O   1 
ATOM   26   C CB  . PHE A 1 35  ? 29.13452  5.67299   3.72578   1.000 29.92812  ? 11  PHE A CB  1 
ATOM   27   C CG  . PHE A 1 35  ? 28.38526  4.48285   3.19518   1.000 28.41770  ? 11  PHE A CG  1 
ATOM   28   C CD1 . PHE A 1 35  ? 28.72760  3.88982   2.00494   1.000 28.20682  ? 11  PHE A CD1 1 
ATOM   29   C CD2 . PHE A 1 35  ? 27.32813  3.96410   3.89764   1.000 24.65301  ? 11  PHE A CD2 1 
ATOM   30   C CE1 . PHE A 1 35  ? 28.04973  2.78409   1.53893   1.000 27.87125  ? 11  PHE A CE1 1 
ATOM   31   C CE2 . PHE A 1 35  ? 26.64683  2.86360   3.42457   1.000 22.71541  ? 11  PHE A CE2 1 
ATOM   32   C CZ  . PHE A 1 35  ? 27.01201  2.27965   2.24891   1.000 25.33171  ? 11  PHE A CZ  1 
ATOM   33   N N   . VAL A 1 36  ? 26.63013  7.35439   4.28471   1.000 21.05539  ? 12  VAL A N   1 
ATOM   34   C CA  . VAL A 1 36  ? 25.17729  7.24811   4.35686   1.000 21.26942  ? 12  VAL A CA  1 
ATOM   35   C C   . VAL A 1 36  ? 24.46839  8.39027   3.64116   1.000 21.27198  ? 12  VAL A C   1 
ATOM   36   O O   . VAL A 1 36  ? 23.28471  8.26181   3.29100   1.000 21.24319  ? 12  VAL A O   1 
ATOM   37   C CB  . VAL A 1 36  ? 24.74303  7.10970   5.82368   1.000 20.00813  ? 12  VAL A CB  1 
ATOM   38   C CG1 . VAL A 1 36  ? 24.83069  8.43725   6.53348   1.000 22.17162  ? 12  VAL A CG1 1 
ATOM   39   C CG2 . VAL A 1 36  ? 23.33290  6.53108   5.89263   1.000 21.17822  ? 12  VAL A CG2 1 
ATOM   40   N N   . ASP A 1 37  ? 25.15690  9.50316   3.38743   1.000 21.33330  ? 13  ASP A N   1 
ATOM   41   C CA  . ASP A 1 37  ? 24.47908  10.67727  2.84981   1.000 23.44376  ? 13  ASP A CA  1 
ATOM   42   C C   . ASP A 1 37  ? 23.89559  10.42969  1.46712   1.000 21.74485  ? 13  ASP A C   1 
ATOM   43   O O   . ASP A 1 37  ? 22.86883  11.02120  1.12263   1.000 23.72987  ? 13  ASP A O   1 
ATOM   44   C CB  . ASP A 1 37  ? 25.42988  11.87772  2.79935   1.000 25.28282  ? 13  ASP A CB  1 
ATOM   45   C CG  . ASP A 1 37  ? 25.69062  12.48325  4.16806   1.000 39.61283  ? 13  ASP A CG  1 
ATOM   46   O OD1 . ASP A 1 37  ? 24.84171  12.33571  5.07421   1.000 36.59882  ? 13  ASP A OD1 1 
ATOM   47   O OD2 . ASP A 1 37  ? 26.74974  13.12317  4.33230   1.000 39.24746  ? 13  ASP A OD2 1 
ATOM   48   N N   A ASP A 1 38  ? 24.53717  9.58230   0.66007   0.524 21.98233  ? 14  ASP A N   1 
ATOM   49   N N   B ASP A 1 38  ? 24.51134  9.56493   0.66007   0.476 21.97096  ? 14  ASP A N   1 
ATOM   50   C CA  A ASP A 1 38  ? 24.06617  9.32150   -0.69554  0.524 23.19452  ? 14  ASP A CA  1 
ATOM   51   C CA  B ASP A 1 38  ? 24.02880  9.33827   -0.69892  0.476 23.25600  ? 14  ASP A CA  1 
ATOM   52   C C   A ASP A 1 38  ? 24.00268  7.82632   -0.98742  0.524 22.29112  ? 14  ASP A C   1 
ATOM   53   C C   B ASP A 1 38  ? 23.68221  7.87986   -0.98306  0.476 21.72817  ? 14  ASP A C   1 
ATOM   54   O O   A ASP A 1 38  ? 24.20794  7.39715   -2.12666  0.524 24.13975  ? 14  ASP A O   1 
ATOM   55   O O   B ASP A 1 38  ? 23.36559  7.54138   -2.12959  0.476 18.90639  ? 14  ASP A O   1 
ATOM   56   C CB  A ASP A 1 38  ? 24.91063  10.05656  -1.73595  0.524 28.03087  ? 14  ASP A CB  1 
ATOM   57   C CB  B ASP A 1 38  ? 25.03303  9.86061   -1.72977  0.476 27.87124  ? 14  ASP A CB  1 
ATOM   58   C CG  A ASP A 1 38  ? 26.37193  9.67704   -1.67228  0.524 32.56285  ? 14  ASP A CG  1 
ATOM   59   C CG  B ASP A 1 38  ? 26.10098  8.84853   -2.06245  0.476 30.82709  ? 14  ASP A CG  1 
ATOM   60   O OD1 A ASP A 1 38  ? 26.86136  9.37205   -0.56437  0.524 34.61813  ? 14  ASP A OD1 1 
ATOM   61   O OD1 B ASP A 1 38  ? 26.75401  8.34107   -1.12552  0.476 34.32232  ? 14  ASP A OD1 1 
ATOM   62   O OD2 A ASP A 1 38  ? 27.03437  9.68715   -2.73318  0.524 44.70722  ? 14  ASP A OD2 1 
ATOM   63   O OD2 B ASP A 1 38  ? 26.28373  8.55402   -3.26337  0.476 42.20058  ? 14  ASP A OD2 1 
ATOM   64   N N   . TYR A 1 39  ? 23.71846  7.02059   0.03078   1.000 18.85477  ? 15  TYR A N   1 
ATOM   65   C CA  . TYR A 1 39  ? 23.54630  5.58232   -0.15454  1.000 18.52372  ? 15  TYR A CA  1 
ATOM   66   C C   . TYR A 1 39  ? 22.07260  5.28790   -0.43510  1.000 17.74777  ? 15  TYR A C   1 
ATOM   67   O O   . TYR A 1 39  ? 21.20303  5.55621   0.40836   1.000 17.34975  ? 15  TYR A O   1 
ATOM   68   C CB  . TYR A 1 39  ? 24.03131  4.86587   1.10561   1.000 17.84947  ? 15  TYR A CB  1 
ATOM   69   C CG  . TYR A 1 39  ? 23.87137  3.36778   1.09029   1.000 16.53800  ? 15  TYR A CG  1 
ATOM   70   C CD1 . TYR A 1 39  ? 24.35410  2.59921   0.03751   1.000 17.15270  ? 15  TYR A CD1 1 
ATOM   71   C CD2 . TYR A 1 39  ? 23.22612  2.71381   2.13510   1.000 18.05233  ? 15  TYR A CD2 1 
ATOM   72   C CE1 . TYR A 1 39  ? 24.19559  1.22705   0.02439   1.000 17.93420  ? 15  TYR A CE1 1 
ATOM   73   C CE2 . TYR A 1 39  ? 23.08394  1.34942   2.13791   1.000 17.11386  ? 15  TYR A CE2 1 
ATOM   74   C CZ  . TYR A 1 39  ? 23.54810  0.60448   1.08065   1.000 15.85991  ? 15  TYR A CZ  1 
ATOM   75   O OH  . TYR A 1 39  ? 23.36922  -0.74736  1.09690   1.000 17.66418  ? 15  TYR A OH  1 
ATOM   76   N N   . LEU A 1 40  ? 21.79380  4.75221   -1.62401  1.000 18.41307  ? 16  LEU A N   1 
ATOM   77   C CA  . LEU A 1 40  ? 20.41349  4.62211   -2.09252  1.000 17.72742  ? 16  LEU A CA  1 
ATOM   78   C C   . LEU A 1 40  ? 19.48009  3.93607   -1.10409  1.000 16.23529  ? 16  LEU A C   1 
ATOM   79   O O   . LEU A 1 40  ? 18.37877  4.46376   -0.88049  1.000 15.76364  ? 16  LEU A O   1 
ATOM   80   C CB  . LEU A 1 40  ? 20.35934  3.96910   -3.48184  1.000 20.23223  ? 16  LEU A CB  1 
ATOM   81   C CG  . LEU A 1 40  ? 18.93991  3.77252   -4.02771  1.000 19.15936  ? 16  LEU A CG  1 
ATOM   82   C CD1 . LEU A 1 40  ? 18.26854  5.09721   -4.40524  1.000 22.65559  ? 16  LEU A CD1 1 
ATOM   83   C CD2 . LEU A 1 40  ? 18.95212  2.80501   -5.20067  1.000 23.92273  ? 16  LEU A CD2 1 
ATOM   84   N N   . PRO A 1 41  ? 19.80754  2.77016   -0.53268  1.000 15.77227  ? 17  PRO A N   1 
ATOM   85   C CA  . PRO A 1 41  ? 18.84984  2.13080   0.38614   1.000 16.48237  ? 17  PRO A CA  1 
ATOM   86   C C   . PRO A 1 41  ? 18.52942  3.01046   1.57969   1.000 15.46386  ? 17  PRO A C   1 
ATOM   87   O O   . PRO A 1 41  ? 17.38827  3.06097   2.05542   1.000 15.34863  ? 17  PRO A O   1 
ATOM   88   C CB  . PRO A 1 41  ? 19.54090  0.80326   0.75524   1.000 18.14130  ? 17  PRO A CB  1 
ATOM   89   C CG  . PRO A 1 41  ? 20.48321  0.55186   -0.42034  1.000 20.33078  ? 17  PRO A CG  1 
ATOM   90   C CD  . PRO A 1 41  ? 20.97901  1.91346   -0.80211  1.000 18.16374  ? 17  PRO A CD  1 
ATOM   91   N N   . ALA A 1 42  ? 19.52992  3.74200   2.08185   1.000 16.29278  ? 18  ALA A N   1 
ATOM   92   C CA  . ALA A 1 42  ? 19.25496  4.64526   3.18915   1.000 14.31303  ? 18  ALA A CA  1 
ATOM   93   C C   . ALA A 1 42  ? 18.33742  5.78582   2.76014   1.000 15.50361  ? 18  ALA A C   1 
ATOM   94   O O   . ALA A 1 42  ? 17.43041  6.17438   3.50862   1.000 15.12716  ? 18  ALA A O   1 
ATOM   95   C CB  . ALA A 1 42  ? 20.56393  5.16915   3.79269   1.000 17.10753  ? 18  ALA A CB  1 
ATOM   96   N N   . LEU A 1 43  ? 18.55445  6.33160   1.55917   1.000 15.28761  ? 19  LEU A N   1 
ATOM   97   C CA  . LEU A 1 43  ? 17.69774  7.41800   1.08040   1.000 15.00401  ? 19  LEU A CA  1 
ATOM   98   C C   . LEU A 1 43  ? 16.26189  6.95424   0.87752   1.000 14.73528  ? 19  LEU A C   1 
ATOM   99   O O   . LEU A 1 43  ? 15.31470  7.65200   1.26394   1.000 15.51882  ? 19  LEU A O   1 
ATOM   100  C CB  . LEU A 1 43  ? 18.25255  7.98142   -0.22766  1.000 17.31256  ? 19  LEU A CB  1 
ATOM   101  C CG  . LEU A 1 43  ? 19.62736  8.65786   -0.16914  1.000 19.54348  ? 19  LEU A CG  1 
ATOM   102  C CD1 . LEU A 1 43  ? 20.09380  9.00908   -1.57773  1.000 21.87328  ? 19  LEU A CD1 1 
ATOM   103  C CD2 . LEU A 1 43  ? 19.53980  9.90141   0.68644   1.000 22.10940  ? 19  LEU A CD2 1 
ATOM   104  N N   . LEU A 1 44  ? 16.08475  5.79631   0.23537   1.000 14.53395  ? 20  LEU A N   1 
ATOM   105  C CA  . LEU A 1 44  ? 14.73808  5.28010   0.01071   1.000 15.04875  ? 20  LEU A CA  1 
ATOM   106  C C   . LEU A 1 44  ? 14.04477  5.01494   1.33317   1.000 14.95644  ? 20  LEU A C   1 
ATOM   107  O O   . LEU A 1 44  ? 12.86037  5.33838   1.50263   1.000 15.91012  ? 20  LEU A O   1 
ATOM   108  C CB  . LEU A 1 44  ? 14.79806  3.98527   -0.79818  1.000 16.13900  ? 20  LEU A CB  1 
ATOM   109  C CG  . LEU A 1 44  ? 15.05284  4.10659   -2.30469  1.000 16.46503  ? 20  LEU A CG  1 
ATOM   110  C CD1 . LEU A 1 44  ? 15.37508  2.71032   -2.86103  1.000 17.72109  ? 20  LEU A CD1 1 
ATOM   111  C CD2 . LEU A 1 44  ? 13.87399  4.74808   -3.02381  1.000 17.48340  ? 20  LEU A CD2 1 
ATOM   112  N N   . ALA A 1 45  ? 14.76446  4.42232   2.29000   1.000 14.30280  ? 21  ALA A N   1 
ATOM   113  C CA  . ALA A 1 45  ? 14.13281  4.06230   3.54731   1.000 14.56646  ? 21  ALA A CA  1 
ATOM   114  C C   . ALA A 1 45  ? 13.70891  5.29444   4.32509   1.000 15.02725  ? 21  ALA A C   1 
ATOM   115  O O   . ALA A 1 45  ? 12.62779  5.31362   4.92346   1.000 14.66633  ? 21  ALA A O   1 
ATOM   116  C CB  . ALA A 1 45  ? 15.07487  3.18848   4.37371   1.000 16.26664  ? 21  ALA A CB  1 
ATOM   117  N N   . GLN A 1 46  ? 14.56079  6.33366   4.34448   1.000 14.13317  ? 22  GLN A N   1 
ATOM   118  C CA  . GLN A 1 46  ? 14.20028  7.54386   5.07826   1.000 13.77422  ? 22  GLN A CA  1 
ATOM   119  C C   . GLN A 1 46  ? 13.04441  8.27596   4.41831   1.000 14.22477  ? 22  GLN A C   1 
ATOM   120  O O   . GLN A 1 46  ? 12.10760  8.71960   5.09660   1.000 15.30260  ? 22  GLN A O   1 
ATOM   121  C CB  . GLN A 1 46  ? 15.40462  8.48045   5.17393   1.000 16.23113  ? 22  GLN A CB  1 
ATOM   122  C CG  . GLN A 1 46  ? 16.56877  7.96390   6.01966   1.000 16.01162  ? 22  GLN A CG  1 
ATOM   123  C CD  . GLN A 1 46  ? 17.80538  8.80693   5.80312   1.000 18.08534  ? 22  GLN A CD  1 
ATOM   124  O OE1 . GLN A 1 46  ? 18.74873  8.37699   5.12670   1.000 22.80106  ? 22  GLN A OE1 1 
ATOM   125  N NE2 . GLN A 1 46  ? 17.81302  10.00345  6.37000   1.000 18.68886  ? 22  GLN A NE2 1 
ATOM   126  N N   . ALA A 1 47  ? 13.10997  8.44953   3.09222   1.000 15.12979  ? 23  ALA A N   1 
ATOM   127  C CA  . ALA A 1 47  ? 12.00038  9.12911   2.42042   1.000 14.57819  ? 23  ALA A CA  1 
ATOM   128  C C   . ALA A 1 47  ? 10.69727  8.38506   2.65397   1.000 14.85010  ? 23  ALA A C   1 
ATOM   129  O O   . ALA A 1 47  ? 9.65361   8.99610   2.94452   1.000 15.49188  ? 23  ALA A O   1 
ATOM   130  C CB  . ALA A 1 47  ? 12.29294  9.25695   0.92766   1.000 17.85056  ? 23  ALA A CB  1 
ATOM   131  N N   . SER A 1 48  ? 10.74526  7.05496   2.54382   1.000 14.09654  ? 24  SER A N   1 
ATOM   132  C CA  . SER A 1 48  ? 9.53166   6.27282   2.71648   1.000 15.56324  ? 24  SER A CA  1 
ATOM   133  C C   . SER A 1 48  ? 9.00761   6.41761   4.13917   1.000 14.12499  ? 24  SER A C   1 
ATOM   134  O O   . SER A 1 48  ? 7.81745   6.66701   4.34895   1.000 14.63531  ? 24  SER A O   1 
ATOM   135  C CB  . SER A 1 48  ? 9.84795   4.81228   2.40454   1.000 15.63595  ? 24  SER A CB  1 
ATOM   136  O OG  . SER A 1 48  ? 8.70863   3.98756   2.63499   1.000 16.93677  ? 24  SER A OG  1 
ATOM   137  N N   . GLN A 1 49  ? 9.89295   6.28942   5.13989   1.000 14.84248  ? 25  GLN A N   1 
ATOM   138  C CA  . GLN A 1 49  ? 9.43755   6.37597   6.51916   1.000 15.27846  ? 25  GLN A CA  1 
ATOM   139  C C   . GLN A 1 49  ? 8.80160   7.72558   6.79653   1.000 15.52790  ? 25  GLN A C   1 
ATOM   140  O O   . GLN A 1 49  ? 7.73156   7.80270   7.40593   1.000 15.94328  ? 25  GLN A O   1 
ATOM   141  C CB  . GLN A 1 49  ? 10.61515  6.12210   7.46237   1.000 16.43227  ? 25  GLN A CB  1 
ATOM   142  C CG  . GLN A 1 49  ? 10.24778  6.19391   8.93998   1.000 18.44850  ? 25  GLN A CG  1 
ATOM   143  C CD  . GLN A 1 49  ? 10.32726  7.59839   9.50393   1.000 21.14263  ? 25  GLN A CD  1 
ATOM   144  O OE1 . GLN A 1 49  ? 11.32878  8.29626   9.32681   1.000 24.36360  ? 25  GLN A OE1 1 
ATOM   145  N NE2 . GLN A 1 49  ? 9.28999   8.00818   10.21329  1.000 25.27462  ? 25  GLN A NE2 1 
ATOM   146  N N   . LEU A 1 50  ? 9.42798   8.80960   6.33198   1.000 15.94661  ? 26  LEU A N   1 
ATOM   147  C CA  . LEU A 1 50  ? 8.91901   10.13186  6.68138   1.000 15.19837  ? 26  LEU A CA  1 
ATOM   148  C C   . LEU A 1 50  ? 7.57115   10.39861  6.01604   1.000 16.29730  ? 26  LEU A C   1 
ATOM   149  O O   . LEU A 1 50  ? 6.62077   10.87499  6.66654   1.000 17.79206  ? 26  LEU A O   1 
ATOM   150  C CB  . LEU A 1 50  ? 9.95623   11.20591  6.30683   1.000 17.22823  ? 26  LEU A CB  1 
ATOM   151  C CG  . LEU A 1 50  ? 11.26710  11.14553  7.08863   1.000 16.81491  ? 26  LEU A CG  1 
ATOM   152  C CD1 . LEU A 1 50  ? 12.34622  11.95115  6.35690   1.000 21.13447  ? 26  LEU A CD1 1 
ATOM   153  C CD2 . LEU A 1 50  ? 11.02451  11.68563  8.49932   1.000 21.35482  ? 26  LEU A CD2 1 
ATOM   154  N N   A ILE A 1 51  ? 7.46072   10.08432  4.71830   0.612 16.11527  ? 27  ILE A N   1 
ATOM   155  N N   B ILE A 1 51  ? 7.44410   10.09112  4.72393   0.388 16.41477  ? 27  ILE A N   1 
ATOM   156  C CA  A ILE A 1 51  ? 6.21326   10.34929  3.99382   0.612 15.91956  ? 27  ILE A CA  1 
ATOM   157  C CA  B ILE A 1 51  ? 6.17197   10.40685  4.07073   0.388 16.06226  ? 27  ILE A CA  1 
ATOM   158  C C   A ILE A 1 51  ? 5.07563   9.47728   4.52994   0.612 17.05537  ? 27  ILE A C   1 
ATOM   159  C C   B ILE A 1 51  ? 5.05221   9.47986   4.55559   0.388 17.19448  ? 27  ILE A C   1 
ATOM   160  O O   A ILE A 1 51  ? 3.94391   9.94533   4.78085   0.612 18.13725  ? 27  ILE A O   1 
ATOM   161  O O   B ILE A 1 51  ? 3.90959   9.91773   4.81720   0.388 18.30655  ? 27  ILE A O   1 
ATOM   162  C CB  A ILE A 1 51  ? 6.44268   10.13011  2.48700   0.612 16.31602  ? 27  ILE A CB  1 
ATOM   163  C CB  B ILE A 1 51  ? 6.33794   10.41172  2.54289   0.388 17.05101  ? 27  ILE A CB  1 
ATOM   164  C CG1 A ILE A 1 51  ? 7.44870   11.14874  1.94212   0.612 18.73862  ? 27  ILE A CG1 1 
ATOM   165  C CG1 B ILE A 1 51  ? 7.35097   11.48503  2.13099   0.388 17.51304  ? 27  ILE A CG1 1 
ATOM   166  C CG2 A ILE A 1 51  ? 5.13282   10.19502  1.71444   0.612 17.90187  ? 27  ILE A CG2 1 
ATOM   167  C CG2 B ILE A 1 51  ? 4.99738   10.64667  1.86574   0.388 18.27950  ? 27  ILE A CG2 1 
ATOM   168  C CD1 A ILE A 1 51  ? 7.14271   12.56482  2.34628   0.612 17.21398  ? 27  ILE A CD1 1 
ATOM   169  C CD1 B ILE A 1 51  ? 7.83756   11.34084  0.71622   0.388 20.15261  ? 27  ILE A CD1 1 
ATOM   170  N N   . SER A 1 52  ? 5.35460   8.18681   4.69417   1.000 15.68879  ? 28  SER A N   1 
ATOM   171  C CA  . SER A 1 52  ? 4.35123   7.26740   5.19622   1.000 17.42911  ? 28  SER A CA  1 
ATOM   172  C C   . SER A 1 52  ? 3.92357   7.65937   6.59838   1.000 16.98680  ? 28  SER A C   1 
ATOM   173  O O   . SER A 1 52  ? 2.73142   7.60617   6.91774   1.000 17.87658  ? 28  SER A O   1 
ATOM   174  C CB  . SER A 1 52  ? 4.93160   5.86126   5.20590   1.000 17.84295  ? 28  SER A CB  1 
ATOM   175  O OG  . SER A 1 52  ? 4.83412   5.29773   3.90411   1.000 19.16405  ? 28  SER A OG  1 
ATOM   176  N N   . SER A 1 53  ? 4.86389   8.05427   7.46271   1.000 17.37104  ? 29  SER A N   1 
ATOM   177  C CA  . SER A 1 53  ? 4.48782   8.39402   8.83009   1.000 17.17520  ? 29  SER A CA  1 
ATOM   178  C C   . SER A 1 53  ? 3.49359   9.54658   8.85427   1.000 17.37703  ? 29  SER A C   1 
ATOM   179  O O   . SER A 1 53  ? 2.53686   9.54417   9.64917   1.000 17.88239  ? 29  SER A O   1 
ATOM   180  C CB  . SER A 1 53  ? 5.73135   8.71667   9.65103   1.000 21.26802  ? 29  SER A CB  1 
ATOM   181  O OG  . SER A 1 53  ? 6.41304   7.51697   9.96781   1.000 28.10140  ? 29  SER A OG  1 
ATOM   182  N N   . GLU A 1 54  ? 3.69847   10.53351  7.98143   1.000 16.13738  ? 30  GLU A N   1 
ATOM   183  C CA  . GLU A 1 54  ? 2.74744   11.63618  7.91348   1.000 19.54156  ? 30  GLU A CA  1 
ATOM   184  C C   . GLU A 1 54  ? 1.35231   11.12137  7.60991   1.000 17.26687  ? 30  GLU A C   1 
ATOM   185  O O   . GLU A 1 54  ? 0.37975   11.49875  8.28330   1.000 19.85267  ? 30  GLU A O   1 
ATOM   186  C CB  . GLU A 1 54  ? 3.16866   12.61877  6.82214   1.000 18.75404  ? 30  GLU A CB  1 
ATOM   187  C CG  . GLU A 1 54  ? 4.40935   13.40626  7.19155   1.000 18.19652  ? 30  GLU A CG  1 
ATOM   188  C CD  . GLU A 1 54  ? 4.80529   14.40133  6.13310   1.000 22.91047  ? 30  GLU A CD  1 
ATOM   189  O OE1 . GLU A 1 54  ? 4.12310   14.52776  5.08979   1.000 22.46063  ? 30  GLU A OE1 1 
ATOM   190  O OE2 . GLU A 1 54  ? 5.82707   15.06789  6.36713   1.000 22.62007  ? 30  GLU A OE2 1 
ATOM   191  N N   . PHE A 1 55  ? 1.21942   10.29758  6.55315   1.000 17.44986  ? 31  PHE A N   1 
ATOM   192  C CA  . PHE A 1 55  ? -0.16431  9.87195   6.26644   1.000 17.30210  ? 31  PHE A CA  1 
ATOM   193  C C   . PHE A 1 55  ? -0.72147  8.86762   7.28097   1.000 16.02316  ? 31  PHE A C   1 
ATOM   194  O O   . PHE A 1 55  ? -1.94596  8.82961   7.53030   1.000 17.20101  ? 31  PHE A O   1 
ATOM   195  C CB  . PHE A 1 55  ? -0.40407  9.38086   4.84338   1.000 17.51600  ? 31  PHE A CB  1 
ATOM   196  C CG  . PHE A 1 55  ? -1.86487  9.35873   4.52449   1.000 17.57470  ? 31  PHE A CG  1 
ATOM   197  C CD1 . PHE A 1 55  ? -2.53211  10.56170  4.34163   1.000 18.54327  ? 31  PHE A CD1 1 
ATOM   198  C CD2 . PHE A 1 55  ? -2.59646  8.17327   4.52617   1.000 19.12871  ? 31  PHE A CD2 1 
ATOM   199  C CE1 . PHE A 1 55  ? -3.90450  10.60092  4.13065   1.000 19.45791  ? 31  PHE A CE1 1 
ATOM   200  C CE2 . PHE A 1 55  ? -3.98725  8.19040   4.30284   1.000 18.65217  ? 31  PHE A CE2 1 
ATOM   201  C CZ  . PHE A 1 55  ? -4.62992  9.41113   4.10175   1.000 19.28707  ? 31  PHE A CZ  1 
ATOM   202  N N   . HIS A 1 56  ? 0.13199   8.04221   7.86822   1.000 17.07263  ? 32  HIS A N   1 
ATOM   203  C CA  . HIS A 1 56  ? -0.37134  7.05643   8.80596   1.000 16.73075  ? 32  HIS A CA  1 
ATOM   204  C C   . HIS A 1 56  ? -0.99282  7.73285   10.01330  1.000 18.59412  ? 32  HIS A C   1 
ATOM   205  O O   . HIS A 1 56  ? -1.93306  7.19179   10.60321  1.000 18.70692  ? 32  HIS A O   1 
ATOM   206  C CB  . HIS A 1 56  ? 0.75213   6.10105   9.19576   1.000 17.58562  ? 32  HIS A CB  1 
ATOM   207  C CG  . HIS A 1 56  ? 1.23656   5.24917   8.06488   1.000 16.57755  ? 32  HIS A CG  1 
ATOM   208  N ND1 . HIS A 1 56  ? 2.31076   4.39846   8.18438   1.000 18.96583  ? 32  HIS A ND1 1 
ATOM   209  C CD2 . HIS A 1 56  ? 0.81561   5.15136   6.78025   1.000 18.43443  ? 32  HIS A CD2 1 
ATOM   210  C CE1 . HIS A 1 56  ? 2.52544   3.80104   7.02629   1.000 19.01898  ? 32  HIS A CE1 1 
ATOM   211  N NE2 . HIS A 1 56  ? 1.63417   4.24081   6.15667   1.000 18.74437  ? 32  HIS A NE2 1 
ATOM   212  N N   . GLU A 1 57  ? -0.48785  8.92003   10.38629  1.000 19.52344  ? 33  GLU A N   1 
ATOM   213  C CA  . GLU A 1 57  ? -1.13902  9.67235   11.45694  1.000 18.55650  ? 33  GLU A CA  1 
ATOM   214  C C   . GLU A 1 57  ? -2.58567  10.02172  11.09298  1.000 18.71724  ? 33  GLU A C   1 
ATOM   215  O O   . GLU A 1 57  ? -3.49310  9.89099   11.92804  1.000 20.35634  ? 33  GLU A O   1 
ATOM   216  C CB  . GLU A 1 57  ? -0.30486  10.91598  11.77290  1.000 22.43570  ? 33  GLU A CB  1 
ATOM   217  C CG  . GLU A 1 57  ? -0.90819  11.82936  12.81573  1.000 24.99216  ? 33  GLU A CG  1 
ATOM   218  C CD  . GLU A 1 57  ? -0.86620  11.25519  14.21415  1.000 44.07419  ? 33  GLU A CD  1 
ATOM   219  O OE1 . GLU A 1 57  ? -0.07826  10.31387  14.46163  1.000 39.53028  ? 33  GLU A OE1 1 
ATOM   220  O OE2 . GLU A 1 57  ? -1.62135  11.75989  15.07286  1.000 44.68568  ? 33  GLU A OE2 1 
ATOM   221  N N   . VAL A 1 58  ? -2.82078  10.44863  9.84739   1.000 19.13880  ? 34  VAL A N   1 
ATOM   222  C CA  . VAL A 1 58  ? -4.18155  10.73267  9.38459   1.000 18.85088  ? 34  VAL A CA  1 
ATOM   223  C C   . VAL A 1 58  ? -5.04310  9.47027   9.43620   1.000 19.61389  ? 34  VAL A C   1 
ATOM   224  O O   . VAL A 1 58  ? -6.20170  9.49377   9.89051   1.000 20.50356  ? 34  VAL A O   1 
ATOM   225  C CB  . VAL A 1 58  ? -4.14794  11.34054  7.96892   1.000 19.32309  ? 34  VAL A CB  1 
ATOM   226  C CG1 . VAL A 1 58  ? -5.54973  11.59049  7.44942   1.000 20.77390  ? 34  VAL A CG1 1 
ATOM   227  C CG2 . VAL A 1 58  ? -3.32132  12.61923  7.95176   1.000 21.40348  ? 34  VAL A CG2 1 
ATOM   228  N N   . ALA A 1 59  ? -4.49931  8.35109   8.94760   1.000 19.06788  ? 35  ALA A N   1 
ATOM   229  C CA  . ALA A 1 59  ? -5.25934  7.10356   8.95115   1.000 17.49274  ? 35  ALA A CA  1 
ATOM   230  C C   . ALA A 1 59  ? -5.70218  6.73849   10.36320  1.000 18.22277  ? 35  ALA A C   1 
ATOM   231  O O   . ALA A 1 59  ? -6.87604  6.39483   10.58247  1.000 18.92671  ? 35  ALA A O   1 
ATOM   232  C CB  . ALA A 1 59  ? -4.43620  5.97244   8.32941   1.000 17.98341  ? 35  ALA A CB  1 
ATOM   233  N N   . ARG A 1 60  ? -4.78502  6.83230   11.33706  1.000 17.80520  ? 36  ARG A N   1 
ATOM   234  C CA  . ARG A 1 60  ? -5.14934  6.48953   12.71053  1.000 19.49345  ? 36  ARG A CA  1 
ATOM   235  C C   . ARG A 1 60  ? -6.18311  7.46005   13.26633  1.000 21.26041  ? 36  ARG A C   1 
ATOM   236  O O   . ARG A 1 60  ? -7.11073  7.04414   13.97565  1.000 21.35210  ? 36  ARG A O   1 
ATOM   237  C CB  . ARG A 1 60  ? -3.92201  6.41308   13.61758  1.000 19.72052  ? 36  ARG A CB  1 
ATOM   238  C CG  . ARG A 1 60  ? -2.99937  5.25142   13.28539  1.000 20.11795  ? 36  ARG A CG  1 
ATOM   239  C CD  . ARG A 1 60  ? -1.86780  5.10319   14.30179  1.000 22.63612  ? 36  ARG A CD  1 
ATOM   240  N NE  . ARG A 1 60  ? -1.00943  6.28741   14.28716  1.000 24.66148  ? 36  ARG A NE  1 
ATOM   241  C CZ  . ARG A 1 60  ? 0.13789   6.38603   13.61745  1.000 19.42464  ? 36  ARG A CZ  1 
ATOM   242  N NH1 . ARG A 1 60  ? 0.61496   5.35794   12.92836  1.000 23.55956  ? 36  ARG A NH1 1 
ATOM   243  N NH2 . ARG A 1 60  ? 0.80099   7.52493   13.66138  1.000 24.36536  ? 36  ARG A NH2 1 
ATOM   244  N N   . GLN A 1 61  ? -6.04653  8.75695   12.96115  1.000 21.16007  ? 37  GLN A N   1 
ATOM   245  C CA  . GLN A 1 61  ? -7.06058  9.70620   13.40675  1.000 23.75641  ? 37  GLN A CA  1 
ATOM   246  C C   . GLN A 1 61  ? -8.42710  9.39713   12.80903  1.000 23.63788  ? 37  GLN A C   1 
ATOM   247  O O   . GLN A 1 61  ? -9.44830  9.83645   13.35552  1.000 26.32614  ? 37  GLN A O   1 
ATOM   248  C CB  . GLN A 1 61  ? -6.63246  11.13714  13.06977  1.000 25.07157  ? 37  GLN A CB  1 
ATOM   249  C CG  . GLN A 1 61  ? -5.38792  11.62294  13.80056  1.000 32.80469  ? 37  GLN A CG  1 
ATOM   250  C CD  . GLN A 1 61  ? -5.45494  11.43075  15.30833  1.000 48.50339  ? 37  GLN A CD  1 
ATOM   251  O OE1 . GLN A 1 61  ? -6.52294  11.52108  15.91222  1.000 49.82375  ? 37  GLN A OE1 1 
ATOM   252  N NE2 . GLN A 1 61  ? -4.30484  11.16828  15.92202  1.000 43.29055  ? 37  GLN A NE2 1 
ATOM   253  N N   . HIS A 1 62  ? -8.47905  8.66392   11.69678  1.000 22.18728  ? 38  HIS A N   1 
ATOM   254  C CA  . HIS A 1 62  ? -9.74644  8.24404   11.11306  1.000 22.62486  ? 38  HIS A CA  1 
ATOM   255  C C   . HIS A 1 62  ? -10.12618 6.81149   11.48633  1.000 23.12351  ? 38  HIS A C   1 
ATOM   256  O O   . HIS A 1 62  ? -10.98443 6.21071   10.82759  1.000 25.74146  ? 38  HIS A O   1 
ATOM   257  C CB  . HIS A 1 62  ? -9.74358  8.45588   9.59910   1.000 23.07895  ? 38  HIS A CB  1 
ATOM   258  C CG  . HIS A 1 62  ? -9.74036  9.90041   9.19808   1.000 24.24356  ? 38  HIS A CG  1 
ATOM   259  N ND1 . HIS A 1 62  ? -8.62964  10.70785  9.31892   1.000 26.72815  ? 38  HIS A ND1 1 
ATOM   260  C CD2 . HIS A 1 62  ? -10.73496 10.69538  8.73223   1.000 29.48832  ? 38  HIS A CD2 1 
ATOM   261  C CE1 . HIS A 1 62  ? -8.93059  11.93065  8.91654   1.000 28.38028  ? 38  HIS A CE1 1 
ATOM   262  N NE2 . HIS A 1 62  ? -10.20166 11.95080  8.55895   1.000 29.00652  ? 38  HIS A NE2 1 
ATOM   263  N N   . GLY A 1 63  ? -9.50910  6.25418   12.52849  1.000 20.39746  ? 39  GLY A N   1 
ATOM   264  C CA  . GLY A 1 63  ? -9.88541  4.95455   13.04726  1.000 21.83100  ? 39  GLY A CA  1 
ATOM   265  C C   . GLY A 1 63  ? -9.27484  3.75615   12.35315  1.000 23.05050  ? 39  GLY A C   1 
ATOM   266  O O   . GLY A 1 63  ? -9.69204  2.62708   12.63543  1.000 25.34323  ? 39  GLY A O   1 
ATOM   267  N N   . PHE A 1 64  ? -8.29853  3.94588   11.46124  1.000 19.48376  ? 40  PHE A N   1 
ATOM   268  C CA  . PHE A 1 64  ? -7.65661  2.83665   10.76775  1.000 20.61049  ? 40  PHE A CA  1 
ATOM   269  C C   . PHE A 1 64  ? -6.29346  2.56326   11.36662  1.000 19.03358  ? 40  PHE A C   1 
ATOM   270  O O   . PHE A 1 64  ? -5.51876  3.49230   11.62005  1.000 20.51474  ? 40  PHE A O   1 
ATOM   271  C CB  . PHE A 1 64  ? -7.40926  3.17682   9.29648   1.000 20.85716  ? 40  PHE A CB  1 
ATOM   272  C CG  . PHE A 1 64  ? -8.60410  3.02595   8.42820   1.000 27.01146  ? 40  PHE A CG  1 
ATOM   273  C CD1 . PHE A 1 64  ? -9.64204  3.92238   8.51386   1.000 24.89705  ? 40  PHE A CD1 1 
ATOM   274  C CD2 . PHE A 1 64  ? -8.67965  1.99704   7.50535   1.000 27.79322  ? 40  PHE A CD2 1 
ATOM   275  C CE1 . PHE A 1 64  ? -10.76119 3.79473   7.70283   1.000 30.95785  ? 40  PHE A CE1 1 
ATOM   276  C CE2 . PHE A 1 64  ? -9.79457  1.85983   6.69509   1.000 34.13316  ? 40  PHE A CE2 1 
ATOM   277  C CZ  . PHE A 1 64  ? -10.83373 2.76342   6.79728   1.000 29.63970  ? 40  PHE A CZ  1 
ATOM   278  N N   . SER A 1 65  ? -5.97233  1.28303   11.53829  1.000 19.68446  ? 41  SER A N   1 
ATOM   279  C CA  . SER A 1 65  ? -4.58610  0.92688   11.74988  1.000 20.77590  ? 41  SER A CA  1 
ATOM   280  C C   . SER A 1 65  ? -3.82747  1.05361   10.42935  1.000 18.48317  ? 41  SER A C   1 
ATOM   281  O O   . SER A 1 65  ? -4.40803  1.04635   9.33838   1.000 19.38491  ? 41  SER A O   1 
ATOM   282  C CB  . SER A 1 65  ? -4.44942  -0.49231  12.32193  1.000 21.61970  ? 41  SER A CB  1 
ATOM   283  O OG  . SER A 1 65  ? -4.51528  -1.45921  11.28263  1.000 26.45723  ? 41  SER A OG  1 
ATOM   284  N N   . VAL A 1 66  ? -2.51305  1.15245   10.53907  1.000 18.98438  ? 42  VAL A N   1 
ATOM   285  C CA  . VAL A 1 66  ? -1.70615  1.22282   9.32836   1.000 17.98186  ? 42  VAL A CA  1 
ATOM   286  C C   . VAL A 1 66  ? -1.93193  -0.00823  8.45928   1.000 18.97895  ? 42  VAL A C   1 
ATOM   287  O O   . VAL A 1 66  ? -2.07364  0.09996   7.23428   1.000 17.94181  ? 42  VAL A O   1 
ATOM   288  C CB  . VAL A 1 66  ? -0.22707  1.41765   9.68481   1.000 19.70568  ? 42  VAL A CB  1 
ATOM   289  C CG1 . VAL A 1 66  ? 0.64851   1.29640   8.44095   1.000 21.02417  ? 42  VAL A CG1 1 
ATOM   290  C CG2 . VAL A 1 66  ? -0.04068  2.77495   10.35198  1.000 25.45817  ? 42  VAL A CG2 1 
ATOM   291  N N   . SER A 1 67  ? -1.96498  -1.19537  9.06856   1.000 19.59760  ? 43  SER A N   1 
ATOM   292  C CA  A SER A 1 67  ? -2.10437  -2.40644  8.26668   0.638 19.47777  ? 43  SER A CA  1 
ATOM   293  C CA  B SER A 1 67  ? -2.11346  -2.41895  8.28323   0.362 19.41508  ? 43  SER A CA  1 
ATOM   294  C C   . SER A 1 67  ? -3.46776  -2.48449  7.58584   1.000 17.37259  ? 43  SER A C   1 
ATOM   295  O O   . SER A 1 67  ? -3.55432  -2.90269  6.42956   1.000 17.26143  ? 43  SER A O   1 
ATOM   296  C CB  A SER A 1 67  ? -1.82091  -3.63926  9.12215   0.638 23.82652  ? 43  SER A CB  1 
ATOM   297  C CB  B SER A 1 67  ? -1.91344  -3.64399  9.17150   0.362 23.68495  ? 43  SER A CB  1 
ATOM   298  O OG  A SER A 1 67  ? -0.45300  -3.66860  9.51813   0.638 22.91191  ? 43  SER A OG  1 
ATOM   299  O OG  B SER A 1 67  ? -2.74186  -3.57730  10.31502  0.362 29.97146  ? 43  SER A OG  1 
ATOM   300  N N   A GLU A 1 68  ? -4.53671  -2.08320  8.27785   0.775 17.61004  ? 44  GLU A N   1 
ATOM   301  N N   B GLU A 1 68  ? -4.53794  -2.07042  8.26284   0.225 17.82556  ? 44  GLU A N   1 
ATOM   302  C CA  A GLU A 1 68  ? -5.85826  -2.06157  7.65896   0.775 18.74169  ? 44  GLU A CA  1 
ATOM   303  C CA  B GLU A 1 68  ? -5.84699  -2.09138  7.62020   0.225 18.82204  ? 44  GLU A CA  1 
ATOM   304  C C   A GLU A 1 68  ? -5.89899  -1.08363  6.49083   0.775 17.83081  ? 44  GLU A C   1 
ATOM   305  C C   B GLU A 1 68  ? -5.92026  -1.07417  6.48624   0.225 17.88734  ? 44  GLU A C   1 
ATOM   306  O O   A GLU A 1 68  ? -6.46136  -1.38315  5.42599   0.775 18.65545  ? 44  GLU A O   1 
ATOM   307  O O   B GLU A 1 68  ? -6.49483  -1.35585  5.42426   0.225 18.69317  ? 44  GLU A O   1 
ATOM   308  C CB  A GLU A 1 68  ? -6.91845  -1.68303  8.70692   0.775 22.27555  ? 44  GLU A CB  1 
ATOM   309  C CB  B GLU A 1 68  ? -6.94602  -1.87963  8.66511   0.225 22.57199  ? 44  GLU A CB  1 
ATOM   310  C CG  A GLU A 1 68  ? -7.11897  -2.73192  9.81703   0.775 26.63529  ? 44  GLU A CG  1 
ATOM   311  C CG  B GLU A 1 68  ? -6.94717  -2.96300  9.74934   0.225 27.07434  ? 44  GLU A CG  1 
ATOM   312  C CD  A GLU A 1 68  ? -7.54124  -2.15767  11.17521  0.775 34.94431  ? 44  GLU A CD  1 
ATOM   313  C CD  B GLU A 1 68  ? -7.76658  -2.60416  10.97820  0.225 32.86067  ? 44  GLU A CD  1 
ATOM   314  O OE1 A GLU A 1 68  ? -7.86071  -0.95408  11.27190  0.775 26.12893  ? 44  GLU A OE1 1 
ATOM   315  O OE1 B GLU A 1 68  ? -8.91935  -2.15439  10.82312  0.225 32.28249  ? 44  GLU A OE1 1 
ATOM   316  O OE2 A GLU A 1 68  ? -7.54495  -2.92669  12.16742  0.775 36.84339  ? 44  GLU A OE2 1 
ATOM   317  O OE2 B GLU A 1 68  ? -7.25737  -2.78490  12.10703  0.225 34.05799  ? 44  GLU A OE2 1 
ATOM   318  N N   . TRP A 1 69  ? -5.32924  0.10723   6.68515   1.000 17.47147  ? 45  TRP A N   1 
ATOM   319  C CA  . TRP A 1 69  ? -5.25837  1.09190   5.61512   1.000 17.17662  ? 45  TRP A CA  1 
ATOM   320  C C   . TRP A 1 69  ? -4.49749  0.54501   4.40749   1.000 17.03345  ? 45  TRP A C   1 
ATOM   321  O O   . TRP A 1 69  ? -4.96394  0.64843   3.27536   1.000 17.28698  ? 45  TRP A O   1 
ATOM   322  C CB  . TRP A 1 69  ? -4.62440  2.37993   6.15736   1.000 17.67112  ? 45  TRP A CB  1 
ATOM   323  C CG  . TRP A 1 69  ? -3.98092  3.25559   5.11571   1.000 17.47509  ? 45  TRP A CG  1 
ATOM   324  C CD1 . TRP A 1 69  ? -2.66352  3.56908   5.03577   1.000 16.93361  ? 45  TRP A CD1 1 
ATOM   325  C CD2 . TRP A 1 69  ? -4.62356  3.93085   4.02093   1.000 16.93702  ? 45  TRP A CD2 1 
ATOM   326  N NE1 . TRP A 1 69  ? -2.42812  4.40595   3.97007   1.000 17.48280  ? 45  TRP A NE1 1 
ATOM   327  C CE2 . TRP A 1 69  ? -3.61919  4.62880   3.32037   1.000 16.73849  ? 45  TRP A CE2 1 
ATOM   328  C CE3 . TRP A 1 69  ? -5.94281  3.99941   3.55806   1.000 17.49102  ? 45  TRP A CE3 1 
ATOM   329  C CZ2 . TRP A 1 69  ? -3.89218  5.39137   2.18178   1.000 19.18534  ? 45  TRP A CZ2 1 
ATOM   330  C CZ3 . TRP A 1 69  ? -6.21172  4.76021   2.43742   1.000 19.55812  ? 45  TRP A CZ3 1 
ATOM   331  C CH2 . TRP A 1 69  ? -5.19417  5.44220   1.75969   1.000 18.42305  ? 45  TRP A CH2 1 
ATOM   332  N N   A ARG A 1 70  ? -3.31401  -0.03263  4.63778   0.511 16.40886  ? 46  ARG A N   1 
ATOM   333  N N   B ARG A 1 70  ? -3.31617  -0.03493  4.62367   0.489 16.44557  ? 46  ARG A N   1 
ATOM   334  C CA  A ARG A 1 70  ? -2.51689  -0.55953  3.52999   0.511 16.82815  ? 46  ARG A CA  1 
ATOM   335  C CA  B ARG A 1 70  ? -2.55325  -0.52081  3.47439   0.489 16.75739  ? 46  ARG A CA  1 
ATOM   336  C C   A ARG A 1 70  ? -3.29896  -1.59990  2.73296   0.511 15.75065  ? 46  ARG A C   1 
ATOM   337  C C   B ARG A 1 70  ? -3.31310  -1.60270  2.71467   0.489 15.72639  ? 46  ARG A C   1 
ATOM   338  O O   A ARG A 1 70  ? -3.31568  -1.56603  1.49559   0.511 16.35150  ? 46  ARG A O   1 
ATOM   339  O O   B ARG A 1 70  ? -3.32398  -1.60242  1.47736   0.489 16.37669  ? 46  ARG A O   1 
ATOM   340  C CB  A ARG A 1 70  ? -1.19891  -1.14475  4.05065   0.511 18.50057  ? 46  ARG A CB  1 
ATOM   341  C CB  B ARG A 1 70  ? -1.17489  -1.01573  3.89725   0.489 17.86992  ? 46  ARG A CB  1 
ATOM   342  C CG  A ARG A 1 70  ? -0.24765  -0.10706  4.66600   0.511 17.27788  ? 46  ARG A CG  1 
ATOM   343  C CG  B ARG A 1 70  ? -0.22049  0.09846   4.29010   0.489 16.51569  ? 46  ARG A CG  1 
ATOM   344  C CD  A ARG A 1 70  ? 1.05785   -0.73076  5.17584   0.511 19.20237  ? 46  ARG A CD  1 
ATOM   345  C CD  B ARG A 1 70  ? 1.11686   -0.47208  4.73357   0.489 16.67757  ? 46  ARG A CD  1 
ATOM   346  N NE  A ARG A 1 70  ? 2.20091   0.16718   4.98902   0.511 17.36390  ? 46  ARG A NE  1 
ATOM   347  N NE  B ARG A 1 70  ? 0.97869   -1.54964  5.71134   0.489 17.27099  ? 46  ARG A NE  1 
ATOM   348  C CZ  A ARG A 1 70  ? 3.40134   -0.00749  5.53018   0.511 21.35091  ? 46  ARG A CZ  1 
ATOM   349  C CZ  B ARG A 1 70  ? 1.94840   -1.96889  6.51815   0.489 18.32164  ? 46  ARG A CZ  1 
ATOM   350  N NH1 A ARG A 1 70  ? 3.61545   -1.04810  6.31956   0.511 21.11834  ? 46  ARG A NH1 1 
ATOM   351  N NH1 B ARG A 1 70  ? 3.14248   -1.38513  6.48386   0.489 19.29928  ? 46  ARG A NH1 1 
ATOM   352  N NH2 A ARG A 1 70  ? 4.38654   0.85929   5.27378   0.511 15.00327  ? 46  ARG A NH2 1 
ATOM   353  N NH2 B ARG A 1 70  ? 1.72327   -2.97413  7.37342   0.489 16.69383  ? 46  ARG A NH2 1 
ATOM   354  N N   . VAL A 1 71  ? -3.97208  -2.51920  3.42909   1.000 17.08311  ? 47  VAL A N   1 
ATOM   355  C CA  . VAL A 1 71  ? -4.71760  -3.57614  2.74093   1.000 18.07879  ? 47  VAL A CA  1 
ATOM   356  C C   . VAL A 1 71  ? -5.88692  -2.99835  1.95455   1.000 17.10293  ? 47  VAL A C   1 
ATOM   357  O O   . VAL A 1 71  ? -6.06555  -3.29618  0.76171   1.000 18.76153  ? 47  VAL A O   1 
ATOM   358  C CB  . VAL A 1 71  ? -5.18300  -4.64221  3.74152   1.000 17.33465  ? 47  VAL A CB  1 
ATOM   359  C CG1 . VAL A 1 71  ? -6.23671  -5.55020  3.08855   1.000 21.34192  ? 47  VAL A CG1 1 
ATOM   360  C CG2 . VAL A 1 71  ? -3.98726  -5.44794  4.21066   1.000 19.81610  ? 47  VAL A CG2 1 
ATOM   361  N N   . MET A 1 72  ? -6.70392  -2.15970  2.59962   1.000 18.20342  ? 48  MET A N   1 
ATOM   362  C CA  . MET A 1 72  ? -7.88177  -1.66054  1.89486   1.000 20.04588  ? 48  MET A CA  1 
ATOM   363  C C   . MET A 1 72  ? -7.49249  -0.77455  0.71906   1.000 19.74495  ? 48  MET A C   1 
ATOM   364  O O   . MET A 1 72  ? -8.08988  -0.86702  -0.36676  1.000 21.32339  ? 48  MET A O   1 
ATOM   365  C CB  . MET A 1 72  ? -8.84418  -0.95883  2.84587   1.000 20.84924  ? 48  MET A CB  1 
ATOM   366  C CG  . MET A 1 72  ? -9.74896  -1.95616  3.54094   1.000 25.65775  ? 48  MET A CG  1 
ATOM   367  S SD  . MET A 1 72  ? -11.03978 -1.22901  4.56606   1.000 26.74384  ? 48  MET A SD  1 
ATOM   368  C CE  . MET A 1 72  ? -10.18248 -1.20736  6.13009   1.000 32.17563  ? 48  MET A CE  1 
ATOM   369  N N   . ALA A 1 73  ? -6.49031  0.09124   0.90495   1.000 17.79505  ? 49  ALA A N   1 
ATOM   370  C CA  . ALA A 1 73  ? -6.03603  0.93391   -0.18161  1.000 18.65427  ? 49  ALA A CA  1 
ATOM   371  C C   . ALA A 1 73  ? -5.45297  0.10019   -1.31294  1.000 18.00914  ? 49  ALA A C   1 
ATOM   372  O O   . ALA A 1 73  ? -5.61509  0.45811   -2.48666  1.000 20.85270  ? 49  ALA A O   1 
ATOM   373  C CB  . ALA A 1 73  ? -5.01448  1.94645   0.34306   1.000 19.38503  ? 49  ALA A CB  1 
ATOM   374  N N   . SER A 1 74  ? -4.76316  -1.00928  -0.99632  1.000 17.76071  ? 50  SER A N   1 
ATOM   375  C CA  . SER A 1 74  ? -4.17420  -1.83063  -2.04672  1.000 17.70264  ? 50  SER A CA  1 
ATOM   376  C C   . SER A 1 74  ? -5.23855  -2.58428  -2.82483  1.000 20.61637  ? 50  SER A C   1 
ATOM   377  O O   . SER A 1 74  ? -5.02344  -2.93350  -3.99237  1.000 22.82171  ? 50  SER A O   1 
ATOM   378  C CB  . SER A 1 74  ? -3.23540  -2.84355  -1.41227  1.000 18.81173  ? 50  SER A CB  1 
ATOM   379  O OG  . SER A 1 74  ? -2.07142  -2.19929  -0.89090  1.000 18.26316  ? 50  SER A OG  1 
ATOM   380  N N   . LEU A 1 75  ? -6.36833  -2.88109  -2.19047  1.000 18.87993  ? 51  LEU A N   1 
ATOM   381  C CA  . LEU A 1 75  ? -7.41161  -3.64630  -2.86955  1.000 20.81325  ? 51  LEU A CA  1 
ATOM   382  C C   . LEU A 1 75  ? -8.43958  -2.76528  -3.56335  1.000 24.72557  ? 51  LEU A C   1 
ATOM   383  O O   . LEU A 1 75  ? -9.16400  -3.25408  -4.44613  1.000 25.76375  ? 51  LEU A O   1 
ATOM   384  C CB  . LEU A 1 75  ? -8.07893  -4.57814  -1.86242  1.000 19.57343  ? 51  LEU A CB  1 
ATOM   385  C CG  . LEU A 1 75  ? -7.14844  -5.65776  -1.30718  1.000 19.81465  ? 51  LEU A CG  1 
ATOM   386  C CD1 . LEU A 1 75  ? -7.81589  -6.44260  -0.20685  1.000 21.42979  ? 51  LEU A CD1 1 
ATOM   387  C CD2 . LEU A 1 75  ? -6.68294  -6.56874  -2.43339  1.000 21.95600  ? 51  LEU A CD2 1 
ATOM   388  N N   . ALA A 1 76  ? -8.50669  -1.48652  -3.20570  1.000 21.71566  ? 52  ALA A N   1 
ATOM   389  C CA  . ALA A 1 76  ? -9.52836  -0.59966  -3.74994  1.000 24.44411  ? 52  ALA A CA  1 
ATOM   390  C C   . ALA A 1 76  ? -9.37327  -0.47087  -5.25776  1.000 27.14572  ? 52  ALA A C   1 
ATOM   391  O O   . ALA A 1 76  ? -8.28951  -0.17722  -5.76964  1.000 28.57227  ? 52  ALA A O   1 
ATOM   392  C CB  . ALA A 1 76  ? -9.42695  0.77624   -3.09785  1.000 23.82646  ? 52  ALA A CB  1 
ATOM   393  N N   . GLY A 1 77  ? -10.47414 -0.68408  -5.97122  1.000 27.20719  ? 53  GLY A N   1 
ATOM   394  C CA  . GLY A 1 77  ? -10.43556 -0.60272  -7.41423  1.000 31.70225  ? 53  GLY A CA  1 
ATOM   395  C C   . GLY A 1 77  ? -9.63944  -1.69159  -8.08601  1.000 28.22320  ? 53  GLY A C   1 
ATOM   396  O O   . GLY A 1 77  ? -9.25124  -1.53432  -9.24615  1.000 35.66617  ? 53  GLY A O   1 
ATOM   397  N N   . SER A 1 78  ? -9.37627  -2.79812  -7.39668  1.000 28.52933  ? 54  SER A N   1 
ATOM   398  C CA  . SER A 1 78  ? -8.53198  -3.83892  -7.95135  1.000 27.06099  ? 54  SER A CA  1 
ATOM   399  C C   . SER A 1 78  ? -9.34269  -5.11274  -8.15561  1.000 28.49361  ? 54  SER A C   1 
ATOM   400  O O   . SER A 1 78  ? -10.29365 -5.39335  -7.42282  1.000 31.30284  ? 54  SER A O   1 
ATOM   401  C CB  . SER A 1 78  ? -7.30456  -4.11025  -7.04008  1.000 28.63870  ? 54  SER A CB  1 
ATOM   402  O OG  . SER A 1 78  ? -6.57870  -5.26007  -7.44062  1.000 29.54301  ? 54  SER A OG  1 
ATOM   403  N N   . GLU A 1 79  ? -8.96547  -5.86076  -9.18669  1.000 30.76652  ? 55  GLU A N   1 
ATOM   404  C CA  . GLU A 1 79  ? -9.36916  -7.24315  -9.30895  1.000 32.38243  ? 55  GLU A CA  1 
ATOM   405  C C   . GLU A 1 79  ? -8.80308  -8.01603  -8.12228  1.000 30.44996  ? 55  GLU A C   1 
ATOM   406  O O   . GLU A 1 79  ? -7.86410  -7.55684  -7.46877  1.000 29.87763  ? 55  GLU A O   1 
ATOM   407  C CB  . GLU A 1 79  ? -8.77862  -7.81962  -10.59151 1.000 34.01765  ? 55  GLU A CB  1 
ATOM   408  C CG  . GLU A 1 79  ? -7.25974  -7.62271  -10.72360 1.000 49.59360  ? 55  GLU A CG  1 
ATOM   409  C CD  . GLU A 1 79  ? -6.85488  -6.18821  -11.05611 1.000 62.04797  ? 55  GLU A CD  1 
ATOM   410  O OE1 . GLU A 1 79  ? -7.70669  -5.42362  -11.55763 1.000 61.16945  ? 55  GLU A OE1 1 
ATOM   411  O OE2 . GLU A 1 79  ? -5.68637  -5.82484  -10.80391 1.000 69.74129  ? 55  GLU A OE2 1 
ATOM   412  N N   . PRO A 1 80  ? -9.34593  -9.19492  -7.82364  1.000 27.99115  ? 56  PRO A N   1 
ATOM   413  C CA  . PRO A 1 80  ? -8.79685  -9.98935  -6.71661  1.000 31.78213  ? 56  PRO A CA  1 
ATOM   414  C C   . PRO A 1 80  ? -7.34495  -10.35777 -6.98265  1.000 30.04614  ? 56  PRO A C   1 
ATOM   415  O O   . PRO A 1 80  ? -6.96170  -10.69313 -8.10538  1.000 31.02141  ? 56  PRO A O   1 
ATOM   416  C CB  . PRO A 1 80  ? -9.69653  -11.23160 -6.68575  1.000 29.65080  ? 56  PRO A CB  1 
ATOM   417  C CG  . PRO A 1 80  ? -10.94799 -10.81622 -7.40907  1.000 30.62818  ? 56  PRO A CG  1 
ATOM   418  C CD  . PRO A 1 80  ? -10.49076 -9.86420  -8.46749  1.000 30.79338  ? 56  PRO A CD  1 
ATOM   419  N N   . ILE A 1 81  ? -6.52615  -10.28076 -5.93339  1.000 24.60038  ? 57  ILE A N   1 
ATOM   420  C CA  . ILE A 1 81  ? -5.09870  -10.55562 -6.04443  1.000 25.39715  ? 57  ILE A CA  1 
ATOM   421  C C   . ILE A 1 81  ? -4.70929  -11.63922 -5.04548  1.000 22.91455  ? 57  ILE A C   1 
ATOM   422  O O   . ILE A 1 81  ? -5.41432  -11.90991 -4.07255  1.000 23.64415  ? 57  ILE A O   1 
ATOM   423  C CB  . ILE A 1 81  ? -4.22714  -9.28868  -5.87007  1.000 24.85110  ? 57  ILE A CB  1 
ATOM   424  C CG1 . ILE A 1 81  ? -4.35474  -8.72516  -4.44917  1.000 24.63564  ? 57  ILE A CG1 1 
ATOM   425  C CG2 . ILE A 1 81  ? -4.59248  -8.22271  -6.89947  1.000 26.56195  ? 57  ILE A CG2 1 
ATOM   426  C CD1 . ILE A 1 81  ? -3.42522  -7.52185  -4.19549  1.000 23.43384  ? 57  ILE A CD1 1 
ATOM   427  N N   . SER A 1 82  ? -3.56613  -12.26904 -5.29117  1.000 24.07502  ? 58  SER A N   1 
ATOM   428  C CA  . SER A 1 82  ? -3.13246  -13.31773 -4.38594  1.000 22.48728  ? 58  SER A CA  1 
ATOM   429  C C   . SER A 1 82  ? -2.68388  -12.72893 -3.04744  1.000 24.30278  ? 58  SER A C   1 
ATOM   430  O O   . SER A 1 82  ? -2.33747  -11.54530 -2.93854  1.000 23.99742  ? 58  SER A O   1 
ATOM   431  C CB  . SER A 1 82  ? -1.99291  -14.12214 -5.00932  1.000 27.42070  ? 58  SER A CB  1 
ATOM   432  O OG  . SER A 1 82  ? -0.78009  -13.38230 -5.02284  1.000 29.46680  ? 58  SER A OG  1 
ATOM   433  N N   . ILE A 1 83  ? -2.68756  -13.57644 -2.02017  1.000 23.53298  ? 59  ILE A N   1 
ATOM   434  C CA  . ILE A 1 83  ? -2.16192  -13.16526 -0.72087  1.000 23.67542  ? 59  ILE A CA  1 
ATOM   435  C C   . ILE A 1 83  ? -0.71040  -12.73020 -0.84746  1.000 26.36692  ? 59  ILE A C   1 
ATOM   436  O O   . ILE A 1 83  ? -0.27874  -11.76858 -0.20185  1.000 22.53208  ? 59  ILE A O   1 
ATOM   437  C CB  . ILE A 1 83  ? -2.32783  -14.28380 0.32604   1.000 28.97625  ? 59  ILE A CB  1 
ATOM   438  C CG1 . ILE A 1 83  ? -3.76732  -14.80191 0.34177   1.000 33.99184  ? 59  ILE A CG1 1 
ATOM   439  C CG2 . ILE A 1 83  ? -1.92268  -13.78497 1.70318   1.000 31.46163  ? 59  ILE A CG2 1 
ATOM   440  C CD1 . ILE A 1 83  ? -4.79663  -13.72640 0.53618   1.000 32.19405  ? 59  ILE A CD1 1 
ATOM   441  N N   . GLY A 1 84  ? 0.07729   -13.44510 -1.65503  1.000 23.31616  ? 60  GLY A N   1 
ATOM   442  C CA  . GLY A 1 84  ? 1.47565   -13.07696 -1.81989  1.000 23.85830  ? 60  GLY A CA  1 
ATOM   443  C C   . GLY A 1 84  ? 1.64686   -11.71210 -2.45903  1.000 22.87966  ? 60  GLY A C   1 
ATOM   444  O O   . GLY A 1 84  ? 2.50174   -10.91905 -2.04352  1.000 23.07680  ? 60  GLY A O   1 
ATOM   445  N N   . GLN A 1 85  ? 0.82887   -11.40418 -3.46143  1.000 20.93755  ? 61  GLN A N   1 
ATOM   446  C CA  . GLN A 1 85  ? 0.88555   -10.07318 -4.05075  1.000 21.18193  ? 61  GLN A CA  1 
ATOM   447  C C   . GLN A 1 85  ? 0.49424   -9.01460  -3.03054  1.000 21.83744  ? 61  GLN A C   1 
ATOM   448  O O   . GLN A 1 85  ? 1.10971   -7.93959  -2.96952  1.000 20.43611  ? 61  GLN A O   1 
ATOM   449  C CB  . GLN A 1 85  ? -0.04341  -9.97094  -5.25752  1.000 22.95368  ? 61  GLN A CB  1 
ATOM   450  C CG  . GLN A 1 85  ? 0.14903   -11.00434 -6.34028  1.000 40.15154  ? 61  GLN A CG  1 
ATOM   451  C CD  . GLN A 1 85  ? -0.86742  -10.82514 -7.45071  1.000 49.68997  ? 61  GLN A CD  1 
ATOM   452  O OE1 . GLN A 1 85  ? -1.86765  -11.54032 -7.51509  1.000 35.15806  ? 61  GLN A OE1 1 
ATOM   453  N NE2 . GLN A 1 85  ? -0.62826  -9.84875  -8.31802  1.000 58.25324  ? 61  GLN A NE2 1 
ATOM   454  N N   . LEU A 1 86  ? -0.56350  -9.27738  -2.25748  1.000 20.49834  ? 62  LEU A N   1 
ATOM   455  C CA  . LEU A 1 86  ? -0.98234  -8.32082  -1.23937  1.000 17.96072  ? 62  LEU A CA  1 
ATOM   456  C C   . LEU A 1 86  ? 0.13572   -8.07669  -0.23630  1.000 18.40782  ? 62  LEU A C   1 
ATOM   457  O O   . LEU A 1 86  ? 0.39045   -6.92650  0.14491   1.000 16.99349  ? 62  LEU A O   1 
ATOM   458  C CB  . LEU A 1 86  ? -2.24731  -8.80808  -0.53546  1.000 19.07168  ? 62  LEU A CB  1 
ATOM   459  C CG  . LEU A 1 86  ? -2.80485  -7.84651  0.52090   1.000 16.64002  ? 62  LEU A CG  1 
ATOM   460  C CD1 . LEU A 1 86  ? -3.22668  -6.53320  -0.09424  1.000 19.32824  ? 62  LEU A CD1 1 
ATOM   461  C CD2 . LEU A 1 86  ? -3.95946  -8.50376  1.23795   1.000 19.14742  ? 62  LEU A CD2 1 
ATOM   462  N N   . ALA A 1 87  ? 0.82020   -9.13513  0.18517   1.000 17.75225  ? 63  ALA A N   1 
ATOM   463  C CA  . ALA A 1 87  ? 1.91990   -8.98898  1.13014   1.000 17.37890  ? 63  ALA A CA  1 
ATOM   464  C C   . ALA A 1 87  ? 3.02838   -8.12881  0.54350   1.000 19.27510  ? 63  ALA A C   1 
ATOM   465  O O   . ALA A 1 87  ? 3.60606   -7.27734  1.23813   1.000 18.57420  ? 63  ALA A O   1 
ATOM   466  C CB  . ALA A 1 87  ? 2.46299   -10.36770 1.51101   1.000 19.47307  ? 63  ALA A CB  1 
ATOM   467  N N   . GLN A 1 88  ? 3.32907   -8.31981  -0.74246  1.000 18.27420  ? 64  GLN A N   1 
ATOM   468  C CA  . GLN A 1 88  ? 4.37401   -7.51723  -1.36842  1.000 17.37011  ? 64  GLN A CA  1 
ATOM   469  C C   . GLN A 1 88  ? 3.99312   -6.03896  -1.42679  1.000 18.63184  ? 64  GLN A C   1 
ATOM   470  O O   . GLN A 1 88  ? 4.77287   -5.17710  -1.00729  1.000 18.16586  ? 64  GLN A O   1 
ATOM   471  C CB  . GLN A 1 88  ? 4.69830   -8.07283  -2.75545  1.000 20.45131  ? 64  GLN A CB  1 
ATOM   472  C CG  . GLN A 1 88  ? 5.87008   -7.35808  -3.40824  1.000 22.83475  ? 64  GLN A CG  1 
ATOM   473  C CD  . GLN A 1 88  ? 5.40446   -6.27402  -4.33631  1.000 22.33869  ? 64  GLN A CD  1 
ATOM   474  O OE1 . GLN A 1 88  ? 4.49431   -6.48570  -5.13784  1.000 25.59194  ? 64  GLN A OE1 1 
ATOM   475  N NE2 . GLN A 1 88  ? 5.99561   -5.08662  -4.22326  1.000 20.10397  ? 64  GLN A NE2 1 
ATOM   476  N N   . VAL A 1 89  ? 2.79702   -5.71696  -1.92085  1.000 16.35050  ? 65  VAL A N   1 
ATOM   477  C CA  A VAL A 1 89  ? 2.44888   -4.30766  -2.08606  0.577 17.90634  ? 65  VAL A CA  1 
ATOM   478  C CA  B VAL A 1 89  ? 2.42635   -4.31324  -2.08615  0.423 17.93349  ? 65  VAL A CA  1 
ATOM   479  C C   . VAL A 1 89  ? 2.26425   -3.60022  -0.74297  1.000 16.54307  ? 65  VAL A C   1 
ATOM   480  O O   . VAL A 1 89  ? 2.49890   -2.38271  -0.64874  1.000 17.40960  ? 65  VAL A O   1 
ATOM   481  C CB  A VAL A 1 89  ? 1.25771   -4.11909  -3.05048  0.577 17.45028  ? 65  VAL A CB  1 
ATOM   482  C CB  B VAL A 1 89  ? 1.17637   -4.19082  -2.97433  0.423 17.46596  ? 65  VAL A CB  1 
ATOM   483  C CG1 A VAL A 1 89  ? -0.03998  -4.60566  -2.43098  0.577 18.90650  ? 65  VAL A CG1 1 
ATOM   484  C CG1 B VAL A 1 89  ? 0.68289   -2.76789  -2.99278  0.423 16.03354  ? 65  VAL A CG1 1 
ATOM   485  C CG2 A VAL A 1 89  ? 1.13859   -2.67666  -3.48101  0.577 23.16225  ? 65  VAL A CG2 1 
ATOM   486  C CG2 B VAL A 1 89  ? 1.48803   -4.67493  -4.38555  0.423 17.28559  ? 65  VAL A CG2 1 
ATOM   487  N N   . THR A 1 90  ? 1.82896   -4.31687  0.30118   1.000 16.01054  ? 66  THR A N   1 
ATOM   488  C CA  . THR A 1 90  ? 1.67705   -3.75033  1.63983   1.000 15.85605  ? 66  THR A CA  1 
ATOM   489  C C   . THR A 1 90  ? 2.94305   -3.87002  2.47265   1.000 18.69008  ? 66  THR A C   1 
ATOM   490  O O   . THR A 1 90  ? 2.90024   -3.55990  3.67450   1.000 19.84111  ? 66  THR A O   1 
ATOM   491  C CB  . THR A 1 90  ? 0.51942   -4.41648  2.41351   1.000 16.40259  ? 66  THR A CB  1 
ATOM   492  O OG1 . THR A 1 90  ? 0.79509   -5.79783  2.65496   1.000 16.82919  ? 66  THR A OG1 1 
ATOM   493  C CG2 . THR A 1 90  ? -0.81927  -4.28127  1.69855   1.000 18.85710  ? 66  THR A CG2 1 
ATOM   494  N N   . VAL A 1 91  ? 4.02760   -4.38018  1.89157   1.000 15.90020  ? 67  VAL A N   1 
ATOM   495  C CA  . VAL A 1 91  ? 5.31560   -4.57451  2.55810   1.000 16.46406  ? 67  VAL A CA  1 
ATOM   496  C C   . VAL A 1 91  ? 5.11815   -5.22608  3.92020   1.000 18.82129  ? 67  VAL A C   1 
ATOM   497  O O   . VAL A 1 91  ? 5.72713   -4.82258  4.91981   1.000 19.97061  ? 67  VAL A O   1 
ATOM   498  C CB  . VAL A 1 91  ? 6.19882   -3.30133  2.62262   1.000 17.10992  ? 67  VAL A CB  1 
ATOM   499  C CG1 . VAL A 1 91  ? 6.57807   -2.85533  1.22498   1.000 19.29677  ? 67  VAL A CG1 1 
ATOM   500  C CG2 . VAL A 1 91  ? 5.54057   -2.18034  3.40388   1.000 20.20036  ? 67  VAL A CG2 1 
ATOM   501  N N   . THR A 1 92  ? 4.29468   -6.26697  3.96420   1.000 19.12798  ? 68  THR A N   1 
ATOM   502  C CA  . THR A 1 92  ? 3.98116   -6.98065  5.19603   1.000 21.48183  ? 68  THR A CA  1 
ATOM   503  C C   . THR A 1 92  ? 4.26714   -8.46254  4.99820   1.000 23.44935  ? 68  THR A C   1 
ATOM   504  O O   . THR A 1 92  ? 4.02022   -9.00602  3.92043   1.000 25.99956  ? 68  THR A O   1 
ATOM   505  C CB  . THR A 1 92  ? 2.49834   -6.75093  5.53970   1.000 21.81489  ? 68  THR A CB  1 
ATOM   506  O OG1 . THR A 1 92  ? 2.26681   -5.35386  5.75740   1.000 24.90813  ? 68  THR A OG1 1 
ATOM   507  C CG2 . THR A 1 92  ? 2.09766   -7.53712  6.79978   1.000 26.37734  ? 68  THR A CG2 1 
ATOM   508  N N   . LYS A 1 93  ? 4.80052   -9.12067  6.02911   1.000 23.43975  ? 69  LYS A N   1 
ATOM   509  C CA  . LYS A 1 93  ? 5.08552   -10.54485 5.91474   1.000 24.46459  ? 69  LYS A CA  1 
ATOM   510  C C   . LYS A 1 93  ? 3.79804   -11.33825 5.71318   1.000 22.03829  ? 69  LYS A C   1 
ATOM   511  O O   . LYS A 1 93  ? 2.75284   -11.02078 6.28792   1.000 23.25097  ? 69  LYS A O   1 
ATOM   512  C CB  . LYS A 1 93  ? 5.79612   -11.05080 7.17348   1.000 32.36887  ? 69  LYS A CB  1 
ATOM   513  C CG  . LYS A 1 93  ? 7.18736   -10.47872 7.39700   1.000 36.57651  ? 69  LYS A CG  1 
ATOM   514  C CD  . LYS A 1 93  ? 7.43695   -10.24297 8.87928   1.000 54.84704  ? 69  LYS A CD  1 
ATOM   515  C CE  . LYS A 1 93  ? 8.92154   -10.12734 9.19025   1.000 55.90523  ? 69  LYS A CE  1 
ATOM   516  N NZ  . LYS A 1 93  ? 9.21234   -10.44487 10.61877  1.000 53.31200  ? 69  LYS A NZ  1 
ATOM   517  N N   A GLN A 1 94  ? 3.88049   -12.38998 4.90002   0.511 23.32555  ? 70  GLN A N   1 
ATOM   518  N N   B GLN A 1 94  ? 3.88700   -12.39126 4.90427   0.489 23.31992  ? 70  GLN A N   1 
ATOM   519  C CA  A GLN A 1 94  ? 2.66907   -13.12785 4.54873   0.511 26.20180  ? 70  GLN A CA  1 
ATOM   520  C CA  B GLN A 1 94  ? 2.68883   -13.14486 4.54322   0.489 26.24552  ? 70  GLN A CA  1 
ATOM   521  C C   A GLN A 1 94  ? 1.92849   -13.71930 5.74306   0.511 26.02212  ? 70  GLN A C   1 
ATOM   522  C C   B GLN A 1 94  ? 1.93491   -13.72752 5.73427   0.489 26.02015  ? 70  GLN A C   1 
ATOM   523  O O   A GLN A 1 94  ? 0.68787   -13.65159 5.75191   0.511 23.75224  ? 70  GLN A O   1 
ATOM   524  O O   B GLN A 1 94  ? 0.69376   -13.65625 5.73440   0.489 23.75300  ? 70  GLN A O   1 
ATOM   525  C CB  A GLN A 1 94  ? 2.94828   -14.19206 3.48079   0.511 29.36544  ? 70  GLN A CB  1 
ATOM   526  C CB  B GLN A 1 94  ? 3.02919   -14.21812 3.50225   0.489 29.36937  ? 70  GLN A CB  1 
ATOM   527  C CG  A GLN A 1 94  ? 1.68185   -14.92070 3.03846   0.511 31.71043  ? 70  GLN A CG  1 
ATOM   528  C CG  B GLN A 1 94  ? 3.77930   -13.67755 2.29874   0.489 32.03763  ? 70  GLN A CG  1 
ATOM   529  C CD  A GLN A 1 94  ? 1.88660   -15.79812 1.81849   0.511 32.98978  ? 70  GLN A CD  1 
ATOM   530  C CD  B GLN A 1 94  ? 3.53344   -14.48188 1.03930   0.489 35.71756  ? 70  GLN A CD  1 
ATOM   531  O OE1 A GLN A 1 94  ? 2.98378   -15.87042 1.26673   0.511 41.42647  ? 70  GLN A OE1 1 
ATOM   532  O OE1 B GLN A 1 94  ? 2.48821   -15.11407 0.88435   0.489 33.83454  ? 70  GLN A OE1 1 
ATOM   533  N NE2 A GLN A 1 94  ? 0.82284   -16.47495 1.39260   0.511 37.50466  ? 70  GLN A NE2 1 
ATOM   534  N NE2 B GLN A 1 94  ? 4.49716   -14.45419 0.12530   0.489 32.38585  ? 70  GLN A NE2 1 
ATOM   535  N N   . PRO A 1 95  ? 2.58060   -14.32446 6.73995   1.000 25.01364  ? 71  PRO A N   1 
ATOM   536  C CA  . PRO A 1 95  ? 1.80763   -14.81716 7.90407   1.000 23.98797  ? 71  PRO A CA  1 
ATOM   537  C C   . PRO A 1 95  ? 1.03379   -13.71625 8.62377   1.000 24.32060  ? 71  PRO A C   1 
ATOM   538  O O   . PRO A 1 95  ? -0.12218  -13.90778 9.06854   1.000 25.16736  ? 71  PRO A O   1 
ATOM   539  C CB  . PRO A 1 95  ? 2.87956   -15.46639 8.79602   1.000 28.00247  ? 71  PRO A CB  1 
ATOM   540  C CG  . PRO A 1 95  ? 4.04103   -15.75419 7.86580   1.000 30.40189  ? 71  PRO A CG  1 
ATOM   541  C CD  . PRO A 1 95  ? 4.01308   -14.67064 6.81897   1.000 23.18268  ? 71  PRO A CD  1 
ATOM   542  N N   . THR A 1 96  ? 1.66036   -12.54007 8.72882   1.000 22.90748  ? 72  THR A N   1 
ATOM   543  C CA  . THR A 1 96  ? 1.00507   -11.38369 9.31417   1.000 21.10953  ? 72  THR A CA  1 
ATOM   544  C C   . THR A 1 96  ? -0.19911  -10.96914 8.47939   1.000 20.82971  ? 72  THR A C   1 
ATOM   545  O O   . THR A 1 96  ? -1.26180  -10.64076 9.02341   1.000 19.94825  ? 72  THR A O   1 
ATOM   546  C CB  . THR A 1 96  ? 2.02507   -10.24594 9.42012   1.000 21.35771  ? 72  THR A CB  1 
ATOM   547  O OG1 . THR A 1 96  ? 3.10788   -10.67097 10.26262  1.000 25.59077  ? 72  THR A OG1 1 
ATOM   548  C CG2 . THR A 1 96  ? 1.42203   -9.00067  10.00081  1.000 21.16680  ? 72  THR A CG2 1 
ATOM   549  N N   . VAL A 1 97  ? -0.03594  -10.96017 7.15015   1.000 20.75567  ? 73  VAL A N   1 
ATOM   550  C CA  . VAL A 1 97  ? -1.15267  -10.63705 6.26541   1.000 21.18020  ? 73  VAL A CA  1 
ATOM   551  C C   . VAL A 1 97  ? -2.29060  -11.61992 6.46361   1.000 19.76800  ? 73  VAL A C   1 
ATOM   552  O O   . VAL A 1 97  ? -3.45871  -11.22725 6.51549   1.000 19.86341  ? 73  VAL A O   1 
ATOM   553  C CB  . VAL A 1 97  ? -0.70330  -10.57716 4.79328   1.000 21.07241  ? 73  VAL A CB  1 
ATOM   554  C CG1 . VAL A 1 97  ? -1.91837  -10.47981 3.87463   1.000 26.54754  ? 73  VAL A CG1 1 
ATOM   555  C CG2 . VAL A 1 97  ? 0.22677   -9.38163  4.57491   1.000 22.54893  ? 73  VAL A CG2 1 
ATOM   556  N N   . THR A 1 98  ? -1.97504  -12.91152 6.56356   1.000 20.87044  ? 74  THR A N   1 
ATOM   557  C CA  . THR A 1 98  ? -3.04207  -13.89307 6.73940   1.000 23.08404  ? 74  THR A CA  1 
ATOM   558  C C   . THR A 1 98  ? -3.83717  -13.63330 8.01833   1.000 20.53622  ? 74  THR A C   1 
ATOM   559  O O   . THR A 1 98  ? -5.07654  -13.67690 8.00476   1.000 20.61196  ? 74  THR A O   1 
ATOM   560  C CB  . THR A 1 98  ? -2.46278  -15.30397 6.69721   1.000 25.93931  ? 74  THR A CB  1 
ATOM   561  O OG1 . THR A 1 98  ? -1.97756  -15.55846 5.37536   1.000 31.75040  ? 74  THR A OG1 1 
ATOM   562  C CG2 . THR A 1 98  ? -3.52364  -16.33090 7.03899   1.000 29.25911  ? 74  THR A CG2 1 
ATOM   563  N N   A ARG A 1 99  ? -3.14737  -13.34492 9.12945   0.502 19.32955  ? 75  ARG A N   1 
ATOM   564  N N   B ARG A 1 99  ? -3.14915  -13.34401 9.12844   0.498 19.33499  ? 75  ARG A N   1 
ATOM   565  C CA  A ARG A 1 99  ? -3.86958  -13.05277 10.37392  0.502 20.26166  ? 75  ARG A CA  1 
ATOM   566  C CA  B ARG A 1 99  ? -3.87782  -13.05456 10.37094  0.498 20.26821  ? 75  ARG A CA  1 
ATOM   567  C C   A ARG A 1 99  ? -4.70299  -11.76948 10.26136  0.502 19.12543  ? 75  ARG A C   1 
ATOM   568  C C   B ARG A 1 99  ? -4.70474  -11.76746 10.26229  0.498 19.12463  ? 75  ARG A C   1 
ATOM   569  O O   A ARG A 1 99  ? -5.84700  -11.69148 10.75799  0.502 20.61179  ? 75  ARG A O   1 
ATOM   570  O O   B ARG A 1 99  ? -5.84872  -11.68835 10.76086  0.498 20.61253  ? 75  ARG A O   1 
ATOM   571  C CB  A ARG A 1 99  ? -2.88510  -12.98204 11.53927  0.502 22.17666  ? 75  ARG A CB  1 
ATOM   572  C CB  B ARG A 1 99  ? -2.90022  -13.01136 11.54234  0.498 22.23435  ? 75  ARG A CB  1 
ATOM   573  C CG  A ARG A 1 99  ? -2.33860  -14.34858 11.94096  0.502 24.31941  ? 75  ARG A CG  1 
ATOM   574  C CG  B ARG A 1 99  ? -2.30162  -14.37836 11.84721  0.498 24.29456  ? 75  ARG A CG  1 
ATOM   575  C CD  A ARG A 1 99  ? -1.44391  -14.25749 13.16653  0.502 28.29783  ? 75  ARG A CD  1 
ATOM   576  C CD  B ARG A 1 99  ? -1.24872  -14.31417 12.93601  0.498 28.58485  ? 75  ARG A CD  1 
ATOM   577  N NE  A ARG A 1 99  ? -0.13363  -13.70023 12.84695  0.502 27.58586  ? 75  ARG A NE  1 
ATOM   578  N NE  B ARG A 1 99  ? -0.88524  -15.64768 13.40384  0.498 29.80622  ? 75  ARG A NE  1 
ATOM   579  C CZ  A ARG A 1 99  ? 0.88976   -14.40568 12.37524  0.502 29.94816  ? 75  ARG A CZ  1 
ATOM   580  C CZ  B ARG A 1 99  ? -0.15146  -15.88535 14.48680  0.498 35.41211  ? 75  ARG A CZ  1 
ATOM   581  N NH1 A ARG A 1 99  ? 0.76133   -15.70893 12.16365  0.502 31.97039  ? 75  ARG A NH1 1 
ATOM   582  N NH1 B ARG A 1 99  ? 0.29949   -14.87641 15.21842  0.498 35.72630  ? 75  ARG A NH1 1 
ATOM   583  N NH2 A ARG A 1 99  ? 2.04414   -13.80443 12.11671  0.502 30.90122  ? 75  ARG A NH2 1 
ATOM   584  N NH2 B ARG A 1 99  ? 0.12816   -17.13277 14.83813  0.498 38.75730  ? 75  ARG A NH2 1 
ATOM   585  N N   . LEU A 1 100 ? -4.14917  -10.75642 9.58908   1.000 19.43927  ? 76  LEU A N   1 
ATOM   586  C CA  . LEU A 1 100 ? -4.87618  -9.51827  9.36378   1.000 19.40816  ? 76  LEU A CA  1 
ATOM   587  C C   . LEU A 1 100 ? -6.14072  -9.77264  8.55718   1.000 16.89059  ? 76  LEU A C   1 
ATOM   588  O O   . LEU A 1 100 ? -7.21549  -9.25983  8.88008   1.000 18.58036  ? 76  LEU A O   1 
ATOM   589  C CB  . LEU A 1 100 ? -3.94009  -8.56640  8.62418   1.000 21.46111  ? 76  LEU A CB  1 
ATOM   590  C CG  . LEU A 1 100 ? -4.49115  -7.22721  8.18307   1.000 22.27497  ? 76  LEU A CG  1 
ATOM   591  C CD1 . LEU A 1 100 ? -4.98234  -6.44461  9.38506   1.000 23.40502  ? 76  LEU A CD1 1 
ATOM   592  C CD2 . LEU A 1 100 ? -3.40967  -6.45106  7.44239   1.000 26.39593  ? 76  LEU A CD2 1 
ATOM   593  N N   . LEU A 1 101 ? -6.02487  -10.57363 7.50085   1.000 18.69900  ? 77  LEU A N   1 
ATOM   594  C CA  . LEU A 1 101 ? -7.20098  -10.89550 6.70374   1.000 18.91964  ? 77  LEU A CA  1 
ATOM   595  C C   . LEU A 1 101 ? -8.21146  -11.70339 7.49400   1.000 19.39727  ? 77  LEU A C   1 
ATOM   596  O O   . LEU A 1 101 ? -9.41114  -11.54490 7.27732   1.000 20.17488  ? 77  LEU A O   1 
ATOM   597  C CB  . LEU A 1 101 ? -6.79661  -11.65261 5.44464   1.000 20.85152  ? 77  LEU A CB  1 
ATOM   598  C CG  . LEU A 1 101 ? -5.96925  -10.84796 4.44455   1.000 20.34681  ? 77  LEU A CG  1 
ATOM   599  C CD1 . LEU A 1 101 ? -5.59759  -11.76448 3.28318   1.000 19.91845  ? 77  LEU A CD1 1 
ATOM   600  C CD2 . LEU A 1 101 ? -6.68393  -9.57391  3.97964   1.000 21.41348  ? 77  LEU A CD2 1 
ATOM   601  N N   . ASP A 1 102 ? -7.76314  -12.55315 8.42030   1.000 19.41726  ? 78  ASP A N   1 
ATOM   602  C CA  . ASP A 1 102 ? -8.73167  -13.25027 9.26154   1.000 20.74960  ? 78  ASP A CA  1 
ATOM   603  C C   . ASP A 1 102 ? -9.62570  -12.23694 9.96088   1.000 19.29250  ? 78  ASP A C   1 
ATOM   604  O O   . ASP A 1 102 ? -10.87039 -12.34044 9.93627   1.000 22.05118  ? 78  ASP A O   1 
ATOM   605  C CB  . ASP A 1 102 ? -8.01796  -14.13627 10.29182  1.000 20.52525  ? 78  ASP A CB  1 
ATOM   606  C CG  . ASP A 1 102 ? -7.33432  -15.34640 9.67652   1.000 24.62147  ? 78  ASP A CG  1 
ATOM   607  O OD1 . ASP A 1 102 ? -7.67976  -15.74190 8.54598   1.000 26.30607  ? 78  ASP A OD1 1 
ATOM   608  O OD2 . ASP A 1 102 ? -6.42981  -15.90264 10.34464  1.000 27.70416  ? 78  ASP A OD2 1 
ATOM   609  N N   . ARG A 1 103 ? -9.00404  -11.21790 10.57406  1.000 20.91205  ? 79  ARG A N   1 
ATOM   610  C CA  . ARG A 1 103 ? -9.85631  -10.25560 11.29063  1.000 21.29237  ? 79  ARG A CA  1 
ATOM   611  C C   . ARG A 1 103 ? -10.62571 -9.31304  10.34678  1.000 19.69188  ? 79  ARG A C   1 
ATOM   612  O O   . ARG A 1 103 ? -11.77780 -8.95147  10.62946  1.000 22.23473  ? 79  ARG A O   1 
ATOM   613  C CB  . ARG A 1 103 ? -9.10790  -9.51500  12.39595  1.000 23.83115  ? 79  ARG A CB  1 
ATOM   614  C CG  . ARG A 1 103 ? -7.82338  -8.88097  11.98599  1.000 27.48466  ? 79  ARG A CG  1 
ATOM   615  C CD  . ARG A 1 103 ? -7.10637  -8.42526  13.24476  1.000 24.95903  ? 79  ARG A CD  1 
ATOM   616  N NE  . ARG A 1 103 ? -5.92637  -7.61369  12.97952  1.000 30.67363  ? 79  ARG A NE  1 
ATOM   617  C CZ  . ARG A 1 103 ? -5.97656  -6.31794  12.68952  1.000 30.38031  ? 79  ARG A CZ  1 
ATOM   618  N NH1 . ARG A 1 103 ? -7.15241  -5.70997  12.62260  1.000 30.58147  ? 79  ARG A NH1 1 
ATOM   619  N NH2 . ARG A 1 103 ? -4.85950  -5.64069  12.47103  1.000 40.41900  ? 79  ARG A NH2 1 
ATOM   620  N N   . MET A 1 104 ? -10.01914 -8.90808  9.22847   1.000 20.15419  ? 80  MET A N   1 
ATOM   621  C CA  . MET A 1 104 ? -10.70604 -8.00432  8.30664   1.000 20.25404  ? 80  MET A CA  1 
ATOM   622  C C   . MET A 1 104 ? -11.86640 -8.70415  7.61402   1.000 22.40314  ? 80  MET A C   1 
ATOM   623  O O   . MET A 1 104 ? -12.89683 -8.07160  7.34760   1.000 22.19040  ? 80  MET A O   1 
ATOM   624  C CB  . MET A 1 104 ? -9.71108  -7.42982  7.29557   1.000 20.20756  ? 80  MET A CB  1 
ATOM   625  C CG  . MET A 1 104 ? -8.64491  -6.50651  7.92364   1.000 21.56829  ? 80  MET A CG  1 
ATOM   626  S SD  . MET A 1 104 ? -7.48049  -5.79833  6.69108   1.000 21.86525  ? 80  MET A SD  1 
ATOM   627  C CE  . MET A 1 104 ? -8.55921  -4.63570  5.85151   1.000 21.96725  ? 80  MET A CE  1 
ATOM   628  N N   . GLU A 1 105 ? -11.72549 -10.00378 7.33060   1.000 20.56839  ? 81  GLU A N   1 
ATOM   629  C CA  . GLU A 1 105 ? -12.82535 -10.76181 6.75536   1.000 22.49539  ? 81  GLU A CA  1 
ATOM   630  C C   . GLU A 1 105 ? -13.92730 -10.96841 7.78336   1.000 22.87795  ? 81  GLU A C   1 
ATOM   631  O O   . GLU A 1 105 ? -15.11880 -10.89104 7.44653   1.000 23.76641  ? 81  GLU A O   1 
ATOM   632  C CB  . GLU A 1 105 ? -12.30967 -12.09917 6.21927   1.000 23.20514  ? 81  GLU A CB  1 
ATOM   633  C CG  . GLU A 1 105 ? -13.31927 -12.86441 5.36923   1.000 30.19554  ? 81  GLU A CG  1 
ATOM   634  C CD  . GLU A 1 105 ? -12.67513 -13.96505 4.53017   1.000 31.90515  ? 81  GLU A CD  1 
ATOM   635  O OE1 . GLU A 1 105 ? -11.57921 -14.44486 4.89948   1.000 33.93449  ? 81  GLU A OE1 1 
ATOM   636  O OE2 . GLU A 1 105 ? -13.27026 -14.34607 3.49485   1.000 32.17918  ? 81  GLU A OE2 1 
ATOM   637  N N   . ALA A 1 106 ? -13.55122 -11.20977 9.04969   1.000 21.69021  ? 82  ALA A N   1 
ATOM   638  C CA  . ALA A 1 106 ? -14.56315 -11.29228 10.10182  1.000 27.04553  ? 82  ALA A CA  1 
ATOM   639  C C   . ALA A 1 106 ? -15.41423 -10.02475 10.16438  1.000 22.83171  ? 82  ALA A C   1 
ATOM   640  O O   . ALA A 1 106 ? -16.61803 -10.08933 10.45436  1.000 28.25449  ? 82  ALA A O   1 
ATOM   641  C CB  . ALA A 1 106 ? -13.90006 -11.56654 11.45601  1.000 24.46565  ? 82  ALA A CB  1 
ATOM   642  N N   . ARG A 1 107 ? -14.81098 -8.86584  9.90000   1.000 22.78489  ? 83  ARG A N   1 
ATOM   643  C CA  . ARG A 1 107 ? -15.49562 -7.57977  9.91662   1.000 23.79643  ? 83  ARG A CA  1 
ATOM   644  C C   . ARG A 1 107 ? -16.12559 -7.23370  8.57399   1.000 26.10967  ? 83  ARG A C   1 
ATOM   645  O O   . ARG A 1 107 ? -16.63541 -6.12001  8.41620   1.000 29.65180  ? 83  ARG A O   1 
ATOM   646  C CB  . ARG A 1 107 ? -14.53766 -6.45914  10.33871  1.000 27.15275  ? 83  ARG A CB  1 
ATOM   647  C CG  . ARG A 1 107 ? -14.11445 -6.52302  11.81100  1.000 25.27240  ? 83  ARG A CG  1 
ATOM   648  C CD  . ARG A 1 107 ? -13.10945 -5.43933  12.15873  1.000 30.18072  ? 83  ARG A CD  1 
ATOM   649  N NE  . ARG A 1 107 ? -13.62606 -4.09829  11.90718  1.000 35.68982  ? 83  ARG A NE  1 
ATOM   650  C CZ  . ARG A 1 107 ? -12.90342 -2.98906  12.01771  1.000 39.91797  ? 83  ARG A CZ  1 
ATOM   651  N NH1 . ARG A 1 107 ? -11.62851 -3.05637  12.39035  1.000 38.24264  ? 83  ARG A NH1 1 
ATOM   652  N NH2 . ARG A 1 107 ? -13.45730 -1.81116  11.76461  1.000 49.00379  ? 83  ARG A NH2 1 
ATOM   653  N N   . GLY A 1 108 ? -16.07705 -8.14450  7.60609   1.000 23.88498  ? 84  GLY A N   1 
ATOM   654  C CA  . GLY A 1 108 ? -16.74090 -7.91253  6.33583   1.000 26.04582  ? 84  GLY A CA  1 
ATOM   655  C C   . GLY A 1 108 ? -16.10070 -6.87193  5.44569   1.000 26.47542  ? 84  GLY A C   1 
ATOM   656  O O   . GLY A 1 108 ? -16.76137 -6.37167  4.53152   1.000 24.54539  ? 84  GLY A O   1 
ATOM   657  N N   . GLN A 1 109 ? -14.82980 -6.53270  5.66953   1.000 21.38750  ? 85  GLN A N   1 
ATOM   658  C CA  . GLN A 1 109 ? -14.15358 -5.52002  4.87107   1.000 20.64699  ? 85  GLN A CA  1 
ATOM   659  C C   . GLN A 1 109 ? -13.44285 -6.09514  3.66072   1.000 17.78645  ? 85  GLN A C   1 
ATOM   660  O O   . GLN A 1 109 ? -13.18287 -5.35700  2.70723   1.000 20.22236  ? 85  GLN A O   1 
ATOM   661  C CB  . GLN A 1 109 ? -13.09593 -4.80569  5.71553   1.000 23.39972  ? 85  GLN A CB  1 
ATOM   662  C CG  . GLN A 1 109 ? -13.64508 -4.10420  6.93327   1.000 28.86779  ? 85  GLN A CG  1 
ATOM   663  C CD  . GLN A 1 109 ? -12.53284 -3.61137  7.83243   1.000 38.83648  ? 85  GLN A CD  1 
ATOM   664  O OE1 . GLN A 1 109 ? -11.50849 -4.27888  7.98498   1.000 36.51968  ? 85  GLN A OE1 1 
ATOM   665  N NE2 . GLN A 1 109 ? -12.71713 -2.43538  8.41892   1.000 37.48011  ? 85  GLN A NE2 1 
ATOM   666  N N   . VAL A 1 110 ? -13.10887 -7.38102  3.69687   1.000 19.77515  ? 86  VAL A N   1 
ATOM   667  C CA  . VAL A 1 110 ? -12.44196 -8.08115  2.60906   1.000 19.87990  ? 86  VAL A CA  1 
ATOM   668  C C   . VAL A 1 110 ? -13.04596 -9.47548  2.51502   1.000 23.32690  ? 86  VAL A C   1 
ATOM   669  O O   . VAL A 1 110 ? -13.77064 -9.92757  3.40439   1.000 22.67330  ? 86  VAL A O   1 
ATOM   670  C CB  . VAL A 1 110 ? -10.91472 -8.19517  2.82606   1.000 20.71964  ? 86  VAL A CB  1 
ATOM   671  C CG1 . VAL A 1 110 ? -10.29720 -6.81677  3.00370   1.000 20.64482  ? 86  VAL A CG1 1 
ATOM   672  C CG2 . VAL A 1 110 ? -10.61263 -9.10886  4.02072   1.000 22.02606  ? 86  VAL A CG2 1 
ATOM   673  N N   . GLU A 1 111 ? -12.71610 -10.16033 1.42121   1.000 22.66068  ? 87  GLU A N   1 
ATOM   674  C CA  . GLU A 1 111 ? -13.15003 -11.53313 1.20633   1.000 25.78213  ? 87  GLU A CA  1 
ATOM   675  C C   . GLU A 1 111 ? -12.04549 -12.30405 0.51332   1.000 24.24577  ? 87  GLU A C   1 
ATOM   676  O O   . GLU A 1 111 ? -11.48988 -11.83212 -0.48285  1.000 24.53185  ? 87  GLU A O   1 
ATOM   677  C CB  . GLU A 1 111 ? -14.40947 -11.59735 0.33170   1.000 27.33785  ? 87  GLU A CB  1 
ATOM   678  C CG  . GLU A 1 111 ? -15.00735 -13.00850 0.28993   1.000 29.98580  ? 87  GLU A CG  1 
ATOM   679  C CD  . GLU A 1 111 ? -16.03450 -13.21524 -0.81925  1.000 38.50212  ? 87  GLU A CD  1 
ATOM   680  O OE1 . GLU A 1 111 ? -16.22412 -12.31164 -1.65843  1.000 32.28063  ? 87  GLU A OE1 1 
ATOM   681  O OE2 . GLU A 1 111 ? -16.66813 -14.29417 -0.83708  1.000 42.56333  ? 87  GLU A OE2 1 
ATOM   682  N N   . ARG A 1 112 ? -11.73716 -13.48238 1.04574   1.000 25.53275  ? 88  ARG A N   1 
ATOM   683  C CA  . ARG A 1 112 ? -10.83421 -14.41846 0.39743   1.000 26.49007  ? 88  ARG A CA  1 
ATOM   684  C C   . ARG A 1 112 ? -11.64479 -15.38915 -0.45396  1.000 32.38314  ? 88  ARG A C   1 
ATOM   685  O O   . ARG A 1 112 ? -12.78889 -15.71811 -0.13121  1.000 31.05910  ? 88  ARG A O   1 
ATOM   686  C CB  . ARG A 1 112 ? -10.00734 -15.18069 1.43367   1.000 26.85870  ? 88  ARG A CB  1 
ATOM   687  C CG  . ARG A 1 112 ? -8.76646  -14.40646 1.87093   1.000 29.00945  ? 88  ARG A CG  1 
ATOM   688  C CD  . ARG A 1 112 ? -8.07660  -15.04570 3.05777   1.000 29.60981  ? 88  ARG A CD  1 
ATOM   689  N NE  . ARG A 1 112 ? -8.89453  -14.99364 4.26565   1.000 30.00179  ? 88  ARG A NE  1 
ATOM   690  C CZ  . ARG A 1 112 ? -8.41127  -15.14280 5.49425   1.000 25.83821  ? 88  ARG A CZ  1 
ATOM   691  N NH1 . ARG A 1 112 ? -9.22235  -15.08798 6.53922   1.000 30.84881  ? 88  ARG A NH1 1 
ATOM   692  N NH2 . ARG A 1 112 ? -7.11704  -15.35630 5.67045   1.000 28.08576  ? 88  ARG A NH2 1 
ATOM   693  N N   A LEU A 1 113 ? -11.04963 -15.82815 -1.55140  0.512 31.43150  ? 89  LEU A N   1 
ATOM   694  N N   B LEU A 1 113 ? -11.04898 -15.82572 -1.55331  0.488 31.43696  ? 89  LEU A N   1 
ATOM   695  C CA  A LEU A 1 113 ? -11.71345 -16.76099 -2.45019  0.512 34.86889  ? 89  LEU A CA  1 
ATOM   696  C CA  B LEU A 1 113 ? -11.71295 -16.75540 -2.45494  0.488 34.86852  ? 89  LEU A CA  1 
ATOM   697  C C   A LEU A 1 113 ? -10.65538 -17.63603 -3.10108  0.512 39.71172  ? 89  LEU A C   1 
ATOM   698  C C   B LEU A 1 113 ? -10.65502 -17.63496 -3.10273  0.488 39.70593  ? 89  LEU A C   1 
ATOM   699  O O   A LEU A 1 113 ? -9.45911  -17.33383 -3.03788  0.512 38.45701  ? 89  LEU A O   1 
ATOM   700  O O   B LEU A 1 113 ? -9.45832  -17.33455 -3.03696  0.488 38.45662  ? 89  LEU A O   1 
ATOM   701  C CB  A LEU A 1 113 ? -12.54555 -16.03120 -3.50749  0.512 40.10274  ? 89  LEU A CB  1 
ATOM   702  C CB  B LEU A 1 113 ? -12.53665 -16.02181 -3.51762  0.488 40.09497  ? 89  LEU A CB  1 
ATOM   703  C CG  A LEU A 1 113 ? -11.93336 -14.79256 -4.15600  0.512 40.66019  ? 89  LEU A CG  1 
ATOM   704  C CG  B LEU A 1 113 ? -11.88398 -14.83285 -4.21868  0.488 40.63550  ? 89  LEU A CG  1 
ATOM   705  C CD1 A LEU A 1 113 ? -11.47260 -15.11228 -5.56694  0.512 43.89077  ? 89  LEU A CD1 1 
ATOM   706  C CD1 B LEU A 1 113 ? -11.32233 -15.26017 -5.56339  0.488 43.79012  ? 89  LEU A CD1 1 
ATOM   707  C CD2 A LEU A 1 113 ? -12.93615 -13.64890 -4.15649  0.512 40.09170  ? 89  LEU A CD2 1 
ATOM   708  C CD2 B LEU A 1 113 ? -12.88635 -13.69930 -4.38337  0.488 40.31980  ? 89  LEU A CD2 1 
ATOM   709  N N   . PRO A 1 114 ? -11.06740 -18.74029 -3.71389  1.000 42.09533  ? 90  PRO A N   1 
ATOM   710  C CA  . PRO A 1 114 ? -10.09175 -19.61990 -4.36769  1.000 43.67794  ? 90  PRO A CA  1 
ATOM   711  C C   . PRO A 1 114 ? -9.77415  -19.13554 -5.77091  1.000 44.37826  ? 90  PRO A C   1 
ATOM   712  O O   . PRO A 1 114 ? -10.57044 -18.45217 -6.41740  1.000 43.66000  ? 90  PRO A O   1 
ATOM   713  C CB  . PRO A 1 114 ? -10.82702 -20.96414 -4.41070  1.000 52.32481  ? 90  PRO A CB  1 
ATOM   714  C CG  . PRO A 1 114 ? -12.26955 -20.57532 -4.53455  1.000 46.72586  ? 90  PRO A CG  1 
ATOM   715  C CD  . PRO A 1 114 ? -12.43738 -19.27302 -3.78094  1.000 45.09600  ? 90  PRO A CD  1 
ATOM   716  N N   . HIS A 1 115 ? -8.58203  -19.49630 -6.23594  1.000 57.98815  ? 91  HIS A N   1 
ATOM   717  C CA  . HIS A 1 115 ? -8.18023  -19.15714 -7.59138  1.000 65.78963  ? 91  HIS A CA  1 
ATOM   718  C C   . HIS A 1 115 ? -8.88250  -20.06463 -8.59375  1.000 75.56587  ? 91  HIS A C   1 
ATOM   719  O O   . HIS A 1 115 ? -9.18770  -21.22584 -8.30653  1.000 76.37468  ? 91  HIS A O   1 
ATOM   720  C CB  . HIS A 1 115 ? -6.66747  -19.29256 -7.75911  1.000 72.00707  ? 91  HIS A CB  1 
ATOM   721  C CG  . HIS A 1 115 ? -6.14322  -18.68551 -9.02366  1.000 83.98035  ? 91  HIS A CG  1 
ATOM   722  N ND1 . HIS A 1 115 ? -6.77949  -17.64727 -9.66969  1.000 87.64010  ? 91  HIS A ND1 1 
ATOM   723  C CD2 . HIS A 1 115 ? -5.04319  -18.96815 -9.76022  1.000 83.19989  ? 91  HIS A CD2 1 
ATOM   724  C CE1 . HIS A 1 115 ? -6.09468  -17.31684 -10.75014 1.000 81.98406  ? 91  HIS A CE1 1 
ATOM   725  N NE2 . HIS A 1 115 ? -5.03627  -18.10287 -10.82860 1.000 86.46263  ? 91  HIS A NE2 1 
ATOM   726  N N   . GLU A 1 116 ? -9.13624  -19.51570 -9.78465  1.000 78.00842  ? 92  GLU A N   1 
ATOM   727  C CA  . GLU A 1 116 ? -9.82851  -20.27602 -10.82129 1.000 91.19625  ? 92  GLU A CA  1 
ATOM   728  C C   . GLU A 1 116 ? -9.15736  -21.61903 -11.06842 1.000 88.75058  ? 92  GLU A C   1 
ATOM   729  O O   . GLU A 1 116 ? -9.83204  -22.63717 -11.25227 1.000 90.30283  ? 92  GLU A O   1 
ATOM   730  C CB  . GLU A 1 116 ? -9.86354  -19.47434 -12.12471 1.000 91.76161  ? 92  GLU A CB  1 
ATOM   731  C CG  . GLU A 1 116 ? -10.52453 -18.11212 -12.02057 1.000 103.23194 ? 92  GLU A CG  1 
ATOM   732  C CD  . GLU A 1 116 ? -9.51551  -16.97918 -12.04512 1.000 108.00634 ? 92  GLU A CD  1 
ATOM   733  O OE1 . GLU A 1 116 ? -9.05249  -16.56853 -10.95892 1.000 90.90051  ? 92  GLU A OE1 1 
ATOM   734  O OE2 . GLU A 1 116 ? -9.18003  -16.50447 -13.15101 1.000 118.50884 ? 92  GLU A OE2 1 
ATOM   735  N N   . SER A 1 117 ? -7.82665  -21.64047 -11.07100 1.000 83.89000  ? 93  SER A N   1 
ATOM   736  C CA  . SER A 1 117 ? -7.06422  -22.81097 -11.48909 1.000 83.29457  ? 93  SER A CA  1 
ATOM   737  C C   . SER A 1 117 ? -6.29544  -23.40361 -10.31764 1.000 83.55235  ? 93  SER A C   1 
ATOM   738  O O   . SER A 1 117 ? -6.65710  -24.46735 -9.81076  1.000 81.97792  ? 93  SER A O   1 
ATOM   739  C CB  . SER A 1 117 ? -6.11829  -22.42265 -12.62848 1.000 89.01684  ? 93  SER A CB  1 
ATOM   740  O OG  . SER A 1 117 ? -6.71998  -21.46032 -13.47888 1.000 85.42014  ? 93  SER A OG  1 
ATOM   741  N N   . ASP A 1 118 ? -5.23262  -22.74340 -9.87245  1.000 88.67422  ? 94  ASP A N   1 
ATOM   742  C CA  . ASP A 1 118 ? -4.33268  -23.27968 -8.85870  1.000 89.52687  ? 94  ASP A CA  1 
ATOM   743  C C   . ASP A 1 118 ? -4.89622  -22.94316 -7.48371  1.000 85.62248  ? 94  ASP A C   1 
ATOM   744  O O   . ASP A 1 118 ? -4.89124  -21.77716 -7.06831  1.000 84.30657  ? 94  ASP A O   1 
ATOM   745  C CB  . ASP A 1 118 ? -2.94081  -22.67915 -9.04602  1.000 81.49240  ? 94  ASP A CB  1 
ATOM   746  C CG  . ASP A 1 118 ? -1.92472  -23.23222 -8.07223  1.000 86.64210  ? 94  ASP A CG  1 
ATOM   747  O OD1 . ASP A 1 118 ? -2.29807  -24.05423 -7.20313  1.000 92.56848  ? 94  ASP A OD1 1 
ATOM   748  O OD2 . ASP A 1 118 ? -0.74443  -22.84744 -8.17962  1.000 83.51416  ? 94  ASP A OD2 1 
ATOM   749  N N   . ARG A 1 119 ? -5.37495  -23.96663 -6.77255  1.000 78.74442  ? 95  ARG A N   1 
ATOM   750  C CA  . ARG A 1 119 ? -5.94039  -23.77593 -5.44557  1.000 78.93584  ? 95  ARG A CA  1 
ATOM   751  C C   . ARG A 1 119 ? -4.89532  -23.86737 -4.34088  1.000 70.11175  ? 95  ARG A C   1 
ATOM   752  O O   . ARG A 1 119 ? -5.25030  -23.92583 -3.15886  1.000 69.68995  ? 95  ARG A O   1 
ATOM   753  C CB  . ARG A 1 119 ? -7.14111  -24.69246 -5.22772  1.000 84.59380  ? 95  ARG A CB  1 
ATOM   754  C CG  . ARG A 1 119 ? -8.23000  -24.44157 -6.26011  1.000 79.30729  ? 95  ARG A CG  1 
ATOM   755  C CD  . ARG A 1 119 ? -9.60718  -24.49430 -5.62932  1.000 93.82589  ? 95  ARG A CD  1 
ATOM   756  N NE  . ARG A 1 119 ? -9.64616  -25.44160 -4.51825  1.000 112.47331 ? 95  ARG A NE  1 
ATOM   757  C CZ  . ARG A 1 119 ? -10.28626 -25.23977 -3.37273  1.000 113.40670 ? 95  ARG A CZ  1 
ATOM   758  N NH1 . ARG A 1 119 ? -10.94636 -24.10644 -3.15894  1.000 94.05782  ? 95  ARG A NH1 1 
ATOM   759  N NH2 . ARG A 1 119 ? -10.25662 -26.17766 -2.43698  1.000 113.25298 ? 95  ARG A NH2 1 
ATOM   760  N N   . ARG A 1 120 ? -3.61344  -23.89730 -4.70673  1.000 76.32400  ? 96  ARG A N   1 
ATOM   761  C CA  . ARG A 1 120 ? -2.55040  -23.47303 -3.80478  1.000 75.42933  ? 96  ARG A CA  1 
ATOM   762  C C   . ARG A 1 120 ? -2.52728  -21.96073 -3.63440  1.000 78.48244  ? 96  ARG A C   1 
ATOM   763  O O   . ARG A 1 120 ? -1.71924  -21.44789 -2.85104  1.000 68.90889  ? 96  ARG A O   1 
ATOM   764  C CB  . ARG A 1 120 ? -1.20777  -23.94712 -4.36019  1.000 79.70547  ? 96  ARG A CB  1 
ATOM   765  C CG  . ARG A 1 120 ? -0.07027  -23.96228 -3.35295  1.000 83.87235  ? 96  ARG A CG  1 
ATOM   766  C CD  . ARG A 1 120 ? 1.28248   -23.86739 -4.05025  1.000 99.64740  ? 96  ARG A CD  1 
ATOM   767  N NE  . ARG A 1 120 ? 1.29927   -24.55901 -5.33868  1.000 93.54679  ? 96  ARG A NE  1 
ATOM   768  C CZ  . ARG A 1 120 ? 1.16832   -23.95430 -6.51478  1.000 90.29994  ? 96  ARG A CZ  1 
ATOM   769  N NH1 . ARG A 1 120 ? 1.00579   -22.63915 -6.57423  1.000 87.60852  ? 96  ARG A NH1 1 
ATOM   770  N NH2 . ARG A 1 120 ? 1.19651   -24.66350 -7.63623  1.000 87.81692  ? 96  ARG A NH2 1 
ATOM   771  N N   . ILE A 1 121 ? -3.40713  -21.25247 -4.34132  1.000 73.12932  ? 97  ILE A N   1 
ATOM   772  C CA  . ILE A 1 121 ? -3.43294  -19.79724 -4.38386  1.000 60.31136  ? 97  ILE A CA  1 
ATOM   773  C C   . ILE A 1 121 ? -4.77372  -19.33305 -3.83570  1.000 59.99189  ? 97  ILE A C   1 
ATOM   774  O O   . ILE A 1 121 ? -5.83023  -19.74559 -4.33184  1.000 48.14009  ? 97  ILE A O   1 
ATOM   775  C CB  . ILE A 1 121 ? -3.23631  -19.27544 -5.81602  1.000 63.68332  ? 97  ILE A CB  1 
ATOM   776  C CG1 . ILE A 1 121 ? -1.86621  -19.68624 -6.36059  1.000 71.85987  ? 97  ILE A CG1 1 
ATOM   777  C CG2 . ILE A 1 121 ? -3.41981  -17.76151 -5.86719  1.000 50.83579  ? 97  ILE A CG2 1 
ATOM   778  C CD1 . ILE A 1 121 ? -1.47125  -18.94472 -7.61825  1.000 61.02012  ? 97  ILE A CD1 1 
ATOM   779  N N   . THR A 1 122 ? -4.73144  -18.47498 -2.82145  1.000 45.98813  ? 98  THR A N   1 
ATOM   780  C CA  . THR A 1 122 ? -5.91031  -17.77668 -2.33159  1.000 39.08959  ? 98  THR A CA  1 
ATOM   781  C C   . THR A 1 122 ? -5.87853  -16.35245 -2.85844  1.000 35.40539  ? 98  THR A C   1 
ATOM   782  O O   . THR A 1 122 ? -4.84415  -15.67896 -2.77484  1.000 33.38205  ? 98  THR A O   1 
ATOM   783  C CB  . THR A 1 122 ? -5.93461  -17.75158 -0.80281  1.000 41.14605  ? 98  THR A CB  1 
ATOM   784  O OG1 . THR A 1 122 ? -5.80189  -19.08342 -0.29247  1.000 44.81715  ? 98  THR A OG1 1 
ATOM   785  C CG2 . THR A 1 122 ? -7.23338  -17.13641 -0.29516  1.000 32.76340  ? 98  THR A CG2 1 
ATOM   786  N N   . LEU A 1 123 ? -6.99187  -15.90677 -3.42487  1.000 29.94553  ? 99  LEU A N   1 
ATOM   787  C CA  . LEU A 1 123 ? -7.15607  -14.52839 -3.84391  1.000 28.27992  ? 99  LEU A CA  1 
ATOM   788  C C   . LEU A 1 123 ? -7.89752  -13.77310 -2.75359  1.000 26.51207  ? 99  LEU A C   1 
ATOM   789  O O   . LEU A 1 123 ? -8.56199  -14.36742 -1.90228  1.000 28.69722  ? 99  LEU A O   1 
ATOM   790  C CB  . LEU A 1 123 ? -7.96220  -14.46529 -5.14134  1.000 28.41674  ? 99  LEU A CB  1 
ATOM   791  C CG  . LEU A 1 123 ? -7.34957  -15.22951 -6.31435  1.000 34.28945  ? 99  LEU A CG  1 
ATOM   792  C CD1 . LEU A 1 123 ? -8.28024  -15.19702 -7.51473  1.000 38.57527  ? 99  LEU A CD1 1 
ATOM   793  C CD2 . LEU A 1 123 ? -5.99883  -14.63570 -6.66312  1.000 34.64099  ? 99  LEU A CD2 1 
ATOM   794  N N   . VAL A 1 124 ? -7.79727  -12.44806 -2.80337  1.000 23.73038  ? 100 VAL A N   1 
ATOM   795  C CA  . VAL A 1 124 ? -8.47260  -11.58752 -1.84110  1.000 22.82239  ? 100 VAL A CA  1 
ATOM   796  C C   . VAL A 1 124 ? -8.96106  -10.33582 -2.55711  1.000 20.95679  ? 100 VAL A C   1 
ATOM   797  O O   . VAL A 1 124 ? -8.30854  -9.84003  -3.48124  1.000 21.84260  ? 100 VAL A O   1 
ATOM   798  C CB  . VAL A 1 124 ? -7.54972  -11.25336 -0.64768  1.000 23.43640  ? 100 VAL A CB  1 
ATOM   799  C CG1 . VAL A 1 124 ? -6.32243  -10.52013 -1.11607  1.000 25.54854  ? 100 VAL A CG1 1 
ATOM   800  C CG2 . VAL A 1 124 ? -8.29552  -10.43599 0.40930   1.000 23.95717  ? 100 VAL A CG2 1 
ATOM   801  N N   A ARG A 1 125 ? -10.12587 -9.83986  -2.13882  0.531 21.49368  ? 101 ARG A N   1 
ATOM   802  N N   B ARG A 1 125 ? -10.11963 -9.83371  -2.13830  0.469 21.45505  ? 101 ARG A N   1 
ATOM   803  C CA  A ARG A 1 125 ? -10.72708 -8.63622  -2.69132  0.531 20.84674  ? 101 ARG A CA  1 
ATOM   804  C CA  B ARG A 1 125 ? -10.67855 -8.61022  -2.68677  0.469 20.75696  ? 101 ARG A CA  1 
ATOM   805  C C   A ARG A 1 125 ? -11.26456 -7.78472  -1.55173  0.531 19.93193  ? 101 ARG A C   1 
ATOM   806  C C   B ARG A 1 125 ? -11.26703 -7.77968  -1.55870  0.469 19.97207  ? 101 ARG A C   1 
ATOM   807  O O   A ARG A 1 125 ? -11.52875 -8.28006  -0.45207  0.531 20.85418  ? 101 ARG A O   1 
ATOM   808  O O   B ARG A 1 125 ? -11.55486 -8.28596  -0.46893  0.469 20.80506  ? 101 ARG A O   1 
ATOM   809  C CB  A ARG A 1 125 ? -11.90445 -8.97828  -3.62316  0.531 21.13234  ? 101 ARG A CB  1 
ATOM   810  C CB  B ARG A 1 125 ? -11.76912 -8.90702  -3.73020  0.469 21.12394  ? 101 ARG A CB  1 
ATOM   811  C CG  A ARG A 1 125 ? -13.13491 -9.48410  -2.86793  0.531 20.98018  ? 101 ARG A CG  1 
ATOM   812  C CG  B ARG A 1 125 ? -12.86164 -9.83041  -3.21275  0.469 20.51922  ? 101 ARG A CG  1 
ATOM   813  C CD  A ARG A 1 125 ? -14.33390 -9.79203  -3.77261  0.531 24.02071  ? 101 ARG A CD  1 
ATOM   814  C CD  B ARG A 1 125 ? -13.98662 -9.99231  -4.23541  0.469 24.13774  ? 101 ARG A CD  1 
ATOM   815  N NE  A ARG A 1 125 ? -15.43746 -10.28950 -2.95854  0.531 22.59203  ? 101 ARG A NE  1 
ATOM   816  N NE  B ARG A 1 125 ? -14.78453 -8.77651  -4.38408  0.469 22.33268  ? 101 ARG A NE  1 
ATOM   817  C CZ  A ARG A 1 125 ? -16.46145 -9.55039  -2.55242  0.531 23.20656  ? 101 ARG A CZ  1 
ATOM   818  C CZ  B ARG A 1 125 ? -15.87360 -8.51022  -3.66667  0.469 20.32225  ? 101 ARG A CZ  1 
ATOM   819  N NH1 A ARG A 1 125 ? -16.55559 -8.27791  -2.91092  0.531 17.53899  ? 101 ARG A NH1 1 
ATOM   820  N NH1 B ARG A 1 125 ? -16.55524 -7.39198  -3.85810  0.469 19.90825  ? 101 ARG A NH1 1 
ATOM   821  N NH2 A ARG A 1 125 ? -17.40156 -10.09360 -1.79645  0.531 25.43917  ? 101 ARG A NH2 1 
ATOM   822  N NH2 B ARG A 1 125 ? -16.27165 -9.37140  -2.74600  0.469 21.24942  ? 101 ARG A NH2 1 
ATOM   823  N N   . ILE A 1 126 ? -11.44441 -6.49365  -1.83206  1.000 19.64808  ? 102 ILE A N   1 
ATOM   824  C CA  . ILE A 1 126 ? -12.16264 -5.61068  -0.92166  1.000 19.35054  ? 102 ILE A CA  1 
ATOM   825  C C   . ILE A 1 126 ? -13.65788 -5.77986  -1.16427  1.000 21.23735  ? 102 ILE A C   1 
ATOM   826  O O   . ILE A 1 126 ? -14.09531 -6.05219  -2.29434  1.000 23.18878  ? 102 ILE A O   1 
ATOM   827  C CB  . ILE A 1 126 ? -11.71156 -4.14720  -1.10139  1.000 19.26140  ? 102 ILE A CB  1 
ATOM   828  C CG1 . ILE A 1 126 ? -12.13841 -3.28412  0.08100   1.000 19.41080  ? 102 ILE A CG1 1 
ATOM   829  C CG2 . ILE A 1 126 ? -12.25619 -3.57688  -2.40546  1.000 23.63241  ? 102 ILE A CG2 1 
ATOM   830  C CD1 . ILE A 1 126 ? -11.51783 -1.88235  0.08041   1.000 22.08833  ? 102 ILE A CD1 1 
ATOM   831  N N   . THR A 1 127 ? -14.44267 -5.64572  -0.10679  1.000 19.35260  ? 103 THR A N   1 
ATOM   832  C CA  . THR A 1 127 ? -15.89496 -5.66111  -0.26533  1.000 18.74925  ? 103 THR A CA  1 
ATOM   833  C C   . THR A 1 127 ? -16.42332 -4.23927  -0.41350  1.000 21.99436  ? 103 THR A C   1 
ATOM   834  O O   . THR A 1 127 ? -15.73348 -3.25480  -0.15602  1.000 21.75347  ? 103 THR A O   1 
ATOM   835  C CB  . THR A 1 127 ? -16.55252 -6.26364  0.96918   1.000 20.91559  ? 103 THR A CB  1 
ATOM   836  O OG1 . THR A 1 127 ? -16.29777 -5.39096  2.07972   1.000 21.18417  ? 103 THR A OG1 1 
ATOM   837  C CG2 . THR A 1 127 ? -16.05093 -7.66506  1.25699   1.000 22.37924  ? 103 THR A CG2 1 
ATOM   838  N N   . ARG A 1 128 ? -17.70151 -4.12725  -0.79052  1.000 20.53449  ? 104 ARG A N   1 
ATOM   839  C CA  . ARG A 1 128 ? -18.31708 -2.80833  -0.81012  1.000 20.61293  ? 104 ARG A CA  1 
ATOM   840  C C   . ARG A 1 128 ? -18.20351 -2.10990  0.54055   1.000 21.11289  ? 104 ARG A C   1 
ATOM   841  O O   . ARG A 1 128 ? -17.92898 -0.90481  0.59908   1.000 22.38868  ? 104 ARG A O   1 
ATOM   842  C CB  . ARG A 1 128 ? -19.78059 -2.89396  -1.24980  1.000 23.59586  ? 104 ARG A CB  1 
ATOM   843  C CG  . ARG A 1 128 ? -20.42260 -1.52491  -1.33115  1.000 26.64707  ? 104 ARG A CG  1 
ATOM   844  C CD  . ARG A 1 128 ? -21.90857 -1.63435  -1.60443  1.000 28.72720  ? 104 ARG A CD  1 
ATOM   845  N NE  . ARG A 1 128 ? -22.54103 -0.32746  -1.77145  1.000 34.64290  ? 104 ARG A NE  1 
ATOM   846  C CZ  . ARG A 1 128 ? -22.99605 0.42042   -0.77215  1.000 34.87933  ? 104 ARG A CZ  1 
ATOM   847  N NH1 . ARG A 1 128 ? -22.89593 -0.00335  0.47974   1.000 38.80491  ? 104 ARG A NH1 1 
ATOM   848  N NH2 . ARG A 1 128 ? -23.56196 1.59301   -1.02771  1.000 40.93578  ? 104 ARG A NH2 1 
ATOM   849  N N   . LYS A 1 129 ? -18.43479 -2.83597  1.63560   1.000 21.40239  ? 105 LYS A N   1 
ATOM   850  C CA  . LYS A 1 129 ? -18.31175 -2.23430  2.96057   1.000 23.32680  ? 105 LYS A CA  1 
ATOM   851  C C   . LYS A 1 129 ? -16.90766 -1.66376  3.17499   1.000 22.09033  ? 105 LYS A C   1 
ATOM   852  O O   . LYS A 1 129 ? -16.74659 -0.53598  3.65688   1.000 25.52270  ? 105 LYS A O   1 
ATOM   853  C CB  . LYS A 1 129 ? -18.64262 -3.27046  4.03693   1.000 25.29203  ? 105 LYS A CB  1 
ATOM   854  C CG  . LYS A 1 129 ? -18.45633 -2.78046  5.46086   1.000 26.25031  ? 105 LYS A CG  1 
ATOM   855  C CD  . LYS A 1 129 ? -18.70151 -3.90299  6.46225   1.000 31.24664  ? 105 LYS A CD  1 
ATOM   856  C CE  . LYS A 1 129 ? -18.41751 -3.44377  7.88280   1.000 38.95305  ? 105 LYS A CE  1 
ATOM   857  N NZ  . LYS A 1 129 ? -18.92274 -4.42541  8.88105   1.000 37.19852  ? 105 LYS A NZ  1 
ATOM   858  N N   . GLY A 1 130 ? -15.87661 -2.43226  2.81802   1.000 21.00397  ? 106 GLY A N   1 
ATOM   859  C CA  . GLY A 1 130 ? -14.51169 -1.93344  2.97714   1.000 22.30796  ? 106 GLY A CA  1 
ATOM   860  C C   . GLY A 1 130 ? -14.23253 -0.71851  2.11616   1.000 24.23286  ? 106 GLY A C   1 
ATOM   861  O O   . GLY A 1 130 ? -13.59738 0.24642   2.56485   1.000 25.33198  ? 106 GLY A O   1 
ATOM   862  N N   . LEU A 1 131 ? -14.72369 -0.73037  0.87202   1.000 20.60638  ? 107 LEU A N   1 
ATOM   863  C CA  . LEU A 1 131 ? -14.50482 0.40113   -0.01771  1.000 21.42943  ? 107 LEU A CA  1 
ATOM   864  C C   . LEU A 1 131 ? -15.16755 1.66234   0.52382   1.000 24.90574  ? 107 LEU A C   1 
ATOM   865  O O   . LEU A 1 131 ? -14.57371 2.75445   0.51357   1.000 24.79314  ? 107 LEU A O   1 
ATOM   866  C CB  . LEU A 1 131 ? -15.01929 0.06201   -1.41809  1.000 24.30699  ? 107 LEU A CB  1 
ATOM   867  C CG  . LEU A 1 131 ? -14.65310 1.02910   -2.54255  1.000 29.60422  ? 107 LEU A CG  1 
ATOM   868  C CD1 . LEU A 1 131 ? -13.15629 0.99484   -2.80082  1.000 29.18223  ? 107 LEU A CD1 1 
ATOM   869  C CD2 . LEU A 1 131 ? -15.42576 0.68293   -3.81264  1.000 32.66560  ? 107 LEU A CD2 1 
ATOM   870  N N   . LYS A 1 132 ? -16.42458 1.54555   0.95616   1.000 25.73770  ? 108 LYS A N   1 
ATOM   871  C CA  . LYS A 1 132 ? -17.09342 2.70037   1.53023   1.000 26.77239  ? 108 LYS A CA  1 
ATOM   872  C C   . LYS A 1 132 ? -16.37441 3.17946   2.78282   1.000 28.01338  ? 108 LYS A C   1 
ATOM   873  O O   . LYS A 1 132 ? -16.30558 4.38903   3.03436   1.000 27.48785  ? 108 LYS A O   1 
ATOM   874  C CB  . LYS A 1 132 ? -18.56012 2.35752   1.82996   1.000 30.44843  ? 108 LYS A CB  1 
ATOM   875  C CG  . LYS A 1 132 ? -19.50551 2.52464   0.63632   1.000 37.11249  ? 108 LYS A CG  1 
ATOM   876  C CD  . LYS A 1 132 ? -19.12694 3.74770   -0.18901  1.000 51.97115  ? 108 LYS A CD  1 
ATOM   877  C CE  . LYS A 1 132 ? -20.05064 3.98152   -1.37936  1.000 61.13558  ? 108 LYS A CE  1 
ATOM   878  N NZ  . LYS A 1 132 ? -19.45761 4.98883   -2.31368  1.000 67.52882  ? 108 LYS A NZ  1 
ATOM   879  N N   . ALA A 1 133 ? -15.81074 2.25146   3.56469   1.000 25.64876  ? 109 ALA A N   1 
ATOM   880  C CA  . ALA A 1 133 ? -15.09532 2.64289   4.77521   1.000 27.67802  ? 109 ALA A CA  1 
ATOM   881  C C   . ALA A 1 133 ? -13.84118 3.44943   4.46234   1.000 27.55657  ? 109 ALA A C   1 
ATOM   882  O O   . ALA A 1 133 ? -13.47480 4.34373   5.23905   1.000 27.04457  ? 109 ALA A O   1 
ATOM   883  C CB  . ALA A 1 133 ? -14.71108 1.40170   5.57582   1.000 26.25231  ? 109 ALA A CB  1 
ATOM   884  N N   . VAL A 1 134 ? -13.18143 3.15276   3.33829   1.000 23.01439  ? 110 VAL A N   1 
ATOM   885  C CA  . VAL A 1 134 ? -11.87246 3.73746   3.04477   1.000 22.76909  ? 110 VAL A CA  1 
ATOM   886  C C   . VAL A 1 134 ? -11.89468 4.87033   2.01553   1.000 26.12970  ? 110 VAL A C   1 
ATOM   887  O O   . VAL A 1 134 ? -10.85904 5.53463   1.83135   1.000 24.23086  ? 110 VAL A O   1 
ATOM   888  C CB  . VAL A 1 134 ? -10.87715 2.62600   2.64114   1.000 23.35359  ? 110 VAL A CB  1 
ATOM   889  C CG1 . VAL A 1 134 ? -11.03659 2.23648   1.18053   1.000 21.88538  ? 110 VAL A CG1 1 
ATOM   890  C CG2 . VAL A 1 134 ? -9.43738  3.02800   2.95755   1.000 27.57556  ? 110 VAL A CG2 1 
ATOM   891  N N   A GLU A 1 135 ? -13.02443 5.12059   1.34620   0.456 25.16175  ? 111 GLU A N   1 
ATOM   892  N N   B GLU A 1 135 ? -13.02780 5.12036   1.34895   0.544 25.12843  ? 111 GLU A N   1 
ATOM   893  C CA  A GLU A 1 135 ? -13.03016 6.06548   0.22736   0.456 27.03878  ? 111 GLU A CA  1 
ATOM   894  C CA  B GLU A 1 135 ? -13.04661 6.06662   0.23055   0.544 27.01894  ? 111 GLU A CA  1 
ATOM   895  C C   A GLU A 1 135 ? -12.59365 7.47320   0.64632   0.456 27.50163  ? 111 GLU A C   1 
ATOM   896  C C   B GLU A 1 135 ? -12.60001 7.47132   0.64491   0.544 27.45667  ? 111 GLU A C   1 
ATOM   897  O O   A GLU A 1 135 ? -11.80284 8.12921   -0.05453  0.456 27.10037  ? 111 GLU A O   1 
ATOM   898  O O   B GLU A 1 135 ? -11.80679 8.12265   -0.05845  0.544 27.10713  ? 111 GLU A O   1 
ATOM   899  C CB  A GLU A 1 135 ? -14.41531 6.09354   -0.41954  0.456 30.24483  ? 111 GLU A CB  1 
ATOM   900  C CB  B GLU A 1 135 ? -14.44326 6.09814   -0.39601  0.544 30.25996  ? 111 GLU A CB  1 
ATOM   901  C CG  A GLU A 1 135 ? -15.53539 6.31847   0.57229   0.456 31.53483  ? 111 GLU A CG  1 
ATOM   902  C CG  B GLU A 1 135 ? -14.46035 5.78271   -1.88141  0.544 36.30515  ? 111 GLU A CG  1 
ATOM   903  C CD  A GLU A 1 135 ? -16.89123 5.92906   0.02291   0.456 41.29256  ? 111 GLU A CD  1 
ATOM   904  C CD  B GLU A 1 135 ? -15.83275 5.36897   -2.38112  0.544 36.39016  ? 111 GLU A CD  1 
ATOM   905  O OE1 A GLU A 1 135 ? -16.94751 5.39049   -1.10314  0.456 42.76168  ? 111 GLU A OE1 1 
ATOM   906  O OE1 B GLU A 1 135 ? -16.84262 5.81203   -1.79572  0.544 42.11690  ? 111 GLU A OE1 1 
ATOM   907  O OE2 A GLU A 1 135 ? -17.90234 6.16056   0.72148   0.456 39.94988  ? 111 GLU A OE2 1 
ATOM   908  O OE2 B GLU A 1 135 ? -15.89762 4.59397   -3.35597  0.544 36.11908  ? 111 GLU A OE2 1 
ATOM   909  N N   . HIS A 1 136 ? -13.12011 7.97428   1.77016   1.000 26.07287  ? 112 HIS A N   1 
ATOM   910  C CA  . HIS A 1 136 ? -12.75681 9.33020   2.18783   1.000 25.67876  ? 112 HIS A CA  1 
ATOM   911  C C   . HIS A 1 136 ? -11.27220 9.41506   2.53338   1.000 23.37972  ? 112 HIS A C   1 
ATOM   912  O O   . HIS A 1 136 ? -10.59120 10.39067  2.17894   1.000 23.63399  ? 112 HIS A O   1 
ATOM   913  C CB  . HIS A 1 136 ? -13.62079 9.80614   3.35814   1.000 28.31363  ? 112 HIS A CB  1 
ATOM   914  C CG  . HIS A 1 136 ? -13.26002 11.17720  3.85425   1.000 28.44015  ? 112 HIS A CG  1 
ATOM   915  N ND1 . HIS A 1 136 ? -13.21399 12.28303  3.03111   1.000 36.12562  ? 112 HIS A ND1 1 
ATOM   916  C CD2 . HIS A 1 136 ? -12.88116 11.60793  5.08059   1.000 34.56332  ? 112 HIS A CD2 1 
ATOM   917  C CE1 . HIS A 1 136 ? -12.85042 13.34049  3.73625   1.000 34.51882  ? 112 HIS A CE1 1 
ATOM   918  N NE2 . HIS A 1 136 ? -12.63862 12.95756  4.98228   1.000 32.12039  ? 112 HIS A NE2 1 
ATOM   919  N N   . LEU A 1 137 ? -10.76412 8.41294   3.24507   1.000 22.33274  ? 113 LEU A N   1 
ATOM   920  C CA  . LEU A 1 137 ? -9.34009  8.36426   3.54982   1.000 21.43089  ? 113 LEU A CA  1 
ATOM   921  C C   . LEU A 1 137 ? -8.50541  8.35611   2.27592   1.000 21.42838  ? 113 LEU A C   1 
ATOM   922  O O   . LEU A 1 137 ? -7.44351  8.98109   2.21995   1.000 21.03028  ? 113 LEU A O   1 
ATOM   923  C CB  . LEU A 1 137 ? -9.04716  7.12865   4.38614   1.000 25.14257  ? 113 LEU A CB  1 
ATOM   924  C CG  . LEU A 1 137 ? -7.72808  7.12952   5.15138   1.000 24.68315  ? 113 LEU A CG  1 
ATOM   925  C CD1 . LEU A 1 137 ? -7.55228  8.41394   5.97626   1.000 22.56288  ? 113 LEU A CD1 1 
ATOM   926  C CD2 . LEU A 1 137 ? -7.66684  5.89541   6.03960   1.000 24.20711  ? 113 LEU A CD2 1 
ATOM   927  N N   . MET A 1 138 ? -8.95892  7.65526   1.23590   1.000 20.89888  ? 114 MET A N   1 
ATOM   928  C CA  . MET A 1 138 ? -8.22560  7.66862   -0.02567  1.000 21.55550  ? 114 MET A CA  1 
ATOM   929  C C   . MET A 1 138 ? -8.18270  9.06310   -0.63252  1.000 23.59605  ? 114 MET A C   1 
ATOM   930  O O   . MET A 1 138 ? -7.16032  9.47651   -1.20372  1.000 22.38115  ? 114 MET A O   1 
ATOM   931  C CB  . MET A 1 138 ? -8.81163  6.66402   -1.01593  1.000 24.84233  ? 114 MET A CB  1 
ATOM   932  C CG  . MET A 1 138 ? -8.45582  5.22818   -0.67341  1.000 24.19108  ? 114 MET A CG  1 
ATOM   933  S SD  . MET A 1 138 ? -9.27263  4.01362   -1.71399  1.000 28.99807  ? 114 MET A SD  1 
ATOM   934  C CE  . MET A 1 138 ? -8.39743  4.25671   -3.25102  1.000 38.15039  ? 114 MET A CE  1 
ATOM   935  N N   A GLU A 1 139 ? -9.29597  9.79825   -0.54223  0.489 22.23464  ? 115 GLU A N   1 
ATOM   936  N N   B GLU A 1 139 ? -9.28808  9.80775   -0.54159  0.511 22.22416  ? 115 GLU A N   1 
ATOM   937  C CA  A GLU A 1 139 ? -9.28481  11.18663  -0.99989  0.489 25.01057  ? 115 GLU A CA  1 
ATOM   938  C CA  B GLU A 1 139 ? -9.23073  11.18337  -1.03742  0.511 24.97949  ? 115 GLU A CA  1 
ATOM   939  C C   A GLU A 1 139 ? -8.24017  12.00008  -0.23815  0.489 22.99136  ? 115 GLU A C   1 
ATOM   940  C C   B GLU A 1 139 ? -8.22917  12.01464  -0.23839  0.511 22.98278  ? 115 GLU A C   1 
ATOM   941  O O   A GLU A 1 139 ? -7.46568  12.76906  -0.83025  0.489 21.66778  ? 115 GLU A O   1 
ATOM   942  O O   B GLU A 1 139 ? -7.46668  12.81283  -0.80683  0.511 21.54731  ? 115 GLU A O   1 
ATOM   943  C CB  A GLU A 1 139 ? -10.67520 11.80017  -0.83255  0.489 26.57076  ? 115 GLU A CB  1 
ATOM   944  C CB  B GLU A 1 139 ? -10.61085 11.83494  -1.04084  0.511 26.73356  ? 115 GLU A CB  1 
ATOM   945  C CG  A GLU A 1 139 ? -11.71207 11.22328  -1.77954  0.489 27.39462  ? 115 GLU A CG  1 
ATOM   946  C CG  B GLU A 1 139 ? -10.63707 13.17579  -1.77060  0.511 27.89674  ? 115 GLU A CG  1 
ATOM   947  C CD  A GLU A 1 139 ? -13.12482 11.68496  -1.46845  0.489 37.66039  ? 115 GLU A CD  1 
ATOM   948  C CD  B GLU A 1 139 ? -9.77684  13.17960  -3.03109  0.511 32.09158  ? 115 GLU A CD  1 
ATOM   949  O OE1 A GLU A 1 139 ? -14.05865 11.23587  -2.16643  0.489 36.61555  ? 115 GLU A OE1 1 
ATOM   950  O OE1 B GLU A 1 139 ? -8.79300  13.95303  -3.08527  0.511 36.01221  ? 115 GLU A OE1 1 
ATOM   951  O OE2 A GLU A 1 139 ? -13.30233 12.48987  -0.52989  0.489 38.91528  ? 115 GLU A OE2 1 
ATOM   952  O OE2 B GLU A 1 139 ? -10.08122 12.40656  -3.96759  0.511 34.96620  ? 115 GLU A OE2 1 
ATOM   953  N N   . LEU A 1 140 ? -8.21054  11.83602  1.08475   1.000 21.72442  ? 116 LEU A N   1 
ATOM   954  C CA  . LEU A 1 140 ? -7.21630  12.53474  1.89782   1.000 20.73433  ? 116 LEU A CA  1 
ATOM   955  C C   . LEU A 1 140 ? -5.80085  12.11748  1.50825   1.000 21.24218  ? 116 LEU A C   1 
ATOM   956  O O   . LEU A 1 140 ? -4.87678  12.94210  1.49728   1.000 20.49384  ? 116 LEU A O   1 
ATOM   957  C CB  . LEU A 1 140 ? -7.46580  12.26832  3.37900   1.000 22.26715  ? 116 LEU A CB  1 
ATOM   958  C CG  . LEU A 1 140 ? -8.77186  12.83422  3.93912   1.000 23.45798  ? 116 LEU A CG  1 
ATOM   959  C CD1 . LEU A 1 140 ? -8.92371  12.46339  5.40903   1.000 25.28068  ? 116 LEU A CD1 1 
ATOM   960  C CD2 . LEU A 1 140 ? -8.83942  14.34661  3.74140   1.000 26.81347  ? 116 LEU A CD2 1 
ATOM   961  N N   . ALA A 1 141 ? -5.61920  10.83724  1.17969   1.000 18.62889  ? 117 ALA A N   1 
ATOM   962  C CA  . ALA A 1 141 ? -4.30473  10.33583  0.80049   1.000 18.00092  ? 117 ALA A CA  1 
ATOM   963  C C   . ALA A 1 141 ? -3.84313  10.98445  -0.49568  1.000 19.04294  ? 117 ALA A C   1 
ATOM   964  O O   . ALA A 1 141 ? -2.66850  11.34374  -0.63788  1.000 18.58679  ? 117 ALA A O   1 
ATOM   965  C CB  . ALA A 1 141 ? -4.36002  8.81873   0.65752   1.000 18.82238  ? 117 ALA A CB  1 
ATOM   966  N N   . ARG A 1 142 ? -4.76186  11.14524  -1.45584  1.000 19.86425  ? 118 ARG A N   1 
ATOM   967  C CA  . ARG A 1 142 ? -4.40522  11.82169  -2.69997  1.000 20.84679  ? 118 ARG A CA  1 
ATOM   968  C C   . ARG A 1 142 ? -4.05018  13.28044  -2.45015  1.000 21.11612  ? 118 ARG A C   1 
ATOM   969  O O   . ARG A 1 142 ? -3.10598  13.80704  -3.05709  1.000 21.29619  ? 118 ARG A O   1 
ATOM   970  C CB  . ARG A 1 142 ? -5.55774  11.72566  -3.70888  1.000 23.69201  ? 118 ARG A CB  1 
ATOM   971  C CG  . ARG A 1 142 ? -5.85420  10.31949  -4.21005  1.000 24.52983  ? 118 ARG A CG  1 
ATOM   972  C CD  . ARG A 1 142 ? -7.02875  10.34466  -5.19467  1.000 45.94065  ? 118 ARG A CD  1 
ATOM   973  N NE  . ARG A 1 142 ? -7.53641  9.01451   -5.52663  1.000 42.89931  ? 118 ARG A NE  1 
ATOM   974  C CZ  . ARG A 1 142 ? -8.64645  8.48701   -5.01622  1.000 44.87750  ? 118 ARG A CZ  1 
ATOM   975  N NH1 . ARG A 1 142 ? -9.37681  9.17495   -4.14564  1.000 38.85407  ? 118 ARG A NH1 1 
ATOM   976  N NH2 . ARG A 1 142 ? -9.03243  7.26940   -5.37919  1.000 46.22561  ? 118 ARG A NH2 1 
ATOM   977  N N   . GLU A 1 143 ? -4.79422  13.94688  -1.56503  1.000 21.40225  ? 119 GLU A N   1 
ATOM   978  C CA  . GLU A 1 143 ? -4.45802  15.33502  -1.24883  1.000 22.28201  ? 119 GLU A CA  1 
ATOM   979  C C   . GLU A 1 143 ? -3.07513  15.44045  -0.61018  1.000 21.99036  ? 119 GLU A C   1 
ATOM   980  O O   . GLU A 1 143 ? -2.26930  16.31096  -0.97279  1.000 21.88609  ? 119 GLU A O   1 
ATOM   981  C CB  . GLU A 1 143 ? -5.52308  15.94658  -0.34632  1.000 25.01527  ? 119 GLU A CB  1 
ATOM   982  C CG  . GLU A 1 143 ? -5.26539  17.40434  -0.01058  1.000 34.61316  ? 119 GLU A CG  1 
ATOM   983  C CD  . GLU A 1 143 ? -4.93983  18.23375  -1.24329  1.000 60.82898  ? 119 GLU A CD  1 
ATOM   984  O OE1 . GLU A 1 143 ? -5.61274  18.05286  -2.28317  1.000 54.09260  ? 119 GLU A OE1 1 
ATOM   985  O OE2 . GLU A 1 143 ? -4.00826  19.06309  -1.17310  1.000 66.36224  ? 119 GLU A OE2 1 
ATOM   986  N N   . HIS A 1 144 ? -2.77325  14.54455  0.33273   1.000 20.95259  ? 120 HIS A N   1 
ATOM   987  C CA  . HIS A 1 144 ? -1.46183  14.57100  0.97219   1.000 21.92080  ? 120 HIS A CA  1 
ATOM   988  C C   . HIS A 1 144 ? -0.35182  14.31317  -0.04449  1.000 20.63295  ? 120 HIS A C   1 
ATOM   989  O O   . HIS A 1 144 ? 0.68127   14.99568  -0.03659  1.000 19.98008  ? 120 HIS A O   1 
ATOM   990  C CB  . HIS A 1 144 ? -1.42753  13.54065  2.10236   1.000 19.95166  ? 120 HIS A CB  1 
ATOM   991  C CG  . HIS A 1 144 ? -0.06355  13.32570  2.68121   1.000 18.93858  ? 120 HIS A CG  1 
ATOM   992  N ND1 . HIS A 1 144 ? 0.61883   12.13868  2.54414   1.000 18.15722  ? 120 HIS A ND1 1 
ATOM   993  C CD2 . HIS A 1 144 ? 0.74349   14.14620  3.39646   1.000 21.77219  ? 120 HIS A CD2 1 
ATOM   994  C CE1 . HIS A 1 144 ? 1.79059   12.23555  3.14896   1.000 20.12044  ? 120 HIS A CE1 1 
ATOM   995  N NE2 . HIS A 1 144 ? 1.89279   13.44485  3.67216   1.000 21.70112  ? 120 HIS A NE2 1 
ATOM   996  N N   . GLU A 1 145 ? -0.54654  13.33473  -0.93524  1.000 18.98674  ? 121 GLU A N   1 
ATOM   997  C CA  . GLU A 1 145 ? 0.45006   13.05970  -1.96623  1.000 20.47410  ? 121 GLU A CA  1 
ATOM   998  C C   . GLU A 1 145 ? 0.66517   14.27046  -2.86101  1.000 20.76463  ? 121 GLU A C   1 
ATOM   999  O O   . GLU A 1 145 ? 1.80428   14.58773  -3.23006  1.000 20.77984  ? 121 GLU A O   1 
ATOM   1000 C CB  . GLU A 1 145 ? 0.00353   11.86661  -2.80337  1.000 22.03797  ? 121 GLU A CB  1 
ATOM   1001 C CG  . GLU A 1 145 ? 0.92121   11.49926  -3.93244  1.000 23.58540  ? 121 GLU A CG  1 
ATOM   1002 C CD  . GLU A 1 145 ? 0.31517   10.40465  -4.76486  1.000 23.57882  ? 121 GLU A CD  1 
ATOM   1003 O OE1 . GLU A 1 145 ? -0.93480  10.36049  -4.88306  1.000 30.71506  ? 121 GLU A OE1 1 
ATOM   1004 O OE2 . GLU A 1 145 ? 1.05241   9.56983   -5.28426  1.000 25.07387  ? 121 GLU A OE2 1 
ATOM   1005 N N   . ARG A 1 146 ? -0.42352  14.94212  -3.24218  1.000 21.27398  ? 122 ARG A N   1 
ATOM   1006 C CA  A ARG A 1 146 ? -0.29794  16.14678  -4.05751  0.522 24.04892  ? 122 ARG A CA  1 
ATOM   1007 C CA  B ARG A 1 146 ? -0.28763  16.14031  -4.06066  0.478 24.03014  ? 122 ARG A CA  1 
ATOM   1008 C C   . ARG A 1 146 ? 0.54458   17.19292  -3.34653  1.000 22.98156  ? 122 ARG A C   1 
ATOM   1009 O O   . ARG A 1 146 ? 1.40074   17.83693  -3.96317  1.000 24.42644  ? 122 ARG A O   1 
ATOM   1010 C CB  A ARG A 1 146 ? -1.68607  16.70574  -4.37774  0.522 26.17779  ? 122 ARG A CB  1 
ATOM   1011 C CB  B ARG A 1 146 ? -1.66798  16.68737  -4.42211  0.478 26.19136  ? 122 ARG A CB  1 
ATOM   1012 C CG  A ARG A 1 146 ? -1.70417  17.72341  -5.51017  0.522 28.07346  ? 122 ARG A CG  1 
ATOM   1013 C CG  B ARG A 1 146 ? -2.26045  16.04820  -5.66126  0.478 27.41744  ? 122 ARG A CG  1 
ATOM   1014 C CD  A ARG A 1 146 ? -2.98580  18.54625  -5.48356  0.522 29.53714  ? 122 ARG A CD  1 
ATOM   1015 C CD  B ARG A 1 146 ? -3.47113  16.83075  -6.15969  0.478 31.57565  ? 122 ARG A CD  1 
ATOM   1016 N NE  A ARG A 1 146 ? -3.09129  19.35537  -4.27285  0.522 35.31854  ? 122 ARG A NE  1 
ATOM   1017 N NE  B ARG A 1 146 ? -4.54329  16.82829  -5.17305  0.478 31.31975  ? 122 ARG A NE  1 
ATOM   1018 C CZ  A ARG A 1 146 ? -2.26539  20.35016  -3.96294  0.522 38.77531  ? 122 ARG A CZ  1 
ATOM   1019 C CZ  B ARG A 1 146 ? -5.50666  15.91311  -5.11441  0.478 28.53873  ? 122 ARG A CZ  1 
ATOM   1020 N NH1 A ARG A 1 146 ? -2.43790  21.02872  -2.83739  0.522 42.46744  ? 122 ARG A NH1 1 
ATOM   1021 N NH1 B ARG A 1 146 ? -5.54515  14.92199  -5.99602  0.478 34.72303  ? 122 ARG A NH1 1 
ATOM   1022 N NH2 A ARG A 1 146 ? -1.26569  20.66867  -4.77681  0.522 39.22009  ? 122 ARG A NH2 1 
ATOM   1023 N NH2 B ARG A 1 146 ? -6.43104  15.99207  -4.17330  0.478 24.91530  ? 122 ARG A NH2 1 
ATOM   1024 N N   . ARG A 1 147 ? 0.31889   17.37683  -2.04626  1.000 22.20613  ? 123 ARG A N   1 
ATOM   1025 C CA  . ARG A 1 147 ? 1.11514   18.34566  -1.29509  1.000 22.62753  ? 123 ARG A CA  1 
ATOM   1026 C C   . ARG A 1 147 ? 2.58786   17.94394  -1.23487  1.000 24.33720  ? 123 ARG A C   1 
ATOM   1027 O O   . ARG A 1 147 ? 3.48037   18.80094  -1.33241  1.000 26.54335  ? 123 ARG A O   1 
ATOM   1028 C CB  . ARG A 1 147 ? 0.54943   18.54738  0.11059   1.000 28.14722  ? 123 ARG A CB  1 
ATOM   1029 C CG  . ARG A 1 147 ? -0.79506  19.25665  0.12831   1.000 36.47462  ? 123 ARG A CG  1 
ATOM   1030 C CD  . ARG A 1 147 ? -1.23957  19.58848  1.54343   1.000 52.28444  ? 123 ARG A CD  1 
ATOM   1031 N NE  . ARG A 1 147 ? -2.16870  18.59455  2.07156   1.000 69.03708  ? 123 ARG A NE  1 
ATOM   1032 C CZ  . ARG A 1 147 ? -1.84515  17.66467  2.96558   1.000 58.35865  ? 123 ARG A CZ  1 
ATOM   1033 N NH1 . ARG A 1 147 ? -2.76070  16.79971  3.38530   1.000 43.01047  ? 123 ARG A NH1 1 
ATOM   1034 N NH2 . ARG A 1 147 ? -0.60807  17.60152  3.44301   1.000 56.29724  ? 123 ARG A NH2 1 
ATOM   1035 N N   . VAL A 1 148 ? 2.86411   16.64542  -1.05828  1.000 20.18362  ? 124 VAL A N   1 
ATOM   1036 C CA  . VAL A 1 148 ? 4.24769   16.17355  -1.00874  1.000 19.43620  ? 124 VAL A CA  1 
ATOM   1037 C C   . VAL A 1 148 ? 4.94801   16.42813  -2.34019  1.000 22.98911  ? 124 VAL A C   1 
ATOM   1038 O O   . VAL A 1 148 ? 6.12569   16.80471  -2.38310  1.000 20.76420  ? 124 VAL A O   1 
ATOM   1039 C CB  . VAL A 1 148 ? 4.29729   14.67893  -0.61899  1.000 19.74672  ? 124 VAL A CB  1 
ATOM   1040 C CG1 . VAL A 1 148 ? 5.71030   14.12255  -0.81209  1.000 20.01023  ? 124 VAL A CG1 1 
ATOM   1041 C CG2 . VAL A 1 148 ? 3.83939   14.46851  0.81153   1.000 21.08131  ? 124 VAL A CG2 1 
ATOM   1042 N N   . LEU A 1 149 ? 4.24028   16.21456  -3.44538  1.000 20.40939  ? 125 LEU A N   1 
ATOM   1043 C CA  . LEU A 1 149 ? 4.86276   16.29017  -4.76000  1.000 22.09665  ? 125 LEU A CA  1 
ATOM   1044 C C   . LEU A 1 149 ? 4.85318   17.68957  -5.36428  1.000 22.78203  ? 125 LEU A C   1 
ATOM   1045 O O   . LEU A 1 149 ? 5.65553   17.95863  -6.26710  1.000 24.08167  ? 125 LEU A O   1 
ATOM   1046 C CB  . LEU A 1 149 ? 4.19615   15.29926  -5.71418  1.000 23.79431  ? 125 LEU A CB  1 
ATOM   1047 C CG  . LEU A 1 149 ? 4.54407   13.84522  -5.37917  1.000 23.23436  ? 125 LEU A CG  1 
ATOM   1048 C CD1 . LEU A 1 149 ? 3.66409   12.90436  -6.18274  1.000 27.46104  ? 125 LEU A CD1 1 
ATOM   1049 C CD2 . LEU A 1 149 ? 6.02248   13.55113  -5.61285  1.000 24.06742  ? 125 LEU A CD2 1 
ATOM   1050 N N   . GLU A 1 150 ? 4.00292   18.58226  -4.86243  1.000 21.73985  ? 126 GLU A N   1 
ATOM   1051 C CA  . GLU A 1 150 ? 3.87044   19.89990  -5.47902  1.000 24.81897  ? 126 GLU A CA  1 
ATOM   1052 C C   . GLU A 1 150 ? 5.17576   20.67515  -5.56560  1.000 25.88263  ? 126 GLU A C   1 
ATOM   1053 O O   . GLU A 1 150 ? 5.41834   21.30325  -6.61152  1.000 26.15466  ? 126 GLU A O   1 
ATOM   1054 C CB  . GLU A 1 150 ? 2.76921   20.70371  -4.77600  1.000 31.72735  ? 126 GLU A CB  1 
ATOM   1055 C CG  . GLU A 1 150 ? 2.54391   22.08970  -5.36491  1.000 33.51994  ? 126 GLU A CG  1 
ATOM   1056 C CD  . GLU A 1 150 ? 1.41869   22.84514  -4.67924  1.000 71.85525  ? 126 GLU A CD  1 
ATOM   1057 O OE1 . GLU A 1 150 ? 1.06521   22.48765  -3.53499  1.000 71.44716  ? 126 GLU A OE1 1 
ATOM   1058 O OE2 . GLU A 1 150 ? 0.88163   23.79442  -5.28974  1.000 78.58188  ? 126 GLU A OE2 1 
ATOM   1059 N N   . PRO A 1 151 ? 6.04065   20.68826  -4.54900  1.000 21.62822  ? 127 PRO A N   1 
ATOM   1060 C CA  . PRO A 1 151 ? 7.28502   21.47165  -4.65584  1.000 25.27234  ? 127 PRO A CA  1 
ATOM   1061 C C   . PRO A 1 151 ? 8.20788   20.98868  -5.74982  1.000 25.91330  ? 127 PRO A C   1 
ATOM   1062 O O   . PRO A 1 151 ? 9.04457   21.76662  -6.22533  1.000 25.47208  ? 127 PRO A O   1 
ATOM   1063 C CB  . PRO A 1 151 ? 7.93444   21.30483  -3.27477  1.000 30.77687  ? 127 PRO A CB  1 
ATOM   1064 C CG  . PRO A 1 151 ? 6.81318   20.85977  -2.37347  1.000 32.24487  ? 127 PRO A CG  1 
ATOM   1065 C CD  . PRO A 1 151 ? 5.88595   20.05793  -3.22798  1.000 26.76620  ? 127 PRO A CD  1 
ATOM   1066 N N   . PHE A 1 152 ? 8.08113   19.73757  -6.17461  1.000 23.59251  ? 128 PHE A N   1 
ATOM   1067 C CA  . PHE A 1 152 ? 8.96008   19.16064  -7.17925  1.000 24.35854  ? 128 PHE A CA  1 
ATOM   1068 C C   . PHE A 1 152 ? 8.50383   19.42507  -8.60958  1.000 28.06317  ? 128 PHE A C   1 
ATOM   1069 O O   . PHE A 1 152 ? 9.31274   19.29918  -9.53870  1.000 30.37281  ? 128 PHE A O   1 
ATOM   1070 C CB  . PHE A 1 152 ? 9.13197   17.66326  -6.89785  1.000 24.57492  ? 128 PHE A CB  1 
ATOM   1071 C CG  . PHE A 1 152 ? 9.83557   17.40719  -5.61026  1.000 23.77838  ? 128 PHE A CG  1 
ATOM   1072 C CD1 . PHE A 1 152 ? 11.21209  17.43454  -5.56616  1.000 24.01348  ? 128 PHE A CD1 1 
ATOM   1073 C CD2 . PHE A 1 152 ? 9.12591   17.20812  -4.43401  1.000 24.33996  ? 128 PHE A CD2 1 
ATOM   1074 C CE1 . PHE A 1 152 ? 11.88115  17.24313  -4.37633  1.000 24.82875  ? 128 PHE A CE1 1 
ATOM   1075 C CE2 . PHE A 1 152 ? 9.79721   17.01253  -3.23307  1.000 23.18448  ? 128 PHE A CE2 1 
ATOM   1076 C CZ  . PHE A 1 152 ? 11.17849  17.03856  -3.20941  1.000 22.19940  ? 128 PHE A CZ  1 
ATOM   1077 N N   . GLY A 1 153 ? 7.24735   19.78879  -8.80467  1.000 26.48814  ? 129 GLY A N   1 
ATOM   1078 C CA  . GLY A 1 153 ? 6.73530   19.98465  -10.14146 1.000 29.66356  ? 129 GLY A CA  1 
ATOM   1079 C C   . GLY A 1 153 ? 6.35351   18.67512  -10.80841 1.000 34.43082  ? 129 GLY A C   1 
ATOM   1080 O O   . GLY A 1 153 ? 6.78236   17.58582  -10.41718 1.000 30.48800  ? 129 GLY A O   1 
ATOM   1081 N N   A LEU A 1 154 ? 5.52881   18.79375  -11.85297 0.545 33.03800  ? 130 LEU A N   1 
ATOM   1082 N N   B LEU A 1 154 ? 5.52728   18.79742  -11.85092 0.455 33.06142  ? 130 LEU A N   1 
ATOM   1083 C CA  A LEU A 1 154 ? 4.96452   17.60863  -12.49003 0.545 31.80226  ? 130 LEU A CA  1 
ATOM   1084 C CA  B LEU A 1 154 ? 4.96220   17.61819  -12.50010 0.455 31.81023  ? 130 LEU A CA  1 
ATOM   1085 C C   A LEU A 1 154 ? 6.04581   16.74633  -13.13359 0.545 32.27697  ? 130 LEU A C   1 
ATOM   1086 C C   B LEU A 1 154 ? 6.04427   16.75000  -13.13154 0.455 32.27973  ? 130 LEU A C   1 
ATOM   1087 O O   A LEU A 1 154 ? 5.99519   15.51269  -13.05587 0.545 28.89902  ? 130 LEU A O   1 
ATOM   1088 O O   B LEU A 1 154 ? 5.99113   15.51762  -13.04627 0.455 28.95414  ? 130 LEU A O   1 
ATOM   1089 C CB  A LEU A 1 154 ? 3.90856   18.01754  -13.51789 0.545 34.51555  ? 130 LEU A CB  1 
ATOM   1090 C CB  B LEU A 1 154 ? 3.93081   18.04485  -13.54618 0.455 34.49396  ? 130 LEU A CB  1 
ATOM   1091 C CG  A LEU A 1 154 ? 2.45606   17.90675  -13.05065 0.545 40.41314  ? 130 LEU A CG  1 
ATOM   1092 C CG  B LEU A 1 154 ? 3.37912   16.94266  -14.44922 0.455 33.72815  ? 130 LEU A CG  1 
ATOM   1093 C CD1 A LEU A 1 154 ? 2.09608   16.45971  -12.75283 0.545 38.69829  ? 130 LEU A CD1 1 
ATOM   1094 C CD1 B LEU A 1 154 ? 2.37756   16.07948  -13.70271 0.455 39.18567  ? 130 LEU A CD1 1 
ATOM   1095 C CD2 A LEU A 1 154 ? 2.21455   18.77960  -11.82961 0.545 42.72371  ? 130 LEU A CD2 1 
ATOM   1096 C CD2 B LEU A 1 154 ? 2.75336   17.53378  -15.70787 0.455 38.54314  ? 130 LEU A CD2 1 
ATOM   1097 N N   . ARG A 1 155 ? 7.03461   17.37307  -13.77109 1.000 29.51508  ? 131 ARG A N   1 
ATOM   1098 C CA  . ARG A 1 155 ? 8.07353   16.60466  -14.44657 1.000 29.75681  ? 131 ARG A CA  1 
ATOM   1099 C C   . ARG A 1 155 ? 8.85930   15.74954  -13.45556 1.000 28.84639  ? 131 ARG A C   1 
ATOM   1100 O O   . ARG A 1 155 ? 9.02526   14.53793  -13.65313 1.000 27.74995  ? 131 ARG A O   1 
ATOM   1101 C CB  . ARG A 1 155 ? 8.99662   17.54935  -15.21434 1.000 35.49323  ? 131 ARG A CB  1 
ATOM   1102 C CG  . ARG A 1 155 ? 10.01146  16.84928  -16.10058 1.000 43.43811  ? 131 ARG A CG  1 
ATOM   1103 C CD  . ARG A 1 155 ? 11.31417  17.63324  -16.15295 1.000 52.52139  ? 131 ARG A CD  1 
ATOM   1104 N NE  . ARG A 1 155 ? 12.38447  16.95708  -15.42691 1.000 65.70335  ? 131 ARG A NE  1 
ATOM   1105 C CZ  . ARG A 1 155 ? 13.30899  17.57887  -14.70230 1.000 65.52871  ? 131 ARG A CZ  1 
ATOM   1106 N NH1 . ARG A 1 155 ? 13.29303  18.90002  -14.59213 1.000 67.90641  ? 131 ARG A NH1 1 
ATOM   1107 N NH2 . ARG A 1 155 ? 14.24612  16.87780  -14.07758 1.000 61.41776  ? 131 ARG A NH2 1 
ATOM   1108 N N   . ARG A 1 156 ? 9.35861   16.36772  -12.38647 1.000 26.57983  ? 132 ARG A N   1 
ATOM   1109 C CA  . ARG A 1 156 ? 10.15645  15.61610  -11.42129 1.000 23.84076  ? 132 ARG A CA  1 
ATOM   1110 C C   . ARG A 1 156 ? 9.30634   14.60391  -10.66441 1.000 26.79289  ? 132 ARG A C   1 
ATOM   1111 O O   . ARG A 1 156 ? 9.78229   13.50505  -10.34669 1.000 23.80093  ? 132 ARG A O   1 
ATOM   1112 C CB  . ARG A 1 156 ? 10.86591  16.56694  -10.47161 1.000 25.55219  ? 132 ARG A CB  1 
ATOM   1113 C CG  . ARG A 1 156 ? 11.89430  17.44634  -11.16648 1.000 30.18581  ? 132 ARG A CG  1 
ATOM   1114 C CD  . ARG A 1 156 ? 12.67012  18.23976  -10.15665 1.000 28.01097  ? 132 ARG A CD  1 
ATOM   1115 N NE  . ARG A 1 156 ? 13.47640  17.35955  -9.31334  1.000 26.63499  ? 132 ARG A NE  1 
ATOM   1116 C CZ  . ARG A 1 156 ? 13.98335  17.72052  -8.14425  1.000 26.18627  ? 132 ARG A CZ  1 
ATOM   1117 N NH1 . ARG A 1 156 ? 13.76362  18.94618  -7.66548  1.000 29.73923  ? 132 ARG A NH1 1 
ATOM   1118 N NH2 . ARG A 1 156 ? 14.70237  16.84909  -7.45153  1.000 28.78689  ? 132 ARG A NH2 1 
ATOM   1119 N N   . ALA A 1 157 ? 8.04157   14.93656  -10.39503 1.000 23.95930  ? 133 ALA A N   1 
ATOM   1120 C CA  . ALA A 1 157 ? 7.16581   13.99532  -9.70923  1.000 22.54957  ? 133 ALA A CA  1 
ATOM   1121 C C   . ALA A 1 157 ? 6.93013   12.75499  -10.55742 1.000 24.54737  ? 133 ALA A C   1 
ATOM   1122 O O   . ALA A 1 157 ? 7.00738   11.61998  -10.06706 1.000 25.05262  ? 133 ALA A O   1 
ATOM   1123 C CB  . ALA A 1 157 ? 5.83989   14.67693  -9.38392  1.000 25.43740  ? 133 ALA A CB  1 
ATOM   1124 N N   . GLU A 1 158 ? 6.64212   12.94837  -11.84652 1.000 25.47009  ? 134 GLU A N   1 
ATOM   1125 C CA  . GLU A 1 158 ? 6.40950   11.80900  -12.71689 1.000 23.93087  ? 134 GLU A CA  1 
ATOM   1126 C C   . GLU A 1 158 ? 7.67806   10.99418  -12.91222 1.000 22.85662  ? 134 GLU A C   1 
ATOM   1127 O O   . GLU A 1 158 ? 7.62072   9.76217   -12.95382 1.000 25.07693  ? 134 GLU A O   1 
ATOM   1128 C CB  . GLU A 1 158 ? 5.85177   12.27484  -14.06152 1.000 30.96417  ? 134 GLU A CB  1 
ATOM   1129 C CG  . GLU A 1 158 ? 5.29317   11.13271  -14.88652 1.000 52.58465  ? 134 GLU A CG  1 
ATOM   1130 C CD  . GLU A 1 158 ? 4.62295   10.07827  -14.02050 1.000 67.83844  ? 134 GLU A CD  1 
ATOM   1131 O OE1 . GLU A 1 158 ? 5.18832   8.97128   -13.87402 1.000 47.35444  ? 134 GLU A OE1 1 
ATOM   1132 O OE2 . GLU A 1 158 ? 3.53196   10.36038  -13.47642 1.000 64.74465  ? 134 GLU A OE2 1 
ATOM   1133 N N   . GLU A 1 159 ? 8.83040   11.65413  -13.04200 1.000 23.31238  ? 135 GLU A N   1 
ATOM   1134 C CA  . GLU A 1 159 ? 10.08237  10.91241  -13.15215 1.000 23.32289  ? 135 GLU A CA  1 
ATOM   1135 C C   . GLU A 1 159 ? 10.32114  10.04553  -11.91792 1.000 22.81142  ? 135 GLU A C   1 
ATOM   1136 O O   . GLU A 1 159 ? 10.74903  8.89113   -12.03395 1.000 22.45425  ? 135 GLU A O   1 
ATOM   1137 C CB  . GLU A 1 159 ? 11.24916  11.87183  -13.36775 1.000 24.94154  ? 135 GLU A CB  1 
ATOM   1138 C CG  . GLU A 1 159 ? 12.61272  11.29563  -12.98529 1.000 33.47186  ? 135 GLU A CG  1 
ATOM   1139 C CD  . GLU A 1 159 ? 13.14177  10.28776  -13.99677 1.000 48.80850  ? 135 GLU A CD  1 
ATOM   1140 O OE1 . GLU A 1 159 ? 14.35904  10.31414  -14.27953 1.000 45.49159  ? 135 GLU A OE1 1 
ATOM   1141 O OE2 . GLU A 1 159 ? 12.34661  9.46449   -14.49888 1.000 51.59390  ? 135 GLU A OE2 1 
ATOM   1142 N N   . LEU A 1 160 ? 10.06761  10.59477  -10.72814 1.000 21.92967  ? 136 LEU A N   1 
ATOM   1143 C CA  . LEU A 1 160 ? 10.22269  9.80889   -9.50448  1.000 20.74648  ? 136 LEU A CA  1 
ATOM   1144 C C   . LEU A 1 160 ? 9.31171   8.58813   -9.52643  1.000 21.28144  ? 136 LEU A C   1 
ATOM   1145 O O   . LEU A 1 160 ? 9.75552   7.46450   -9.26467  1.000 19.67496  ? 136 LEU A O   1 
ATOM   1146 C CB  . LEU A 1 160 ? 9.90982   10.68164  -8.29679  1.000 19.71255  ? 136 LEU A CB  1 
ATOM   1147 C CG  . LEU A 1 160 ? 9.92181   9.93709   -6.94791  1.000 19.22916  ? 136 LEU A CG  1 
ATOM   1148 C CD1 . LEU A 1 160 ? 11.31643  9.41374   -6.64554  1.000 21.63991  ? 136 LEU A CD1 1 
ATOM   1149 C CD2 . LEU A 1 160 ? 9.43407   10.85308  -5.84639  1.000 20.60212  ? 136 LEU A CD2 1 
ATOM   1150 N N   . LYS A 1 161 ? 8.02841   8.78979   -9.83047  1.000 19.54203  ? 137 LYS A N   1 
ATOM   1151 C CA  . LYS A 1 161 ? 7.10088   7.66177   -9.82482  1.000 19.85998  ? 137 LYS A CA  1 
ATOM   1152 C C   . LYS A 1 161 ? 7.48170   6.61066   -10.85945 1.000 22.52508  ? 137 LYS A C   1 
ATOM   1153 O O   . LYS A 1 161 ? 7.38332   5.40368   -10.60260 1.000 21.97164  ? 137 LYS A O   1 
ATOM   1154 C CB  . LYS A 1 161 ? 5.66660   8.13405   -10.02842 1.000 23.57697  ? 137 LYS A CB  1 
ATOM   1155 C CG  . LYS A 1 161 ? 5.09323   8.84601   -8.83588  1.000 22.08166  ? 137 LYS A CG  1 
ATOM   1156 C CD  . LYS A 1 161 ? 3.60623   9.01543   -9.03102  1.000 26.00496  ? 137 LYS A CD  1 
ATOM   1157 C CE  . LYS A 1 161 ? 2.96494   9.69949   -7.84733  1.000 27.40773  ? 137 LYS A CE  1 
ATOM   1158 N NZ  . LYS A 1 161 ? 1.48818   9.76676   -8.01206  1.000 26.77942  ? 137 LYS A NZ  1 
ATOM   1159 N N   . GLN A 1 162 ? 7.93836   7.04753   -12.03610 1.000 21.35105  ? 138 GLN A N   1 
ATOM   1160 C CA  . GLN A 1 162 ? 8.33658   6.09158   -13.06199 1.000 23.01473  ? 138 GLN A CA  1 
ATOM   1161 C C   . GLN A 1 162 ? 9.56297   5.30206   -12.63501 1.000 20.19175  ? 138 GLN A C   1 
ATOM   1162 O O   . GLN A 1 162 ? 9.61461   4.08029   -12.82309 1.000 21.27540  ? 138 GLN A O   1 
ATOM   1163 C CB  . GLN A 1 162 ? 8.62436   6.82404   -14.37218 1.000 28.37678  ? 138 GLN A CB  1 
ATOM   1164 C CG  . GLN A 1 162 ? 8.74030   5.88565   -15.55553 1.000 37.08728  ? 138 GLN A CG  1 
ATOM   1165 C CD  . GLN A 1 162 ? 7.44390   5.14078   -15.82332 1.000 60.61726  ? 138 GLN A CD  1 
ATOM   1166 O OE1 . GLN A 1 162 ? 7.40068   3.90951   -15.79702 1.000 60.39805  ? 138 GLN A OE1 1 
ATOM   1167 N NE2 . GLN A 1 162 ? 6.37464   5.88848   -16.07308 1.000 72.03909  ? 138 GLN A NE2 1 
ATOM   1168 N N   . THR A 1 163 ? 10.56985  5.98059   -12.08102 1.000 19.14868  ? 139 THR A N   1 
ATOM   1169 C CA  . THR A 1 163 ? 11.75521  5.26585   -11.62046 1.000 19.34194  ? 139 THR A CA  1 
ATOM   1170 C C   . THR A 1 163 ? 11.40276  4.25520   -10.53467 1.000 18.53210  ? 139 THR A C   1 
ATOM   1171 O O   . THR A 1 163 ? 11.87253  3.11226   -10.57337 1.000 18.78066  ? 139 THR A O   1 
ATOM   1172 C CB  . THR A 1 163 ? 12.80245  6.25171   -11.12934 1.000 18.42370  ? 139 THR A CB  1 
ATOM   1173 O OG1 . THR A 1 163 ? 13.18449  7.09676   -12.23631 1.000 21.73334  ? 139 THR A OG1 1 
ATOM   1174 C CG2 . THR A 1 163 ? 14.00599  5.51322   -10.63898 1.000 21.88882  ? 139 THR A CG2 1 
ATOM   1175 N N   . LEU A 1 164 ? 10.57443  4.66457   -9.56121  1.000 17.60937  ? 140 LEU A N   1 
ATOM   1176 C CA  . LEU A 1 164 ? 10.19588  3.75329   -8.48444  1.000 16.34691  ? 140 LEU A CA  1 
ATOM   1177 C C   . LEU A 1 164 ? 9.45492   2.54253   -9.03633  1.000 19.12023  ? 140 LEU A C   1 
ATOM   1178 O O   . LEU A 1 164 ? 9.73560   1.40196   -8.65285  1.000 17.81390  ? 140 LEU A O   1 
ATOM   1179 C CB  . LEU A 1 164 ? 9.34334   4.48538   -7.45551  1.000 18.39448  ? 140 LEU A CB  1 
ATOM   1180 C CG  . LEU A 1 164 ? 10.08844  5.56217   -6.65867  1.000 16.30294  ? 140 LEU A CG  1 
ATOM   1181 C CD1 . LEU A 1 164 ? 9.11786   6.34133   -5.80949  1.000 18.04500  ? 140 LEU A CD1 1 
ATOM   1182 C CD2 . LEU A 1 164 ? 11.20863  4.95919   -5.78302  1.000 21.03614  ? 140 LEU A CD2 1 
ATOM   1183 N N   . ARG A 1 165 ? 8.51227   2.76914   -9.95650  1.000 17.60435  ? 141 ARG A N   1 
ATOM   1184 C CA  . ARG A 1 165 ? 7.76976   1.65543   -10.53292 1.000 17.69179  ? 141 ARG A CA  1 
ATOM   1185 C C   . ARG A 1 165 ? 8.69099   0.70257   -11.28884 1.000 17.84075  ? 141 ARG A C   1 
ATOM   1186 O O   . ARG A 1 165 ? 8.57036   -0.52617  -11.17480 1.000 19.46711  ? 141 ARG A O   1 
ATOM   1187 C CB  . ARG A 1 165 ? 6.68145   2.20947   -11.45524 1.000 20.44346  ? 141 ARG A CB  1 
ATOM   1188 C CG  . ARG A 1 165 ? 6.05108   1.18715   -12.38065 1.000 25.36465  ? 141 ARG A CG  1 
ATOM   1189 C CD  . ARG A 1 165 ? 5.59012   -0.03686  -11.62624 1.000 29.48980  ? 141 ARG A CD  1 
ATOM   1190 N NE  . ARG A 1 165 ? 4.55215   0.29854   -10.66213 1.000 27.58482  ? 141 ARG A NE  1 
ATOM   1191 C CZ  . ARG A 1 165 ? 4.18548   -0.49133  -9.65903  1.000 27.59294  ? 141 ARG A CZ  1 
ATOM   1192 N NH1 . ARG A 1 165 ? 4.77806   -1.66873  -9.47837  1.000 26.09993  ? 141 ARG A NH1 1 
ATOM   1193 N NH2 . ARG A 1 165 ? 3.22452   -0.09189  -8.83769  1.000 23.41986  ? 141 ARG A NH2 1 
ATOM   1194 N N   . GLN A 1 166 ? 9.61770   1.25028   -12.07758 1.000 19.07240  ? 142 GLN A N   1 
ATOM   1195 C CA  A GLN A 1 166 ? 10.54992  0.40079   -12.81597 0.417 20.81771  ? 142 GLN A CA  1 
ATOM   1196 C CA  B GLN A 1 166 ? 10.52966  0.38602   -12.81548 0.583 20.83496  ? 142 GLN A CA  1 
ATOM   1197 C C   . GLN A 1 166 ? 11.43010  -0.39835  -11.86602 1.000 19.93327  ? 142 GLN A C   1 
ATOM   1198 O O   . GLN A 1 166 ? 11.71553  -1.57741  -12.10347 1.000 20.60036  ? 142 GLN A O   1 
ATOM   1199 C CB  A GLN A 1 166 ? 11.42413  1.25934   -13.72699 0.417 21.60972  ? 142 GLN A CB  1 
ATOM   1200 C CB  B GLN A 1 166 ? 11.32432  1.20891   -13.83274 0.583 21.63798  ? 142 GLN A CB  1 
ATOM   1201 C CG  A GLN A 1 166 ? 10.72608  1.75827   -14.97056 0.417 24.56098  ? 142 GLN A CG  1 
ATOM   1202 C CG  B GLN A 1 166 ? 10.42857  1.77502   -14.93777 0.583 23.80518  ? 142 GLN A CG  1 
ATOM   1203 C CD  A GLN A 1 166 ? 11.67530  2.48344   -15.89606 0.417 17.65785  ? 142 GLN A CD  1 
ATOM   1204 C CD  B GLN A 1 166 ? 11.07419  2.88915   -15.75823 0.583 20.74093  ? 142 GLN A CD  1 
ATOM   1205 O OE1 A GLN A 1 166 ? 12.28493  1.87937   -16.77987 0.417 25.44956  ? 142 GLN A OE1 1 
ATOM   1206 O OE1 B GLN A 1 166 ? 10.39524  3.54024   -16.55279 0.583 27.29163  ? 142 GLN A OE1 1 
ATOM   1207 N NE2 A GLN A 1 166 ? 11.82431  3.78136   -15.68584 0.417 18.61405  ? 142 GLN A NE2 1 
ATOM   1208 N NE2 B GLN A 1 166 ? 12.37161  3.11432   -15.57003 0.583 19.72786  ? 142 GLN A NE2 1 
ATOM   1209 N N   . MET A 1 167 ? 11.87863  0.23644   -10.77788 1.000 19.41861  ? 143 MET A N   1 
ATOM   1210 C CA  A MET A 1 167 ? 12.69616  -0.47333  -9.79568  0.472 20.73757  ? 143 MET A CA  1 
ATOM   1211 C CA  B MET A 1 167 ? 12.69577  -0.47551  -9.79598  0.528 20.75650  ? 143 MET A CA  1 
ATOM   1212 C C   . MET A 1 167 ? 11.91337  -1.61242  -9.15269  1.000 17.30857  ? 143 MET A C   1 
ATOM   1213 O O   . MET A 1 167 ? 12.41656  -2.73651  -9.02132  1.000 18.32623  ? 143 MET A O   1 
ATOM   1214 C CB  A MET A 1 167 ? 13.19334  0.50873   -8.73410  0.472 22.24424  ? 143 MET A CB  1 
ATOM   1215 C CB  B MET A 1 167 ? 13.20163  0.49267   -8.72453  0.528 22.26424  ? 143 MET A CB  1 
ATOM   1216 C CG  A MET A 1 167 ? 14.34733  -0.00916  -7.90240  0.472 18.45380  ? 143 MET A CG  1 
ATOM   1217 C CG  B MET A 1 167 ? 14.28764  1.41786   -9.20222  0.528 22.07985  ? 143 MET A CG  1 
ATOM   1218 S SD  A MET A 1 167 ? 15.12929  1.30765   -6.95581  0.472 19.32370  ? 143 MET A SD  1 
ATOM   1219 S SD  B MET A 1 167 ? 15.14097  2.27642   -7.86600  0.528 27.67833  ? 143 MET A SD  1 
ATOM   1220 C CE  A MET A 1 167 ? 14.51941  2.71810   -7.85971  0.472 17.77338  ? 143 MET A CE  1 
ATOM   1221 C CE  B MET A 1 167 ? 13.83024  2.43077   -6.65753  0.528 33.56588  ? 143 MET A CE  1 
ATOM   1222 N N   . ILE A 1 168 ? 10.67175  -1.34164  -8.75711  1.000 17.72337  ? 144 ILE A N   1 
ATOM   1223 C CA  . ILE A 1 168 ? 9.86725   -2.39607  -8.15600  1.000 17.49351  ? 144 ILE A CA  1 
ATOM   1224 C C   . ILE A 1 168 ? 9.73164   -3.55802  -9.12406  1.000 19.61011  ? 144 ILE A C   1 
ATOM   1225 O O   . ILE A 1 168 ? 9.93908   -4.72479  -8.76525  1.000 19.22947  ? 144 ILE A O   1 
ATOM   1226 C CB  . ILE A 1 168 ? 8.49066   -1.85511  -7.74289  1.000 18.52284  ? 144 ILE A CB  1 
ATOM   1227 C CG1 . ILE A 1 168 ? 8.61787   -0.83552  -6.59756  1.000 17.83030  ? 144 ILE A CG1 1 
ATOM   1228 C CG2 . ILE A 1 168 ? 7.53714   -3.00087  -7.39295  1.000 18.33796  ? 144 ILE A CG2 1 
ATOM   1229 C CD1 . ILE A 1 168 ? 7.42148   0.07423   -6.47501  1.000 18.81456  ? 144 ILE A CD1 1 
ATOM   1230 N N   . ASP A 1 169 ? 9.40332   -3.24878  -10.37938 1.000 20.06294  ? 145 ASP A N   1 
ATOM   1231 C CA  . ASP A 1 169 ? 9.12827   -4.32472  -11.32094 1.000 22.01043  ? 145 ASP A CA  1 
ATOM   1232 C C   . ASP A 1 169 ? 10.38492  -5.12454  -11.62924 1.000 20.79508  ? 145 ASP A C   1 
ATOM   1233 O O   . ASP A 1 169 ? 10.29687  -6.32220  -11.92337 1.000 24.35175  ? 145 ASP A O   1 
ATOM   1234 C CB  . ASP A 1 169 ? 8.48435   -3.76421  -12.59016 1.000 22.90158  ? 145 ASP A CB  1 
ATOM   1235 C CG  . ASP A 1 169 ? 7.05717   -3.25646  -12.36753 1.000 27.64667  ? 145 ASP A CG  1 
ATOM   1236 O OD1 . ASP A 1 169 ? 6.48440   -3.41509  -11.25858 1.000 28.70010  ? 145 ASP A OD1 1 
ATOM   1237 O OD2 . ASP A 1 169 ? 6.48901   -2.69865  -13.33186 1.000 30.94209  ? 145 ASP A OD2 1 
ATOM   1238 N N   . LEU A 1 170 ? 11.56072  -4.50445  -11.52744 1.000 20.35515  ? 146 LEU A N   1 
ATOM   1239 C CA  . LEU A 1 170 ? 12.79449  -5.25125  -11.73590 1.000 22.11945  ? 146 LEU A CA  1 
ATOM   1240 C C   . LEU A 1 170 ? 13.17462  -6.10759  -10.53649 1.000 23.75082  ? 146 LEU A C   1 
ATOM   1241 O O   . LEU A 1 170 ? 13.85888  -7.12474  -10.70575 1.000 29.21053  ? 146 LEU A O   1 
ATOM   1242 C CB  . LEU A 1 170 ? 13.95435  -4.30623  -12.03641 1.000 23.05147  ? 146 LEU A CB  1 
ATOM   1243 C CG  . LEU A 1 170 ? 13.93451  -3.66501  -13.41422 1.000 23.03823  ? 146 LEU A CG  1 
ATOM   1244 C CD1 . LEU A 1 170 ? 15.04176  -2.62703  -13.48018 1.000 25.53422  ? 146 LEU A CD1 1 
ATOM   1245 C CD2 . LEU A 1 170 ? 14.08017  -4.72900  -14.49686 1.000 28.16263  ? 146 LEU A CD2 1 
ATOM   1246 N N   . HIS A 1 171 ? 12.76386  -5.72163  -9.32379  1.000 19.48174  ? 147 HIS A N   1 
ATOM   1247 C CA  . HIS A 1 171 ? 13.25123  -6.39260  -8.12572  1.000 21.62845  ? 147 HIS A CA  1 
ATOM   1248 C C   . HIS A 1 171 ? 12.23254  -7.28849  -7.43702  1.000 21.19496  ? 147 HIS A C   1 
ATOM   1249 O O   . HIS A 1 171 ? 12.61574  -8.04288  -6.53698  1.000 24.65752  ? 147 HIS A O   1 
ATOM   1250 C CB  . HIS A 1 171 ? 13.85790  -5.37466  -7.14287  1.000 20.58722  ? 147 HIS A CB  1 
ATOM   1251 C CG  . HIS A 1 171 ? 15.16525  -4.82662  -7.62197  1.000 20.43913  ? 147 HIS A CG  1 
ATOM   1252 N ND1 . HIS A 1 171 ? 15.27535  -3.70526  -8.42090  1.000 26.96424  ? 147 HIS A ND1 1 
ATOM   1253 C CD2 . HIS A 1 171 ? 16.41847  -5.30680  -7.47670  1.000 19.43561  ? 147 HIS A CD2 1 
ATOM   1254 C CE1 . HIS A 1 171 ? 16.55424  -3.50118  -8.70306  1.000 18.88931  ? 147 HIS A CE1 1 
ATOM   1255 N NE2 . HIS A 1 171 ? 17.26269  -4.46552  -8.15077  1.000 25.12069  ? 147 HIS A NE2 1 
ATOM   1256 N N   . VAL A 1 172 ? 10.96680  -7.24643  -7.83864  0.918 18.34843  ? 148 VAL A N   1 
ATOM   1257 C CA  . VAL A 1 172 ? 9.97079   -8.09733  -7.21151  1.000 22.06838  ? 148 VAL A CA  1 
ATOM   1258 C C   . VAL A 1 172 ? 10.24158  -9.55387  -7.57453  1.000 28.89908  ? 148 VAL A C   1 
ATOM   1259 O O   . VAL A 1 172 ? 10.75367  -9.86334  -8.65570  1.000 31.96665  ? 148 VAL A O   1 
ATOM   1260 C CB  . VAL A 1 172 ? 8.56307   -7.64563  -7.63862  1.000 23.87066  ? 148 VAL A CB  1 
ATOM   1261 C CG1 . VAL A 1 172 ? 8.33960   -7.91296  -9.11508  1.000 26.85553  ? 148 VAL A CG1 1 
ATOM   1262 C CG2 . VAL A 1 172 ? 7.50756   -8.32643  -6.79620  1.000 29.73233  ? 148 VAL A CG2 1 
ATOM   1263 N N   . HIS A 1 173 ? 9.91424   -10.45846 -6.65685  1.000 32.17939  ? 149 HIS A N   1 
ATOM   1264 C CA  . HIS A 1 173 ? 10.11154  -11.88748 -6.90165  1.000 46.50370  ? 149 HIS A CA  1 
ATOM   1265 C C   . HIS A 1 173 ? 8.83470   -12.54785 -7.40860  1.000 45.48031  ? 149 HIS A C   1 
ATOM   1266 O O   . HIS A 1 173 ? 7.73171   -12.10158 -7.09518  1.000 41.86532  ? 149 HIS A O   1 
ATOM   1267 C CB  . HIS A 1 173 ? 10.59121  -12.58379 -5.63078  1.000 55.64253  ? 149 HIS A CB  1 
ATOM   1268 C CG  . HIS A 1 173 ? 11.70251  -11.86273 -4.93878  1.000 60.75515  ? 149 HIS A CG  1 
ATOM   1269 N ND1 . HIS A 1 173 ? 11.49287  -10.73551 -4.17364  1.000 65.31975  ? 149 HIS A ND1 1 
ATOM   1270 C CD2 . HIS A 1 173 ? 13.03607  -12.09446 -4.91138  1.000 61.31330  ? 149 HIS A CD2 1 
ATOM   1271 C CE1 . HIS A 1 173 ? 12.64872  -10.30990 -3.69566  1.000 72.04792  ? 149 HIS A CE1 1 
ATOM   1272 N NE2 . HIS A 1 173 ? 13.60070  -11.11779 -4.12842  1.000 80.02428  ? 149 HIS A NE2 1 
HETATM 1273 C CAA . ICO B 2 .   ? 0.92404   1.76810   1.53022   1.000 15.92633  ? 201 ICO A CAA 1 
HETATM 1274 C CAD . ICO B 2 .   ? -0.24208  2.53373   1.53894   1.000 16.86870  ? 201 ICO A CAD 1 
HETATM 1275 C CAI . ICO B 2 .   ? -1.33125  2.11844   0.77904   1.000 17.09347  ? 201 ICO A CAI 1 
HETATM 1276 C CAJ . ICO B 2 .   ? -1.23671  0.95156   0.02584   1.000 17.65852  ? 201 ICO A CAJ 1 
HETATM 1277 C CAF . ICO B 2 .   ? -0.07918  0.19796   0.02427   1.000 16.49129  ? 201 ICO A CAF 1 
HETATM 1278 C CAB . ICO B 2 .   ? 1.01270   0.60587   0.79453   1.000 14.75648  ? 201 ICO A CAB 1 
HETATM 1279 N NAE . ICO B 2 .   ? 2.23008   0.07565   0.95758   1.000 16.37438  ? 201 ICO A NAE 1 
HETATM 1280 C CAG . ICO B 2 .   ? 2.94547   0.82268   1.78925   1.000 15.94821  ? 201 ICO A CAG 1 
HETATM 1281 C CAC . ICO B 2 .   ? 2.17333   1.90131   2.16725   1.000 16.02635  ? 201 ICO A CAC 1 
HETATM 1282 C CAH . ICO B 2 .   ? 2.59142   2.98872   3.13319   1.000 18.77123  ? 201 ICO A CAH 1 
HETATM 1283 O OAL . ICO B 2 .   ? 3.74340   2.90484   3.64635   1.000 18.66841  ? 201 ICO A OAL 1 
HETATM 1284 O OAK . ICO B 2 .   ? 1.78612   3.90246   3.45238   1.000 19.68434  ? 201 ICO A OAK 1 
HETATM 1285 H HAD . ICO B 2 .   ? -0.29053  3.31166   2.04549   1.000 20.28015  ? 201 ICO A HAD 1 
HETATM 1286 H HAI . ICO B 2 .   ? -2.11686  2.61695   0.77529   1.000 20.54988  ? 201 ICO A HAI 1 
HETATM 1287 H HAJ . ICO B 2 .   ? -1.96411  0.67534   -0.48386  1.000 21.22795  ? 201 ICO A HAJ 1 
HETATM 1288 H HAF . ICO B 2 .   ? -0.02689  -0.57785  -0.48612  1.000 19.82727  ? 201 ICO A HAF 1 
HETATM 1289 H HAE . ICO B 2 .   ? 2.50867   -0.64415  0.57833   1.000 19.68697  ? 201 ICO A HAE 1 
HETATM 1290 H HAG . ICO B 2 .   ? 3.81516   0.64852   2.06749   1.000 19.17557  ? 201 ICO A HAG 1 
HETATM 1291 S S   . SO4 C 3 .   ? -19.61872 -7.61289  -1.93529  0.445 16.21694  ? 202 SO4 A S   1 
HETATM 1292 O O1  . SO4 C 3 .   ? -20.49529 -7.42958  -3.08870  0.445 20.12000  ? 202 SO4 A O1  1 
HETATM 1293 O O2  . SO4 C 3 .   ? -18.42372 -6.79489  -2.08749  0.445 19.32984  ? 202 SO4 A O2  1 
HETATM 1294 O O3  . SO4 C 3 .   ? -20.28643 -7.27093  -0.70101  0.445 13.83868  ? 202 SO4 A O3  1 
HETATM 1295 O O4  . SO4 C 3 .   ? -19.19977 -9.00420  -1.86534  0.445 19.98264  ? 202 SO4 A O4  1 
HETATM 1296 O O   . HOH D 4 .   ? -10.11391 -1.19081  9.73629   1.000 40.34728  ? 301 HOH A O   1 
HETATM 1297 O O   . HOH D 4 .   ? -12.58789 -17.68754 -6.72772  1.000 52.49925  ? 302 HOH A O   1 
HETATM 1298 O O   . HOH D 4 .   ? 27.74123  6.43788   -0.37556  1.000 40.09057  ? 303 HOH A O   1 
HETATM 1299 O O   . HOH D 4 .   ? 31.43621  7.65355   4.98747   1.000 42.21096  ? 304 HOH A O   1 
HETATM 1300 O O   . HOH D 4 .   ? -20.36103 -11.07343 -2.18033  1.000 24.48571  ? 305 HOH A O   1 
HETATM 1301 O O   . HOH D 4 .   ? -13.53328 -16.62898 2.56388   1.000 42.86574  ? 306 HOH A O   1 
HETATM 1302 O O   . HOH D 4 .   ? -2.05610  8.69924   -6.40634  1.000 37.84383  ? 307 HOH A O   1 
HETATM 1303 O O   . HOH D 4 .   ? 9.33698   24.29387  -6.18442  1.000 33.67208  ? 308 HOH A O   1 
HETATM 1304 O O   . HOH D 4 .   ? 6.40930   5.36490   8.53239   1.000 28.68250  ? 309 HOH A O   1 
HETATM 1305 O O   . HOH D 4 .   ? 23.51756  -1.59897  -1.34651  1.000 18.65677  ? 310 HOH A O   1 
HETATM 1306 O O   . HOH D 4 .   ? -1.09231  12.15633  17.58385  1.000 51.49642  ? 311 HOH A O   1 
HETATM 1307 O O   . HOH D 4 .   ? -10.19007 -4.35343  10.27943  1.000 40.74502  ? 312 HOH A O   1 
HETATM 1308 O O   . HOH D 4 .   ? 1.54275   9.55204   16.36203  1.000 45.67894  ? 313 HOH A O   1 
HETATM 1309 O O   . HOH D 4 .   ? 7.36770   14.61254  8.45053   1.000 28.14035  ? 314 HOH A O   1 
HETATM 1310 O O   . HOH D 4 .   ? -3.00215  -3.57543  12.94269  1.000 36.64438  ? 315 HOH A O   1 
HETATM 1311 O O   . HOH D 4 .   ? -6.02110  -15.68920 12.94542  1.000 30.20590  ? 316 HOH A O   1 
HETATM 1312 O O   . HOH D 4 .   ? 12.37308  9.35352   11.51621  1.000 37.24136  ? 317 HOH A O   1 
HETATM 1313 O O   . HOH D 4 .   ? 6.54076   5.30819   1.83448   1.000 17.21211  ? 318 HOH A O   1 
HETATM 1314 O O   . HOH D 4 .   ? -18.42331 0.78914   5.24468   1.000 32.91857  ? 319 HOH A O   1 
HETATM 1315 O O   . HOH D 4 .   ? 19.60967  11.95819  6.08665   1.000 25.29780  ? 320 HOH A O   1 
HETATM 1316 O O   . HOH D 4 .   ? -14.09340 -6.22552  -4.95943  1.000 39.89508  ? 321 HOH A O   1 
HETATM 1317 O O   . HOH D 4 .   ? 9.41587   19.21688  -12.23511 1.000 31.55647  ? 322 HOH A O   1 
HETATM 1318 O O   . HOH D 4 .   ? 7.72082   17.36603  -0.27513  1.000 26.12003  ? 323 HOH A O   1 
HETATM 1319 O O   . HOH D 4 .   ? -5.00092  15.28482  3.34894   1.000 41.74068  ? 324 HOH A O   1 
HETATM 1320 O O   . HOH D 4 .   ? 2.03998   -11.30360 13.15618  1.000 49.58502  ? 325 HOH A O   1 
HETATM 1321 O O   . HOH D 4 .   ? -11.72883 -17.13554 4.60891   1.000 48.49965  ? 326 HOH A O   1 
HETATM 1322 O O   . HOH D 4 .   ? 4.37127   20.85051  0.21334   1.000 39.15652  ? 327 HOH A O   1 
HETATM 1323 O O   . HOH D 4 .   ? 4.82369   -12.72749 10.76376  1.000 35.66110  ? 328 HOH A O   1 
HETATM 1324 O O   . HOH D 4 .   ? -11.92268 8.11628   -2.78276  1.000 34.17075  ? 329 HOH A O   1 
HETATM 1325 O O   . HOH D 4 .   ? 4.20085   -5.20334  -7.52716  1.000 38.05903  ? 330 HOH A O   1 
HETATM 1326 O O   . HOH D 4 .   ? -4.89858  -18.05177 9.62383   1.000 46.50489  ? 331 HOH A O   1 
HETATM 1327 O O   . HOH D 4 .   ? -7.16167  -18.28401 7.67525   1.000 45.99222  ? 332 HOH A O   1 
HETATM 1328 O O   . HOH D 4 .   ? -12.47869 6.88531   4.99646   1.000 30.92122  ? 333 HOH A O   1 
HETATM 1329 O O   . HOH D 4 .   ? -18.22014 -12.83856 -3.46098  1.000 34.33700  ? 334 HOH A O   1 
HETATM 1330 O O   . HOH D 4 .   ? -14.51573 4.83515   7.72842   1.000 37.08087  ? 335 HOH A O   1 
HETATM 1331 O O   . HOH D 4 .   ? 3.51490   17.03014  4.14348   1.000 38.20172  ? 336 HOH A O   1 
HETATM 1332 O O   . HOH D 4 .   ? -5.61499  0.13049   -5.23922  1.000 28.60471  ? 337 HOH A O   1 
HETATM 1333 O O   . HOH D 4 .   ? 5.05578   -8.75734  10.54148  1.000 38.42910  ? 338 HOH A O   1 
HETATM 1334 O O   . HOH D 4 .   ? 4.93950   -11.70707 -1.05052  1.000 34.64201  ? 339 HOH A O   1 
HETATM 1335 O O   . HOH D 4 .   ? 22.18705  13.20352  -0.40366  1.000 31.66468  ? 340 HOH A O   1 
HETATM 1336 O O   . HOH D 4 .   ? 11.41535  -9.18996  -11.23966 1.000 43.50937  ? 341 HOH A O   1 
HETATM 1337 O O   . HOH D 4 .   ? 13.89086  8.68111   8.38067   1.000 20.57746  ? 342 HOH A O   1 
HETATM 1338 O O   . HOH D 4 .   ? -3.83175  -4.23618  -6.11150  1.000 33.01339  ? 343 HOH A O   1 
HETATM 1339 O O   . HOH D 4 .   ? 21.27499  9.66798   4.55495   1.000 21.86113  ? 344 HOH A O   1 
HETATM 1340 O O   . HOH D 4 .   ? -0.05125  5.96554   3.39223   1.000 17.33579  ? 345 HOH A O   1 
HETATM 1341 O O   . HOH D 4 .   ? 8.14187   -7.57705  -13.15728 1.000 33.68799  ? 346 HOH A O   1 
HETATM 1342 O O   . HOH D 4 .   ? -15.17555 6.91216   3.40980   1.000 32.74484  ? 347 HOH A O   1 
HETATM 1343 O O   . HOH D 4 .   ? 14.98549  9.17758   -11.76449 1.000 25.70739  ? 348 HOH A O   1 
HETATM 1344 O O   . HOH D 4 .   ? -8.95200  0.13898   13.66494  1.000 36.19827  ? 349 HOH A O   1 
HETATM 1345 O O   . HOH D 4 .   ? -8.34072  -12.26365 -9.96119  1.000 44.67700  ? 350 HOH A O   1 
HETATM 1346 O O   . HOH D 4 .   ? -9.68567  11.36577  15.69264  1.000 39.32921  ? 351 HOH A O   1 
HETATM 1347 O O   . HOH D 4 .   ? -19.33353 -7.10883  3.69439   1.000 29.47796  ? 352 HOH A O   1 
HETATM 1348 O O   . HOH D 4 .   ? -16.44696 -10.70349 3.73238   1.000 38.19992  ? 353 HOH A O   1 
HETATM 1349 O O   . HOH D 4 .   ? -4.94864  -15.73501 3.92840   1.000 37.77583  ? 354 HOH A O   1 
HETATM 1350 O O   . HOH D 4 .   ? 1.40505   17.91505  -6.78074  1.000 35.39974  ? 355 HOH A O   1 
HETATM 1351 O O   . HOH D 4 .   ? 0.41506   13.92856  9.72080   1.000 32.45785  ? 356 HOH A O   1 
HETATM 1352 O O   . HOH D 4 .   ? -0.92339  -3.73423  5.82311   1.000 31.80704  ? 357 HOH A O   1 
HETATM 1353 O O   . HOH D 4 .   ? -11.95147 -14.92465 9.56825   1.000 37.67992  ? 358 HOH A O   1 
HETATM 1354 O O   . HOH D 4 .   ? 11.42306  -0.81299  -16.97228 1.000 29.70821  ? 359 HOH A O   1 
HETATM 1355 O O   . HOH D 4 .   ? 11.40236  2.89366   5.76740   1.000 19.67244  ? 360 HOH A O   1 
HETATM 1356 O O   . HOH D 4 .   ? 5.37625   -5.63933  -9.87807  1.000 40.32226  ? 361 HOH A O   1 
HETATM 1357 O O   . HOH D 4 .   ? -10.42201 -5.80662  -4.42845  1.000 23.02439  ? 362 HOH A O   1 
HETATM 1358 O O   . HOH D 4 .   ? 8.05973   -1.40517  -15.32190 1.000 43.25462  ? 363 HOH A O   1 
HETATM 1359 O O   . HOH D 4 .   ? 0.64988   12.41765  -8.63816  1.000 48.69385  ? 364 HOH A O   1 
HETATM 1360 O O   . HOH D 4 .   ? 7.16145   12.04319  9.21284   1.000 27.72334  ? 365 HOH A O   1 
HETATM 1361 O O   . HOH D 4 .   ? -13.01495 -1.87488  -5.39934  1.000 33.57963  ? 366 HOH A O   1 
HETATM 1362 O O   . HOH D 4 .   ? -1.71744  -9.41934  11.58286  1.000 28.78653  ? 367 HOH A O   1 
HETATM 1363 O O   . HOH D 4 .   ? -16.08148 -13.80468 3.78907   1.000 44.46811  ? 368 HOH A O   1 
HETATM 1364 O O   . HOH D 4 .   ? -19.19424 -5.38902  -4.66035  0.50  44.28452  ? 369 HOH A O   1 
HETATM 1365 O O   . HOH D 4 .   ? -0.60904  -16.71600 9.52628   1.000 37.17778  ? 370 HOH A O   1 
HETATM 1366 O O   . HOH D 4 .   ? 3.63423   -3.06864  -13.07257 1.000 46.80134  ? 371 HOH A O   1 
HETATM 1367 O O   . HOH D 4 .   ? 22.50911  11.36587  6.48117   1.000 29.02364  ? 372 HOH A O   1 
HETATM 1368 O O   . HOH D 4 .   ? -11.77857 14.17219  7.58662   1.000 41.16275  ? 373 HOH A O   1 
HETATM 1369 O O   . HOH D 4 .   ? 12.08734  21.23256  -8.26916  1.000 38.36302  ? 374 HOH A O   1 
HETATM 1370 O O   . HOH D 4 .   ? -2.34027  12.82733  -5.67974  1.000 35.58427  ? 375 HOH A O   1 
HETATM 1371 O O   . HOH D 4 .   ? -17.63064 -12.32143 6.98560   1.000 56.13301  ? 376 HOH A O   1 
HETATM 1372 O O   . HOH D 4 .   ? 6.51466   -13.23824 3.92549   1.000 41.40748  ? 377 HOH A O   1 
HETATM 1373 O O   . HOH D 4 .   ? 5.29749   -7.55554  8.45894   1.000 34.70266  ? 378 HOH A O   1 
HETATM 1374 O O   . HOH D 4 .   ? -0.05455  -16.18662 -2.71729  1.000 32.35640  ? 379 HOH A O   1 
HETATM 1375 O O   . HOH D 4 .   ? 8.85420   13.14530  -16.27993 1.000 42.61484  ? 380 HOH A O   1 
HETATM 1376 O O   . HOH D 4 .   ? 8.62434   10.73858  11.22991  1.000 30.13977  ? 381 HOH A O   1 
HETATM 1377 O O   . HOH D 4 .   ? 5.06251   21.58300  -12.83128 1.000 41.49264  ? 382 HOH A O   1 
HETATM 1378 O O   . HOH D 4 .   ? -15.49981 -1.34088  8.30292   1.000 46.95663  ? 383 HOH A O   1 
HETATM 1379 O O   . HOH D 4 .   ? 13.61795  -10.73842 -8.43959  1.000 52.39731  ? 384 HOH A O   1 
HETATM 1380 O O   . HOH D 4 .   ? 0.06940   -10.76928 13.46822  1.000 37.45644  ? 385 HOH A O   1 
HETATM 1381 O O   . HOH D 4 .   ? -13.37824 6.96579   9.16767   1.000 38.82024  ? 386 HOH A O   1 
HETATM 1382 O O   . HOH D 4 .   ? 8.66596   -9.66295  -4.00913  1.000 39.15593  ? 387 HOH A O   1 
HETATM 1383 O O   . HOH D 4 .   ? 15.87833  18.06953  -11.80959 1.000 56.79630  ? 388 HOH A O   1 
HETATM 1384 O O   . HOH D 4 .   ? 3.87024   17.93078  -8.72974  1.000 41.40182  ? 389 HOH A O   1 
HETATM 1385 O O   . HOH D 4 .   ? -0.60877  -6.90675  -7.47638  1.000 50.73322  ? 390 HOH A O   1 
HETATM 1386 O O   . HOH D 4 .   ? 4.26311   -9.45175  -5.85609  1.000 36.10226  ? 391 HOH A O   1 
HETATM 1387 O O   . HOH D 4 .   ? -2.08449  -17.62371 -1.53083  1.000 43.96415  ? 392 HOH A O   1 
HETATM 1388 O O   . HOH D 4 .   ? 6.12974   -10.82410 -4.69207  1.000 45.03736  ? 393 HOH A O   1 
HETATM 1389 O O   . HOH D 4 .   ? -4.39480  -11.76472 -9.61738  1.000 51.67377  ? 394 HOH A O   1 
HETATM 1390 O O   . HOH D 4 .   ? 7.52471   0.43342   4.86099   1.000 30.78717  ? 395 HOH A O   1 
HETATM 1391 O O   . HOH D 4 .   ? -17.93701 -11.50295 1.08367   1.000 45.00889  ? 396 HOH A O   1 
HETATM 1392 O O   . HOH D 4 .   ? -21.57072 -9.51810  1.27977   1.000 45.50006  ? 397 HOH A O   1 
HETATM 1393 O O   . HOH D 4 .   ? 4.50600   4.94948   -12.16473 1.000 51.03174  ? 398 HOH A O   1 
HETATM 1394 O O   . HOH D 4 .   ? 23.60981  11.34659  9.27205   1.000 32.54179  ? 399 HOH A O   1 
HETATM 1395 O O   . HOH D 4 .   ? -1.25263  -6.50994  11.36689  1.000 45.75077  ? 400 HOH A O   1 
HETATM 1396 O O   . HOH D 4 .   ? 1.90008   -1.74537  11.23063  1.000 53.55931  ? 401 HOH A O   1 
HETATM 1397 O O   . HOH D 4 .   ? 5.31396   -16.89875 3.68844   1.000 45.55529  ? 402 HOH A O   1 
HETATM 1398 O O   . HOH D 4 .   ? -5.60368  -17.85497 3.66146   1.000 48.73302  ? 403 HOH A O   1 
HETATM 1399 O O   . HOH D 4 .   ? 13.51627  10.39851  -9.56431  0.50  24.26708  ? 404 HOH A O   1 
HETATM 1400 O O   . HOH D 4 .   ? 4.75323   12.21705  11.05269  1.000 37.41588  ? 405 HOH A O   1 
HETATM 1401 O O   . HOH D 4 .   ? -0.15859  13.41643  -6.84844  1.000 42.01829  ? 406 HOH A O   1 
HETATM 1402 O O   . HOH D 4 .   ? -9.77901  -18.39814 2.94235   1.000 49.41218  ? 407 HOH A O   1 
HETATM 1403 O O   . HOH D 4 .   ? -11.06868 -13.78995 -9.39891  1.000 49.49270  ? 408 HOH A O   1 
HETATM 1404 O O   . HOH D 4 .   ? 3.57020   10.98336  13.63407  1.000 55.56370  ? 409 HOH A O   1 
HETATM 1405 O O   . HOH D 4 .   ? 5.87002   -7.18828  -11.84396 1.000 43.22610  ? 410 HOH A O   1 
HETATM 1406 O O   . HOH D 4 .   ? 16.43514  20.32133  -10.16086 1.000 52.25614  ? 411 HOH A O   1 
HETATM 1407 O O   . HOH D 4 .   ? 18.36995  -4.16291  -11.96021 1.000 33.35694  ? 412 HOH A O   1 
HETATM 1408 O O   . HOH D 4 .   ? -16.79284 -14.14785 10.31628  1.000 52.15772  ? 413 HOH A O   1 
HETATM 1409 O O   . HOH D 4 .   ? -14.32640 -0.16421  -7.21223  1.000 48.34773  ? 414 HOH A O   1 
HETATM 1410 O O   . HOH D 4 .   ? -2.90352  -17.99994 10.25554  1.000 46.89636  ? 415 HOH A O   1 
HETATM 1411 O O   . HOH D 4 .   ? 7.09507   3.17714   7.43052   1.000 37.11797  ? 416 HOH A O   1 
HETATM 1412 O O   . HOH D 4 .   ? 0.26704   -18.42514 7.55119   1.000 48.22635  ? 417 HOH A O   1 
HETATM 1413 O O   . HOH D 4 .   ? 3.12524   2.04161   12.07708  1.000 44.67097  ? 418 HOH A O   1 
HETATM 1414 O O   . HOH D 4 .   ? -17.39052 0.24539   7.78968   1.000 45.63160  ? 419 HOH A O   1 
HETATM 1415 O O   . HOH D 4 .   ? 3.60023   -9.11942  -9.00568  1.000 53.12830  ? 420 HOH A O   1 
HETATM 1416 O O   . HOH D 4 .   ? 9.53677   -2.58184  4.73540   1.000 40.72793  ? 421 HOH A O   1 
HETATM 1417 O O   . HOH D 4 .   ? -12.94915 8.50024   7.20454   1.000 36.98883  ? 422 HOH A O   1 
HETATM 1418 O O   . HOH D 4 .   ? 0.55551   15.87192  -8.06083  1.000 44.58035  ? 423 HOH A O   1 
HETATM 1419 O O   . HOH D 4 .   ? 2.99845   14.01316  11.19852  1.000 47.77749  ? 424 HOH A O   1 
HETATM 1420 O O   . HOH D 4 .   ? 2.53925   16.04634  -9.17778  1.000 50.06777  ? 425 HOH A O   1 
HETATM 1421 O O   . HOH D 4 .   ? 7.54325   -14.43402 6.98428   1.000 35.84451  ? 426 HOH A O   1 
HETATM 1422 O O   . HOH D 4 .   ? 2.48327   14.20458  13.86677  1.000 57.72170  ? 427 HOH A O   1 
HETATM 1423 O O   . HOH D 4 .   ? 6.89735   -14.63713 9.52775   0.50  36.25468  ? 428 HOH A O   1 
HETATM 1424 O O   . HOH D 4 .   ? 7.05830   -17.15230 6.01473   1.000 40.45678  ? 429 HOH A O   1 
# 
loop_
_pdbx_poly_seq_scheme.asym_id 
_pdbx_poly_seq_scheme.entity_id 
_pdbx_poly_seq_scheme.seq_id 
_pdbx_poly_seq_scheme.mon_id 
_pdbx_poly_seq_scheme.ndb_seq_num 
_pdbx_poly_seq_scheme.pdb_seq_num 
_pdbx_poly_seq_scheme.auth_seq_num 
_pdbx_poly_seq_scheme.pdb_mon_id 
_pdbx_poly_seq_scheme.auth_mon_id 
_pdbx_poly_seq_scheme.pdb_strand_id 
_pdbx_poly_seq_scheme.pdb_ins_code 
_pdbx_poly_seq_scheme.hetero 
A 1 1   MET 1   -23 ?   ?   ?   A . n 
A 1 2   HIS 2   -22 ?   ?   ?   A . n 
A 1 3   HIS 3   -21 ?   ?   ?   A . n 
A 1 4   HIS 4   -20 ?   ?   ?   A . n 
A 1 5   HIS 5   -19 ?   ?   ?   A . n 
A 1 6   HIS 6   -18 ?   ?   ?   A . n 
A 1 7   HIS 7   -17 ?   ?   ?   A . n 
A 1 8   SER 8   -16 ?   ?   ?   A . n 
A 1 9   SER 9   -15 ?   ?   ?   A . n 
A 1 10  GLY 10  -14 ?   ?   ?   A . n 
A 1 11  VAL 11  -13 ?   ?   ?   A . n 
A 1 12  ASP 12  -12 ?   ?   ?   A . n 
A 1 13  LEU 13  -11 ?   ?   ?   A . n 
A 1 14  GLY 14  -10 ?   ?   ?   A . n 
A 1 15  THR 15  -9  ?   ?   ?   A . n 
A 1 16  GLU 16  -8  ?   ?   ?   A . n 
A 1 17  ASN 17  -7  ?   ?   ?   A . n 
A 1 18  LEU 18  -6  ?   ?   ?   A . n 
A 1 19  TYR 19  -5  ?   ?   ?   A . n 
A 1 20  PHE 20  -4  ?   ?   ?   A . n 
A 1 21  GLN 21  -3  ?   ?   ?   A . n 
A 1 22  SER 22  -2  ?   ?   ?   A . n 
A 1 23  ASN 23  -1  ?   ?   ?   A . n 
A 1 24  ALA 24  0   ?   ?   ?   A . n 
A 1 25  MET 25  1   ?   ?   ?   A . n 
A 1 26  ALA 26  2   ?   ?   ?   A . n 
A 1 27  GLU 27  3   ?   ?   ?   A . n 
A 1 28  GLN 28  4   ?   ?   ?   A . n 
A 1 29  PRO 29  5   ?   ?   ?   A . n 
A 1 30  PRO 30  6   ?   ?   ?   A . n 
A 1 31  GLU 31  7   ?   ?   ?   A . n 
A 1 32  THR 32  8   ?   ?   ?   A . n 
A 1 33  HIS 33  9   9   HIS HIS A . n 
A 1 34  ARG 34  10  10  ARG ARG A . n 
A 1 35  PHE 35  11  11  PHE PHE A . n 
A 1 36  VAL 36  12  12  VAL VAL A . n 
A 1 37  ASP 37  13  13  ASP ASP A . n 
A 1 38  ASP 38  14  14  ASP ASP A . n 
A 1 39  TYR 39  15  15  TYR TYR A . n 
A 1 40  LEU 40  16  16  LEU LEU A . n 
A 1 41  PRO 41  17  17  PRO PRO A . n 
A 1 42  ALA 42  18  18  ALA ALA A . n 
A 1 43  LEU 43  19  19  LEU LEU A . n 
A 1 44  LEU 44  20  20  LEU LEU A . n 
A 1 45  ALA 45  21  21  ALA ALA A . n 
A 1 46  GLN 46  22  22  GLN GLN A . n 
A 1 47  ALA 47  23  23  ALA ALA A . n 
A 1 48  SER 48  24  24  SER SER A . n 
A 1 49  GLN 49  25  25  GLN GLN A . n 
A 1 50  LEU 50  26  26  LEU LEU A . n 
A 1 51  ILE 51  27  27  ILE ILE A . n 
A 1 52  SER 52  28  28  SER SER A . n 
A 1 53  SER 53  29  29  SER SER A . n 
A 1 54  GLU 54  30  30  GLU GLU A . n 
A 1 55  PHE 55  31  31  PHE PHE A . n 
A 1 56  HIS 56  32  32  HIS HIS A . n 
A 1 57  GLU 57  33  33  GLU GLU A . n 
A 1 58  VAL 58  34  34  VAL VAL A . n 
A 1 59  ALA 59  35  35  ALA ALA A . n 
A 1 60  ARG 60  36  36  ARG ARG A . n 
A 1 61  GLN 61  37  37  GLN GLN A . n 
A 1 62  HIS 62  38  38  HIS HIS A . n 
A 1 63  GLY 63  39  39  GLY GLY A . n 
A 1 64  PHE 64  40  40  PHE PHE A . n 
A 1 65  SER 65  41  41  SER SER A . n 
A 1 66  VAL 66  42  42  VAL VAL A . n 
A 1 67  SER 67  43  43  SER SER A . n 
A 1 68  GLU 68  44  44  GLU GLU A . n 
A 1 69  TRP 69  45  45  TRP TRP A . n 
A 1 70  ARG 70  46  46  ARG ARG A . n 
A 1 71  VAL 71  47  47  VAL VAL A . n 
A 1 72  MET 72  48  48  MET MET A . n 
A 1 73  ALA 73  49  49  ALA ALA A . n 
A 1 74  SER 74  50  50  SER SER A . n 
A 1 75  LEU 75  51  51  LEU LEU A . n 
A 1 76  ALA 76  52  52  ALA ALA A . n 
A 1 77  GLY 77  53  53  GLY GLY A . n 
A 1 78  SER 78  54  54  SER SER A . n 
A 1 79  GLU 79  55  55  GLU GLU A . n 
A 1 80  PRO 80  56  56  PRO PRO A . n 
A 1 81  ILE 81  57  57  ILE ILE A . n 
A 1 82  SER 82  58  58  SER SER A . n 
A 1 83  ILE 83  59  59  ILE ILE A . n 
A 1 84  GLY 84  60  60  GLY GLY A . n 
A 1 85  GLN 85  61  61  GLN GLN A . n 
A 1 86  LEU 86  62  62  LEU LEU A . n 
A 1 87  ALA 87  63  63  ALA ALA A . n 
A 1 88  GLN 88  64  64  GLN GLN A . n 
A 1 89  VAL 89  65  65  VAL VAL A . n 
A 1 90  THR 90  66  66  THR THR A . n 
A 1 91  VAL 91  67  67  VAL VAL A . n 
A 1 92  THR 92  68  68  THR THR A . n 
A 1 93  LYS 93  69  69  LYS LYS A . n 
A 1 94  GLN 94  70  70  GLN GLN A . n 
A 1 95  PRO 95  71  71  PRO PRO A . n 
A 1 96  THR 96  72  72  THR THR A . n 
A 1 97  VAL 97  73  73  VAL VAL A . n 
A 1 98  THR 98  74  74  THR THR A . n 
A 1 99  ARG 99  75  75  ARG ARG A . n 
A 1 100 LEU 100 76  76  LEU LEU A . n 
A 1 101 LEU 101 77  77  LEU LEU A . n 
A 1 102 ASP 102 78  78  ASP ASP A . n 
A 1 103 ARG 103 79  79  ARG ARG A . n 
A 1 104 MET 104 80  80  MET MET A . n 
A 1 105 GLU 105 81  81  GLU GLU A . n 
A 1 106 ALA 106 82  82  ALA ALA A . n 
A 1 107 ARG 107 83  83  ARG ARG A . n 
A 1 108 GLY 108 84  84  GLY GLY A . n 
A 1 109 GLN 109 85  85  GLN GLN A . n 
A 1 110 VAL 110 86  86  VAL VAL A . n 
A 1 111 GLU 111 87  87  GLU GLU A . n 
A 1 112 ARG 112 88  88  ARG ARG A . n 
A 1 113 LEU 113 89  89  LEU LEU A . n 
A 1 114 PRO 114 90  90  PRO PRO A . n 
A 1 115 HIS 115 91  91  HIS HIS A . n 
A 1 116 GLU 116 92  92  GLU GLU A . n 
A 1 117 SER 117 93  93  SER SER A . n 
A 1 118 ASP 118 94  94  ASP ASP A . n 
A 1 119 ARG 119 95  95  ARG ARG A . n 
A 1 120 ARG 120 96  96  ARG ARG A . n 
A 1 121 ILE 121 97  97  ILE ILE A . n 
A 1 122 THR 122 98  98  THR THR A . n 
A 1 123 LEU 123 99  99  LEU LEU A . n 
A 1 124 VAL 124 100 100 VAL VAL A . n 
A 1 125 ARG 125 101 101 ARG ARG A . n 
A 1 126 ILE 126 102 102 ILE ILE A . n 
A 1 127 THR 127 103 103 THR THR A . n 
A 1 128 ARG 128 104 104 ARG ARG A . n 
A 1 129 LYS 129 105 105 LYS LYS A . n 
A 1 130 GLY 130 106 106 GLY GLY A . n 
A 1 131 LEU 131 107 107 LEU LEU A . n 
A 1 132 LYS 132 108 108 LYS LYS A . n 
A 1 133 ALA 133 109 109 ALA ALA A . n 
A 1 134 VAL 134 110 110 VAL VAL A . n 
A 1 135 GLU 135 111 111 GLU GLU A . n 
A 1 136 HIS 136 112 112 HIS HIS A . n 
A 1 137 LEU 137 113 113 LEU LEU A . n 
A 1 138 MET 138 114 114 MET MET A . n 
A 1 139 GLU 139 115 115 GLU GLU A . n 
A 1 140 LEU 140 116 116 LEU LEU A . n 
A 1 141 ALA 141 117 117 ALA ALA A . n 
A 1 142 ARG 142 118 118 ARG ARG A . n 
A 1 143 GLU 143 119 119 GLU GLU A . n 
A 1 144 HIS 144 120 120 HIS HIS A . n 
A 1 145 GLU 145 121 121 GLU GLU A . n 
A 1 146 ARG 146 122 122 ARG ARG A . n 
A 1 147 ARG 147 123 123 ARG ARG A . n 
A 1 148 VAL 148 124 124 VAL VAL A . n 
A 1 149 LEU 149 125 125 LEU LEU A . n 
A 1 150 GLU 150 126 126 GLU GLU A . n 
A 1 151 PRO 151 127 127 PRO PRO A . n 
A 1 152 PHE 152 128 128 PHE PHE A . n 
A 1 153 GLY 153 129 129 GLY GLY A . n 
A 1 154 LEU 154 130 130 LEU LEU A . n 
A 1 155 ARG 155 131 131 ARG ARG A . n 
A 1 156 ARG 156 132 132 ARG ARG A . n 
A 1 157 ALA 157 133 133 ALA ALA A . n 
A 1 158 GLU 158 134 134 GLU GLU A . n 
A 1 159 GLU 159 135 135 GLU GLU A . n 
A 1 160 LEU 160 136 136 LEU LEU A . n 
A 1 161 LYS 161 137 137 LYS LYS A . n 
A 1 162 GLN 162 138 138 GLN GLN A . n 
A 1 163 THR 163 139 139 THR THR A . n 
A 1 164 LEU 164 140 140 LEU LEU A . n 
A 1 165 ARG 165 141 141 ARG ARG A . n 
A 1 166 GLN 166 142 142 GLN GLN A . n 
A 1 167 MET 167 143 143 MET MET A . n 
A 1 168 ILE 168 144 144 ILE ILE A . n 
A 1 169 ASP 169 145 145 ASP ASP A . n 
A 1 170 LEU 170 146 146 LEU LEU A . n 
A 1 171 HIS 171 147 147 HIS HIS A . n 
A 1 172 VAL 172 148 148 VAL VAL A . n 
A 1 173 HIS 173 149 149 HIS HIS A . n 
A 1 174 VAL 174 150 ?   ?   ?   A . n 
A 1 175 PRO 175 151 ?   ?   ?   A . n 
A 1 176 VAL 176 152 ?   ?   ?   A . n 
A 1 177 GLU 177 153 ?   ?   ?   A . n 
A 1 178 GLU 178 154 ?   ?   ?   A . n 
A 1 179 PRO 179 155 ?   ?   ?   A . n 
A 1 180 GLU 180 156 ?   ?   ?   A . n 
A 1 181 GLU 181 157 ?   ?   ?   A . n 
A 1 182 ASP 182 158 ?   ?   ?   A . n 
# 
loop_
_pdbx_nonpoly_scheme.asym_id 
_pdbx_nonpoly_scheme.entity_id 
_pdbx_nonpoly_scheme.mon_id 
_pdbx_nonpoly_scheme.ndb_seq_num 
_pdbx_nonpoly_scheme.pdb_seq_num 
_pdbx_nonpoly_scheme.auth_seq_num 
_pdbx_nonpoly_scheme.pdb_mon_id 
_pdbx_nonpoly_scheme.auth_mon_id 
_pdbx_nonpoly_scheme.pdb_strand_id 
_pdbx_nonpoly_scheme.pdb_ins_code 
B 2 ICO 1   201 1   ICO I3C A . 
C 3 SO4 1   202 1   SO4 SO4 A . 
D 4 HOH 1   301 96  HOH HOH A . 
D 4 HOH 2   302 125 HOH HOH A . 
D 4 HOH 3   303 42  HOH HOH A . 
D 4 HOH 4   304 130 HOH HOH A . 
D 4 HOH 5   305 9   HOH HOH A . 
D 4 HOH 6   306 50  HOH HOH A . 
D 4 HOH 7   307 59  HOH HOH A . 
D 4 HOH 8   308 32  HOH HOH A . 
D 4 HOH 9   309 23  HOH HOH A . 
D 4 HOH 10  310 2   HOH HOH A . 
D 4 HOH 11  311 95  HOH HOH A . 
D 4 HOH 12  312 44  HOH HOH A . 
D 4 HOH 13  313 100 HOH HOH A . 
D 4 HOH 14  314 20  HOH HOH A . 
D 4 HOH 15  315 26  HOH HOH A . 
D 4 HOH 16  316 13  HOH HOH A . 
D 4 HOH 17  317 65  HOH HOH A . 
D 4 HOH 18  318 1   HOH HOH A . 
D 4 HOH 19  319 28  HOH HOH A . 
D 4 HOH 20  320 15  HOH HOH A . 
D 4 HOH 21  321 61  HOH HOH A . 
D 4 HOH 22  322 35  HOH HOH A . 
D 4 HOH 23  323 16  HOH HOH A . 
D 4 HOH 24  324 129 HOH HOH A . 
D 4 HOH 25  325 122 HOH HOH A . 
D 4 HOH 26  326 135 HOH HOH A . 
D 4 HOH 27  327 67  HOH HOH A . 
D 4 HOH 28  328 55  HOH HOH A . 
D 4 HOH 29  329 38  HOH HOH A . 
D 4 HOH 30  330 41  HOH HOH A . 
D 4 HOH 31  331 108 HOH HOH A . 
D 4 HOH 32  332 97  HOH HOH A . 
D 4 HOH 33  333 11  HOH HOH A . 
D 4 HOH 34  334 29  HOH HOH A . 
D 4 HOH 35  335 45  HOH HOH A . 
D 4 HOH 36  336 81  HOH HOH A . 
D 4 HOH 37  337 12  HOH HOH A . 
D 4 HOH 38  338 63  HOH HOH A . 
D 4 HOH 39  339 57  HOH HOH A . 
D 4 HOH 40  340 24  HOH HOH A . 
D 4 HOH 41  341 56  HOH HOH A . 
D 4 HOH 42  342 5   HOH HOH A . 
D 4 HOH 43  343 21  HOH HOH A . 
D 4 HOH 44  344 6   HOH HOH A . 
D 4 HOH 45  345 3   HOH HOH A . 
D 4 HOH 46  346 30  HOH HOH A . 
D 4 HOH 47  347 36  HOH HOH A . 
D 4 HOH 48  348 17  HOH HOH A . 
D 4 HOH 49  349 39  HOH HOH A . 
D 4 HOH 50  350 66  HOH HOH A . 
D 4 HOH 51  351 69  HOH HOH A . 
D 4 HOH 52  352 27  HOH HOH A . 
D 4 HOH 53  353 54  HOH HOH A . 
D 4 HOH 54  354 79  HOH HOH A . 
D 4 HOH 55  355 33  HOH HOH A . 
D 4 HOH 56  356 31  HOH HOH A . 
D 4 HOH 57  357 121 HOH HOH A . 
D 4 HOH 58  358 40  HOH HOH A . 
D 4 HOH 59  359 46  HOH HOH A . 
D 4 HOH 60  360 4   HOH HOH A . 
D 4 HOH 61  361 64  HOH HOH A . 
D 4 HOH 62  362 7   HOH HOH A . 
D 4 HOH 63  363 104 HOH HOH A . 
D 4 HOH 64  364 103 HOH HOH A . 
D 4 HOH 65  365 18  HOH HOH A . 
D 4 HOH 66  366 22  HOH HOH A . 
D 4 HOH 67  367 8   HOH HOH A . 
D 4 HOH 68  368 80  HOH HOH A . 
D 4 HOH 69  369 86  HOH HOH A . 
D 4 HOH 70  370 37  HOH HOH A . 
D 4 HOH 71  371 62  HOH HOH A . 
D 4 HOH 72  372 19  HOH HOH A . 
D 4 HOH 73  373 92  HOH HOH A . 
D 4 HOH 74  374 25  HOH HOH A . 
D 4 HOH 75  375 72  HOH HOH A . 
D 4 HOH 76  376 128 HOH HOH A . 
D 4 HOH 77  377 88  HOH HOH A . 
D 4 HOH 78  378 34  HOH HOH A . 
D 4 HOH 79  379 14  HOH HOH A . 
D 4 HOH 80  380 87  HOH HOH A . 
D 4 HOH 81  381 43  HOH HOH A . 
D 4 HOH 82  382 93  HOH HOH A . 
D 4 HOH 83  383 60  HOH HOH A . 
D 4 HOH 84  384 132 HOH HOH A . 
D 4 HOH 85  385 119 HOH HOH A . 
D 4 HOH 86  386 51  HOH HOH A . 
D 4 HOH 87  387 120 HOH HOH A . 
D 4 HOH 88  388 137 HOH HOH A . 
D 4 HOH 89  389 102 HOH HOH A . 
D 4 HOH 90  390 77  HOH HOH A . 
D 4 HOH 91  391 52  HOH HOH A . 
D 4 HOH 92  392 68  HOH HOH A . 
D 4 HOH 93  393 74  HOH HOH A . 
D 4 HOH 94  394 136 HOH HOH A . 
D 4 HOH 95  395 71  HOH HOH A . 
D 4 HOH 96  396 89  HOH HOH A . 
D 4 HOH 97  397 84  HOH HOH A . 
D 4 HOH 98  398 98  HOH HOH A . 
D 4 HOH 99  399 53  HOH HOH A . 
D 4 HOH 100 400 94  HOH HOH A . 
D 4 HOH 101 401 123 HOH HOH A . 
D 4 HOH 102 402 83  HOH HOH A . 
D 4 HOH 103 403 105 HOH HOH A . 
D 4 HOH 104 404 10  HOH HOH A . 
D 4 HOH 105 405 58  HOH HOH A . 
D 4 HOH 106 406 82  HOH HOH A . 
D 4 HOH 107 407 133 HOH HOH A . 
D 4 HOH 108 408 118 HOH HOH A . 
D 4 HOH 109 409 90  HOH HOH A . 
D 4 HOH 110 410 70  HOH HOH A . 
D 4 HOH 111 411 78  HOH HOH A . 
D 4 HOH 112 412 115 HOH HOH A . 
D 4 HOH 113 413 91  HOH HOH A . 
D 4 HOH 114 414 126 HOH HOH A . 
D 4 HOH 115 415 109 HOH HOH A . 
D 4 HOH 116 416 106 HOH HOH A . 
D 4 HOH 117 417 101 HOH HOH A . 
D 4 HOH 118 418 99  HOH HOH A . 
D 4 HOH 119 419 124 HOH HOH A . 
D 4 HOH 120 420 134 HOH HOH A . 
D 4 HOH 121 421 75  HOH HOH A . 
D 4 HOH 122 422 48  HOH HOH A . 
D 4 HOH 123 423 131 HOH HOH A . 
D 4 HOH 124 424 76  HOH HOH A . 
D 4 HOH 125 425 107 HOH HOH A . 
D 4 HOH 126 426 47  HOH HOH A . 
D 4 HOH 127 427 85  HOH HOH A . 
D 4 HOH 128 428 49  HOH HOH A . 
D 4 HOH 129 429 73  HOH HOH A . 
# 
_pdbx_struct_assembly.id                   1 
_pdbx_struct_assembly.details              author_and_software_defined_assembly 
_pdbx_struct_assembly.method_details       PISA 
_pdbx_struct_assembly.oligomeric_details   dimeric 
_pdbx_struct_assembly.oligomeric_count     2 
# 
loop_
_pdbx_struct_assembly_gen.assembly_id 
_pdbx_struct_assembly_gen.oper_expression 
_pdbx_struct_assembly_gen.asym_id_list 
1 1 A,B,C,D 
1 2 A,B,C,D 
# 
loop_
_pdbx_struct_oper_list.id 
_pdbx_struct_oper_list.type 
_pdbx_struct_oper_list.name 
_pdbx_struct_oper_list.symmetry_operation 
_pdbx_struct_oper_list.matrix[1][1] 
_pdbx_struct_oper_list.matrix[1][2] 
_pdbx_struct_oper_list.matrix[1][3] 
_pdbx_struct_oper_list.vector[1] 
_pdbx_struct_oper_list.matrix[2][1] 
_pdbx_struct_oper_list.matrix[2][2] 
_pdbx_struct_oper_list.matrix[2][3] 
_pdbx_struct_oper_list.vector[2] 
_pdbx_struct_oper_list.matrix[3][1] 
_pdbx_struct_oper_list.matrix[3][2] 
_pdbx_struct_oper_list.matrix[3][3] 
_pdbx_struct_oper_list.vector[3] 
1 'identity operation'         1_555 x,y,z     1.0000000000  0.0000000000 0.0000000000  0.0000000000  0.0000000000 1.0000000000  0.0000000000  0.0000000000 0.0000000000  0.0000000000  1.0000000000 0.0000000000 
2 'crystal symmetry operation' 2_565 -x,-y+1,z -0.9341993240 0.1945991242 -0.2990030166 21.2598696688 0.1945991242 -0.4244919440 -0.8842724526 3.7248913811 -0.2990030166 -0.8842724526 0.3586912680 7.1028527438 
# 
loop_
_pdbx_struct_special_symmetry.id 
_pdbx_struct_special_symmetry.PDB_model_num 
_pdbx_struct_special_symmetry.auth_asym_id 
_pdbx_struct_special_symmetry.auth_comp_id 
_pdbx_struct_special_symmetry.auth_seq_id 
_pdbx_struct_special_symmetry.PDB_ins_code 
_pdbx_struct_special_symmetry.label_asym_id 
_pdbx_struct_special_symmetry.label_comp_id 
_pdbx_struct_special_symmetry.label_seq_id 
1 1 A HOH 369 ? D HOH . 
2 1 A HOH 404 ? D HOH . 
3 1 A HOH 428 ? D HOH . 
# 
loop_
_pdbx_audit_revision_history.ordinal 
_pdbx_audit_revision_history.data_content_type 
_pdbx_audit_revision_history.major_revision 
_pdbx_audit_revision_history.minor_revision 
_pdbx_audit_revision_history.revision_date 
1 'Structure model' 1 0 2021-11-10 
2 'Structure model' 1 1 2022-11-23 
3 'Structure model' 1 2 2023-10-25 
# 
_pdbx_audit_revision_details.ordinal             1 
_pdbx_audit_revision_details.revision_ordinal    1 
_pdbx_audit_revision_details.data_content_type   'Structure model' 
_pdbx_audit_revision_details.provider            repository 
_pdbx_audit_revision_details.type                'Initial release' 
_pdbx_audit_revision_details.description         ? 
_pdbx_audit_revision_details.details             ? 
# 
loop_
_pdbx_audit_revision_group.ordinal 
_pdbx_audit_revision_group.revision_ordinal 
_pdbx_audit_revision_group.data_content_type 
_pdbx_audit_revision_group.group 
1 2 'Structure model' 'Database references'    
2 3 'Structure model' 'Data collection'        
3 3 'Structure model' 'Refinement description' 
# 
loop_
_pdbx_audit_revision_category.ordinal 
_pdbx_audit_revision_category.revision_ordinal 
_pdbx_audit_revision_category.data_content_type 
_pdbx_audit_revision_category.category 
1 2 'Structure model' citation                      
2 2 'Structure model' citation_author               
3 3 'Structure model' chem_comp_atom                
4 3 'Structure model' chem_comp_bond                
5 3 'Structure model' pdbx_initial_refinement_model 
# 
loop_
_pdbx_audit_revision_item.ordinal 
_pdbx_audit_revision_item.revision_ordinal 
_pdbx_audit_revision_item.data_content_type 
_pdbx_audit_revision_item.item 
1  2 'Structure model' '_citation.country'                 
2  2 'Structure model' '_citation.journal_abbrev'          
3  2 'Structure model' '_citation.journal_id_CSD'          
4  2 'Structure model' '_citation.journal_id_ISSN'         
5  2 'Structure model' '_citation.journal_volume'          
6  2 'Structure model' '_citation.page_first'              
7  2 'Structure model' '_citation.page_last'               
8  2 'Structure model' '_citation.pdbx_database_id_DOI'    
9  2 'Structure model' '_citation.pdbx_database_id_PubMed' 
10 2 'Structure model' '_citation.title'                   
11 2 'Structure model' '_citation.year'                    
# 
loop_
_space_group_symop.id 
_space_group_symop.operation_xyz 
1  x,y,z           
2  x,-y,-z         
3  -x,y,-z         
4  -x,-y,z         
5  x,y+1/2,z+1/2   
6  x,-y+1/2,-z+1/2 
7  -x,y+1/2,-z+1/2 
8  -x,-y+1/2,z+1/2 
9  x+1/2,y,z+1/2   
10 x+1/2,-y,-z+1/2 
11 -x+1/2,y,-z+1/2 
12 -x+1/2,-y,z+1/2 
13 x+1/2,y+1/2,z   
14 x+1/2,-y+1/2,-z 
15 -x+1/2,y+1/2,-z 
16 -x+1/2,-y+1/2,z 
# 
loop_
_software.citation_id 
_software.classification 
_software.compiler_name 
_software.compiler_version 
_software.contact_author 
_software.contact_author_email 
_software.date 
_software.description 
_software.dependencies 
_software.hardware 
_software.language 
_software.location 
_software.mods 
_software.name 
_software.os 
_software.os_version 
_software.type 
_software.version 
_software.pdbx_ordinal 
? refinement       ? ? ? ? ? ? ? ? ? ? ? PHENIX  ? ? ? 1.17.1_3660 1 
? 'data reduction' ? ? ? ? ? ? ? ? ? ? ? XDS     ? ? ? .           2 
? 'data scaling'   ? ? ? ? ? ? ? ? ? ? ? Aimless ? ? ? .           3 
? phasing          ? ? ? ? ? ? ? ? ? ? ? PHENIX  ? ? ? .           4 
# 
_pdbx_entry_details.entry_id                 7KFQ 
_pdbx_entry_details.has_ligand_of_interest   N 
_pdbx_entry_details.compound_details         ? 
_pdbx_entry_details.source_details           ? 
_pdbx_entry_details.nonpolymer_details       ? 
_pdbx_entry_details.sequence_details         ? 
# 
loop_
_pdbx_validate_close_contact.id 
_pdbx_validate_close_contact.PDB_model_num 
_pdbx_validate_close_contact.auth_atom_id_1 
_pdbx_validate_close_contact.auth_asym_id_1 
_pdbx_validate_close_contact.auth_comp_id_1 
_pdbx_validate_close_contact.auth_seq_id_1 
_pdbx_validate_close_contact.PDB_ins_code_1 
_pdbx_validate_close_contact.label_alt_id_1 
_pdbx_validate_close_contact.auth_atom_id_2 
_pdbx_validate_close_contact.auth_asym_id_2 
_pdbx_validate_close_contact.auth_comp_id_2 
_pdbx_validate_close_contact.auth_seq_id_2 
_pdbx_validate_close_contact.PDB_ins_code_2 
_pdbx_validate_close_contact.label_alt_id_2 
_pdbx_validate_close_contact.dist 
1 1 OE1 A GLU 44  ? B O A HOH 301 ? ? 1.88 
2 1 O   A HOH 325 ? ? O A HOH 385 ? ? 2.07 
3 1 O   A HOH 331 ? ? O A HOH 415 ? ? 2.09 
4 1 O   A PRO 90  ? ? O A HOH 302 ? ? 2.18 
# 
loop_
_pdbx_validate_symm_contact.id 
_pdbx_validate_symm_contact.PDB_model_num 
_pdbx_validate_symm_contact.auth_atom_id_1 
_pdbx_validate_symm_contact.auth_asym_id_1 
_pdbx_validate_symm_contact.auth_comp_id_1 
_pdbx_validate_symm_contact.auth_seq_id_1 
_pdbx_validate_symm_contact.PDB_ins_code_1 
_pdbx_validate_symm_contact.label_alt_id_1 
_pdbx_validate_symm_contact.site_symmetry_1 
_pdbx_validate_symm_contact.auth_atom_id_2 
_pdbx_validate_symm_contact.auth_asym_id_2 
_pdbx_validate_symm_contact.auth_comp_id_2 
_pdbx_validate_symm_contact.auth_seq_id_2 
_pdbx_validate_symm_contact.PDB_ins_code_2 
_pdbx_validate_symm_contact.label_alt_id_2 
_pdbx_validate_symm_contact.site_symmetry_2 
_pdbx_validate_symm_contact.dist 
1 1 O A HOH 363 ? ? 1_555 O A HOH 363 ? ? 11_555 1.90 
2 1 O A HOH 397 ? ? 1_555 O A HOH 397 ? ? 14_555 2.10 
# 
_pdbx_validate_torsion.id              1 
_pdbx_validate_torsion.PDB_model_num   1 
_pdbx_validate_torsion.auth_comp_id    SER 
_pdbx_validate_torsion.auth_asym_id    A 
_pdbx_validate_torsion.auth_seq_id     93 
_pdbx_validate_torsion.PDB_ins_code    ? 
_pdbx_validate_torsion.label_alt_id    ? 
_pdbx_validate_torsion.phi             -113.86 
_pdbx_validate_torsion.psi             -72.83 
# 
loop_
_pdbx_unobs_or_zero_occ_residues.id 
_pdbx_unobs_or_zero_occ_residues.PDB_model_num 
_pdbx_unobs_or_zero_occ_residues.polymer_flag 
_pdbx_unobs_or_zero_occ_residues.occupancy_flag 
_pdbx_unobs_or_zero_occ_residues.auth_asym_id 
_pdbx_unobs_or_zero_occ_residues.auth_comp_id 
_pdbx_unobs_or_zero_occ_residues.auth_seq_id 
_pdbx_unobs_or_zero_occ_residues.PDB_ins_code 
_pdbx_unobs_or_zero_occ_residues.label_asym_id 
_pdbx_unobs_or_zero_occ_residues.label_comp_id 
_pdbx_unobs_or_zero_occ_residues.label_seq_id 
1  1 Y 1 A MET -23 ? A MET 1   
2  1 Y 1 A HIS -22 ? A HIS 2   
3  1 Y 1 A HIS -21 ? A HIS 3   
4  1 Y 1 A HIS -20 ? A HIS 4   
5  1 Y 1 A HIS -19 ? A HIS 5   
6  1 Y 1 A HIS -18 ? A HIS 6   
7  1 Y 1 A HIS -17 ? A HIS 7   
8  1 Y 1 A SER -16 ? A SER 8   
9  1 Y 1 A SER -15 ? A SER 9   
10 1 Y 1 A GLY -14 ? A GLY 10  
11 1 Y 1 A VAL -13 ? A VAL 11  
12 1 Y 1 A ASP -12 ? A ASP 12  
13 1 Y 1 A LEU -11 ? A LEU 13  
14 1 Y 1 A GLY -10 ? A GLY 14  
15 1 Y 1 A THR -9  ? A THR 15  
16 1 Y 1 A GLU -8  ? A GLU 16  
17 1 Y 1 A ASN -7  ? A ASN 17  
18 1 Y 1 A LEU -6  ? A LEU 18  
19 1 Y 1 A TYR -5  ? A TYR 19  
20 1 Y 1 A PHE -4  ? A PHE 20  
21 1 Y 1 A GLN -3  ? A GLN 21  
22 1 Y 1 A SER -2  ? A SER 22  
23 1 Y 1 A ASN -1  ? A ASN 23  
24 1 Y 1 A ALA 0   ? A ALA 24  
25 1 Y 1 A MET 1   ? A MET 25  
26 1 Y 1 A ALA 2   ? A ALA 26  
27 1 Y 1 A GLU 3   ? A GLU 27  
28 1 Y 1 A GLN 4   ? A GLN 28  
29 1 Y 1 A PRO 5   ? A PRO 29  
30 1 Y 1 A PRO 6   ? A PRO 30  
31 1 Y 1 A GLU 7   ? A GLU 31  
32 1 Y 1 A THR 8   ? A THR 32  
33 1 Y 1 A VAL 150 ? A VAL 174 
34 1 Y 1 A PRO 151 ? A PRO 175 
35 1 Y 1 A VAL 152 ? A VAL 176 
36 1 Y 1 A GLU 153 ? A GLU 177 
37 1 Y 1 A GLU 154 ? A GLU 178 
38 1 Y 1 A PRO 155 ? A PRO 179 
39 1 Y 1 A GLU 156 ? A GLU 180 
40 1 Y 1 A GLU 157 ? A GLU 181 
41 1 Y 1 A ASP 158 ? A ASP 182 
# 
loop_
_chem_comp_atom.comp_id 
_chem_comp_atom.atom_id 
_chem_comp_atom.type_symbol 
_chem_comp_atom.pdbx_aromatic_flag 
_chem_comp_atom.pdbx_stereo_config 
_chem_comp_atom.pdbx_ordinal 
ALA N    N N N 1   
ALA CA   C N S 2   
ALA C    C N N 3   
ALA O    O N N 4   
ALA CB   C N N 5   
ALA OXT  O N N 6   
ALA H    H N N 7   
ALA H2   H N N 8   
ALA HA   H N N 9   
ALA HB1  H N N 10  
ALA HB2  H N N 11  
ALA HB3  H N N 12  
ALA HXT  H N N 13  
ARG N    N N N 14  
ARG CA   C N S 15  
ARG C    C N N 16  
ARG O    O N N 17  
ARG CB   C N N 18  
ARG CG   C N N 19  
ARG CD   C N N 20  
ARG NE   N N N 21  
ARG CZ   C N N 22  
ARG NH1  N N N 23  
ARG NH2  N N N 24  
ARG OXT  O N N 25  
ARG H    H N N 26  
ARG H2   H N N 27  
ARG HA   H N N 28  
ARG HB2  H N N 29  
ARG HB3  H N N 30  
ARG HG2  H N N 31  
ARG HG3  H N N 32  
ARG HD2  H N N 33  
ARG HD3  H N N 34  
ARG HE   H N N 35  
ARG HH11 H N N 36  
ARG HH12 H N N 37  
ARG HH21 H N N 38  
ARG HH22 H N N 39  
ARG HXT  H N N 40  
ASN N    N N N 41  
ASN CA   C N S 42  
ASN C    C N N 43  
ASN O    O N N 44  
ASN CB   C N N 45  
ASN CG   C N N 46  
ASN OD1  O N N 47  
ASN ND2  N N N 48  
ASN OXT  O N N 49  
ASN H    H N N 50  
ASN H2   H N N 51  
ASN HA   H N N 52  
ASN HB2  H N N 53  
ASN HB3  H N N 54  
ASN HD21 H N N 55  
ASN HD22 H N N 56  
ASN HXT  H N N 57  
ASP N    N N N 58  
ASP CA   C N S 59  
ASP C    C N N 60  
ASP O    O N N 61  
ASP CB   C N N 62  
ASP CG   C N N 63  
ASP OD1  O N N 64  
ASP OD2  O N N 65  
ASP OXT  O N N 66  
ASP H    H N N 67  
ASP H2   H N N 68  
ASP HA   H N N 69  
ASP HB2  H N N 70  
ASP HB3  H N N 71  
ASP HD2  H N N 72  
ASP HXT  H N N 73  
GLN N    N N N 74  
GLN CA   C N S 75  
GLN C    C N N 76  
GLN O    O N N 77  
GLN CB   C N N 78  
GLN CG   C N N 79  
GLN CD   C N N 80  
GLN OE1  O N N 81  
GLN NE2  N N N 82  
GLN OXT  O N N 83  
GLN H    H N N 84  
GLN H2   H N N 85  
GLN HA   H N N 86  
GLN HB2  H N N 87  
GLN HB3  H N N 88  
GLN HG2  H N N 89  
GLN HG3  H N N 90  
GLN HE21 H N N 91  
GLN HE22 H N N 92  
GLN HXT  H N N 93  
GLU N    N N N 94  
GLU CA   C N S 95  
GLU C    C N N 96  
GLU O    O N N 97  
GLU CB   C N N 98  
GLU CG   C N N 99  
GLU CD   C N N 100 
GLU OE1  O N N 101 
GLU OE2  O N N 102 
GLU OXT  O N N 103 
GLU H    H N N 104 
GLU H2   H N N 105 
GLU HA   H N N 106 
GLU HB2  H N N 107 
GLU HB3  H N N 108 
GLU HG2  H N N 109 
GLU HG3  H N N 110 
GLU HE2  H N N 111 
GLU HXT  H N N 112 
GLY N    N N N 113 
GLY CA   C N N 114 
GLY C    C N N 115 
GLY O    O N N 116 
GLY OXT  O N N 117 
GLY H    H N N 118 
GLY H2   H N N 119 
GLY HA2  H N N 120 
GLY HA3  H N N 121 
GLY HXT  H N N 122 
HIS N    N N N 123 
HIS CA   C N S 124 
HIS C    C N N 125 
HIS O    O N N 126 
HIS CB   C N N 127 
HIS CG   C Y N 128 
HIS ND1  N Y N 129 
HIS CD2  C Y N 130 
HIS CE1  C Y N 131 
HIS NE2  N Y N 132 
HIS OXT  O N N 133 
HIS H    H N N 134 
HIS H2   H N N 135 
HIS HA   H N N 136 
HIS HB2  H N N 137 
HIS HB3  H N N 138 
HIS HD1  H N N 139 
HIS HD2  H N N 140 
HIS HE1  H N N 141 
HIS HE2  H N N 142 
HIS HXT  H N N 143 
HOH O    O N N 144 
HOH H1   H N N 145 
HOH H2   H N N 146 
ICO CAA  C Y N 147 
ICO CAD  C Y N 148 
ICO CAI  C Y N 149 
ICO CAJ  C Y N 150 
ICO CAF  C Y N 151 
ICO CAB  C Y N 152 
ICO NAE  N Y N 153 
ICO CAG  C Y N 154 
ICO CAC  C Y N 155 
ICO CAH  C N N 156 
ICO OAL  O N N 157 
ICO OAK  O N N 158 
ICO HAD  H N N 159 
ICO HAI  H N N 160 
ICO HAJ  H N N 161 
ICO HAF  H N N 162 
ICO HAE  H N N 163 
ICO HAG  H N N 164 
ICO HAL  H N N 165 
ILE N    N N N 166 
ILE CA   C N S 167 
ILE C    C N N 168 
ILE O    O N N 169 
ILE CB   C N S 170 
ILE CG1  C N N 171 
ILE CG2  C N N 172 
ILE CD1  C N N 173 
ILE OXT  O N N 174 
ILE H    H N N 175 
ILE H2   H N N 176 
ILE HA   H N N 177 
ILE HB   H N N 178 
ILE HG12 H N N 179 
ILE HG13 H N N 180 
ILE HG21 H N N 181 
ILE HG22 H N N 182 
ILE HG23 H N N 183 
ILE HD11 H N N 184 
ILE HD12 H N N 185 
ILE HD13 H N N 186 
ILE HXT  H N N 187 
LEU N    N N N 188 
LEU CA   C N S 189 
LEU C    C N N 190 
LEU O    O N N 191 
LEU CB   C N N 192 
LEU CG   C N N 193 
LEU CD1  C N N 194 
LEU CD2  C N N 195 
LEU OXT  O N N 196 
LEU H    H N N 197 
LEU H2   H N N 198 
LEU HA   H N N 199 
LEU HB2  H N N 200 
LEU HB3  H N N 201 
LEU HG   H N N 202 
LEU HD11 H N N 203 
LEU HD12 H N N 204 
LEU HD13 H N N 205 
LEU HD21 H N N 206 
LEU HD22 H N N 207 
LEU HD23 H N N 208 
LEU HXT  H N N 209 
LYS N    N N N 210 
LYS CA   C N S 211 
LYS C    C N N 212 
LYS O    O N N 213 
LYS CB   C N N 214 
LYS CG   C N N 215 
LYS CD   C N N 216 
LYS CE   C N N 217 
LYS NZ   N N N 218 
LYS OXT  O N N 219 
LYS H    H N N 220 
LYS H2   H N N 221 
LYS HA   H N N 222 
LYS HB2  H N N 223 
LYS HB3  H N N 224 
LYS HG2  H N N 225 
LYS HG3  H N N 226 
LYS HD2  H N N 227 
LYS HD3  H N N 228 
LYS HE2  H N N 229 
LYS HE3  H N N 230 
LYS HZ1  H N N 231 
LYS HZ2  H N N 232 
LYS HZ3  H N N 233 
LYS HXT  H N N 234 
MET N    N N N 235 
MET CA   C N S 236 
MET C    C N N 237 
MET O    O N N 238 
MET CB   C N N 239 
MET CG   C N N 240 
MET SD   S N N 241 
MET CE   C N N 242 
MET OXT  O N N 243 
MET H    H N N 244 
MET H2   H N N 245 
MET HA   H N N 246 
MET HB2  H N N 247 
MET HB3  H N N 248 
MET HG2  H N N 249 
MET HG3  H N N 250 
MET HE1  H N N 251 
MET HE2  H N N 252 
MET HE3  H N N 253 
MET HXT  H N N 254 
PHE N    N N N 255 
PHE CA   C N S 256 
PHE C    C N N 257 
PHE O    O N N 258 
PHE CB   C N N 259 
PHE CG   C Y N 260 
PHE CD1  C Y N 261 
PHE CD2  C Y N 262 
PHE CE1  C Y N 263 
PHE CE2  C Y N 264 
PHE CZ   C Y N 265 
PHE OXT  O N N 266 
PHE H    H N N 267 
PHE H2   H N N 268 
PHE HA   H N N 269 
PHE HB2  H N N 270 
PHE HB3  H N N 271 
PHE HD1  H N N 272 
PHE HD2  H N N 273 
PHE HE1  H N N 274 
PHE HE2  H N N 275 
PHE HZ   H N N 276 
PHE HXT  H N N 277 
PRO N    N N N 278 
PRO CA   C N S 279 
PRO C    C N N 280 
PRO O    O N N 281 
PRO CB   C N N 282 
PRO CG   C N N 283 
PRO CD   C N N 284 
PRO OXT  O N N 285 
PRO H    H N N 286 
PRO HA   H N N 287 
PRO HB2  H N N 288 
PRO HB3  H N N 289 
PRO HG2  H N N 290 
PRO HG3  H N N 291 
PRO HD2  H N N 292 
PRO HD3  H N N 293 
PRO HXT  H N N 294 
SER N    N N N 295 
SER CA   C N S 296 
SER C    C N N 297 
SER O    O N N 298 
SER CB   C N N 299 
SER OG   O N N 300 
SER OXT  O N N 301 
SER H    H N N 302 
SER H2   H N N 303 
SER HA   H N N 304 
SER HB2  H N N 305 
SER HB3  H N N 306 
SER HG   H N N 307 
SER HXT  H N N 308 
SO4 S    S N N 309 
SO4 O1   O N N 310 
SO4 O2   O N N 311 
SO4 O3   O N N 312 
SO4 O4   O N N 313 
THR N    N N N 314 
THR CA   C N S 315 
THR C    C N N 316 
THR O    O N N 317 
THR CB   C N R 318 
THR OG1  O N N 319 
THR CG2  C N N 320 
THR OXT  O N N 321 
THR H    H N N 322 
THR H2   H N N 323 
THR HA   H N N 324 
THR HB   H N N 325 
THR HG1  H N N 326 
THR HG21 H N N 327 
THR HG22 H N N 328 
THR HG23 H N N 329 
THR HXT  H N N 330 
TRP N    N N N 331 
TRP CA   C N S 332 
TRP C    C N N 333 
TRP O    O N N 334 
TRP CB   C N N 335 
TRP CG   C Y N 336 
TRP CD1  C Y N 337 
TRP CD2  C Y N 338 
TRP NE1  N Y N 339 
TRP CE2  C Y N 340 
TRP CE3  C Y N 341 
TRP CZ2  C Y N 342 
TRP CZ3  C Y N 343 
TRP CH2  C Y N 344 
TRP OXT  O N N 345 
TRP H    H N N 346 
TRP H2   H N N 347 
TRP HA   H N N 348 
TRP HB2  H N N 349 
TRP HB3  H N N 350 
TRP HD1  H N N 351 
TRP HE1  H N N 352 
TRP HE3  H N N 353 
TRP HZ2  H N N 354 
TRP HZ3  H N N 355 
TRP HH2  H N N 356 
TRP HXT  H N N 357 
TYR N    N N N 358 
TYR CA   C N S 359 
TYR C    C N N 360 
TYR O    O N N 361 
TYR CB   C N N 362 
TYR CG   C Y N 363 
TYR CD1  C Y N 364 
TYR CD2  C Y N 365 
TYR CE1  C Y N 366 
TYR CE2  C Y N 367 
TYR CZ   C Y N 368 
TYR OH   O N N 369 
TYR OXT  O N N 370 
TYR H    H N N 371 
TYR H2   H N N 372 
TYR HA   H N N 373 
TYR HB2  H N N 374 
TYR HB3  H N N 375 
TYR HD1  H N N 376 
TYR HD2  H N N 377 
TYR HE1  H N N 378 
TYR HE2  H N N 379 
TYR HH   H N N 380 
TYR HXT  H N N 381 
VAL N    N N N 382 
VAL CA   C N S 383 
VAL C    C N N 384 
VAL O    O N N 385 
VAL CB   C N N 386 
VAL CG1  C N N 387 
VAL CG2  C N N 388 
VAL OXT  O N N 389 
VAL H    H N N 390 
VAL H2   H N N 391 
VAL HA   H N N 392 
VAL HB   H N N 393 
VAL HG11 H N N 394 
VAL HG12 H N N 395 
VAL HG13 H N N 396 
VAL HG21 H N N 397 
VAL HG22 H N N 398 
VAL HG23 H N N 399 
VAL HXT  H N N 400 
# 
loop_
_chem_comp_bond.comp_id 
_chem_comp_bond.atom_id_1 
_chem_comp_bond.atom_id_2 
_chem_comp_bond.value_order 
_chem_comp_bond.pdbx_aromatic_flag 
_chem_comp_bond.pdbx_stereo_config 
_chem_comp_bond.pdbx_ordinal 
ALA N   CA   sing N N 1   
ALA N   H    sing N N 2   
ALA N   H2   sing N N 3   
ALA CA  C    sing N N 4   
ALA CA  CB   sing N N 5   
ALA CA  HA   sing N N 6   
ALA C   O    doub N N 7   
ALA C   OXT  sing N N 8   
ALA CB  HB1  sing N N 9   
ALA CB  HB2  sing N N 10  
ALA CB  HB3  sing N N 11  
ALA OXT HXT  sing N N 12  
ARG N   CA   sing N N 13  
ARG N   H    sing N N 14  
ARG N   H2   sing N N 15  
ARG CA  C    sing N N 16  
ARG CA  CB   sing N N 17  
ARG CA  HA   sing N N 18  
ARG C   O    doub N N 19  
ARG C   OXT  sing N N 20  
ARG CB  CG   sing N N 21  
ARG CB  HB2  sing N N 22  
ARG CB  HB3  sing N N 23  
ARG CG  CD   sing N N 24  
ARG CG  HG2  sing N N 25  
ARG CG  HG3  sing N N 26  
ARG CD  NE   sing N N 27  
ARG CD  HD2  sing N N 28  
ARG CD  HD3  sing N N 29  
ARG NE  CZ   sing N N 30  
ARG NE  HE   sing N N 31  
ARG CZ  NH1  sing N N 32  
ARG CZ  NH2  doub N N 33  
ARG NH1 HH11 sing N N 34  
ARG NH1 HH12 sing N N 35  
ARG NH2 HH21 sing N N 36  
ARG NH2 HH22 sing N N 37  
ARG OXT HXT  sing N N 38  
ASN N   CA   sing N N 39  
ASN N   H    sing N N 40  
ASN N   H2   sing N N 41  
ASN CA  C    sing N N 42  
ASN CA  CB   sing N N 43  
ASN CA  HA   sing N N 44  
ASN C   O    doub N N 45  
ASN C   OXT  sing N N 46  
ASN CB  CG   sing N N 47  
ASN CB  HB2  sing N N 48  
ASN CB  HB3  sing N N 49  
ASN CG  OD1  doub N N 50  
ASN CG  ND2  sing N N 51  
ASN ND2 HD21 sing N N 52  
ASN ND2 HD22 sing N N 53  
ASN OXT HXT  sing N N 54  
ASP N   CA   sing N N 55  
ASP N   H    sing N N 56  
ASP N   H2   sing N N 57  
ASP CA  C    sing N N 58  
ASP CA  CB   sing N N 59  
ASP CA  HA   sing N N 60  
ASP C   O    doub N N 61  
ASP C   OXT  sing N N 62  
ASP CB  CG   sing N N 63  
ASP CB  HB2  sing N N 64  
ASP CB  HB3  sing N N 65  
ASP CG  OD1  doub N N 66  
ASP CG  OD2  sing N N 67  
ASP OD2 HD2  sing N N 68  
ASP OXT HXT  sing N N 69  
GLN N   CA   sing N N 70  
GLN N   H    sing N N 71  
GLN N   H2   sing N N 72  
GLN CA  C    sing N N 73  
GLN CA  CB   sing N N 74  
GLN CA  HA   sing N N 75  
GLN C   O    doub N N 76  
GLN C   OXT  sing N N 77  
GLN CB  CG   sing N N 78  
GLN CB  HB2  sing N N 79  
GLN CB  HB3  sing N N 80  
GLN CG  CD   sing N N 81  
GLN CG  HG2  sing N N 82  
GLN CG  HG3  sing N N 83  
GLN CD  OE1  doub N N 84  
GLN CD  NE2  sing N N 85  
GLN NE2 HE21 sing N N 86  
GLN NE2 HE22 sing N N 87  
GLN OXT HXT  sing N N 88  
GLU N   CA   sing N N 89  
GLU N   H    sing N N 90  
GLU N   H2   sing N N 91  
GLU CA  C    sing N N 92  
GLU CA  CB   sing N N 93  
GLU CA  HA   sing N N 94  
GLU C   O    doub N N 95  
GLU C   OXT  sing N N 96  
GLU CB  CG   sing N N 97  
GLU CB  HB2  sing N N 98  
GLU CB  HB3  sing N N 99  
GLU CG  CD   sing N N 100 
GLU CG  HG2  sing N N 101 
GLU CG  HG3  sing N N 102 
GLU CD  OE1  doub N N 103 
GLU CD  OE2  sing N N 104 
GLU OE2 HE2  sing N N 105 
GLU OXT HXT  sing N N 106 
GLY N   CA   sing N N 107 
GLY N   H    sing N N 108 
GLY N   H2   sing N N 109 
GLY CA  C    sing N N 110 
GLY CA  HA2  sing N N 111 
GLY CA  HA3  sing N N 112 
GLY C   O    doub N N 113 
GLY C   OXT  sing N N 114 
GLY OXT HXT  sing N N 115 
HIS N   CA   sing N N 116 
HIS N   H    sing N N 117 
HIS N   H2   sing N N 118 
HIS CA  C    sing N N 119 
HIS CA  CB   sing N N 120 
HIS CA  HA   sing N N 121 
HIS C   O    doub N N 122 
HIS C   OXT  sing N N 123 
HIS CB  CG   sing N N 124 
HIS CB  HB2  sing N N 125 
HIS CB  HB3  sing N N 126 
HIS CG  ND1  sing Y N 127 
HIS CG  CD2  doub Y N 128 
HIS ND1 CE1  doub Y N 129 
HIS ND1 HD1  sing N N 130 
HIS CD2 NE2  sing Y N 131 
HIS CD2 HD2  sing N N 132 
HIS CE1 NE2  sing Y N 133 
HIS CE1 HE1  sing N N 134 
HIS NE2 HE2  sing N N 135 
HIS OXT HXT  sing N N 136 
HOH O   H1   sing N N 137 
HOH O   H2   sing N N 138 
ICO CAA CAD  sing Y N 139 
ICO CAA CAB  doub Y N 140 
ICO CAA CAC  sing Y N 141 
ICO CAD CAI  doub Y N 142 
ICO CAD HAD  sing N N 143 
ICO CAI CAJ  sing Y N 144 
ICO CAI HAI  sing N N 145 
ICO CAJ CAF  doub Y N 146 
ICO CAJ HAJ  sing N N 147 
ICO CAF CAB  sing Y N 148 
ICO CAF HAF  sing N N 149 
ICO CAB NAE  sing Y N 150 
ICO NAE CAG  sing Y N 151 
ICO NAE HAE  sing N N 152 
ICO CAG CAC  doub Y N 153 
ICO CAG HAG  sing N N 154 
ICO CAC CAH  sing N N 155 
ICO CAH OAL  sing N N 156 
ICO CAH OAK  doub N N 157 
ICO OAL HAL  sing N N 158 
ILE N   CA   sing N N 159 
ILE N   H    sing N N 160 
ILE N   H2   sing N N 161 
ILE CA  C    sing N N 162 
ILE CA  CB   sing N N 163 
ILE CA  HA   sing N N 164 
ILE C   O    doub N N 165 
ILE C   OXT  sing N N 166 
ILE CB  CG1  sing N N 167 
ILE CB  CG2  sing N N 168 
ILE CB  HB   sing N N 169 
ILE CG1 CD1  sing N N 170 
ILE CG1 HG12 sing N N 171 
ILE CG1 HG13 sing N N 172 
ILE CG2 HG21 sing N N 173 
ILE CG2 HG22 sing N N 174 
ILE CG2 HG23 sing N N 175 
ILE CD1 HD11 sing N N 176 
ILE CD1 HD12 sing N N 177 
ILE CD1 HD13 sing N N 178 
ILE OXT HXT  sing N N 179 
LEU N   CA   sing N N 180 
LEU N   H    sing N N 181 
LEU N   H2   sing N N 182 
LEU CA  C    sing N N 183 
LEU CA  CB   sing N N 184 
LEU CA  HA   sing N N 185 
LEU C   O    doub N N 186 
LEU C   OXT  sing N N 187 
LEU CB  CG   sing N N 188 
LEU CB  HB2  sing N N 189 
LEU CB  HB3  sing N N 190 
LEU CG  CD1  sing N N 191 
LEU CG  CD2  sing N N 192 
LEU CG  HG   sing N N 193 
LEU CD1 HD11 sing N N 194 
LEU CD1 HD12 sing N N 195 
LEU CD1 HD13 sing N N 196 
LEU CD2 HD21 sing N N 197 
LEU CD2 HD22 sing N N 198 
LEU CD2 HD23 sing N N 199 
LEU OXT HXT  sing N N 200 
LYS N   CA   sing N N 201 
LYS N   H    sing N N 202 
LYS N   H2   sing N N 203 
LYS CA  C    sing N N 204 
LYS CA  CB   sing N N 205 
LYS CA  HA   sing N N 206 
LYS C   O    doub N N 207 
LYS C   OXT  sing N N 208 
LYS CB  CG   sing N N 209 
LYS CB  HB2  sing N N 210 
LYS CB  HB3  sing N N 211 
LYS CG  CD   sing N N 212 
LYS CG  HG2  sing N N 213 
LYS CG  HG3  sing N N 214 
LYS CD  CE   sing N N 215 
LYS CD  HD2  sing N N 216 
LYS CD  HD3  sing N N 217 
LYS CE  NZ   sing N N 218 
LYS CE  HE2  sing N N 219 
LYS CE  HE3  sing N N 220 
LYS NZ  HZ1  sing N N 221 
LYS NZ  HZ2  sing N N 222 
LYS NZ  HZ3  sing N N 223 
LYS OXT HXT  sing N N 224 
MET N   CA   sing N N 225 
MET N   H    sing N N 226 
MET N   H2   sing N N 227 
MET CA  C    sing N N 228 
MET CA  CB   sing N N 229 
MET CA  HA   sing N N 230 
MET C   O    doub N N 231 
MET C   OXT  sing N N 232 
MET CB  CG   sing N N 233 
MET CB  HB2  sing N N 234 
MET CB  HB3  sing N N 235 
MET CG  SD   sing N N 236 
MET CG  HG2  sing N N 237 
MET CG  HG3  sing N N 238 
MET SD  CE   sing N N 239 
MET CE  HE1  sing N N 240 
MET CE  HE2  sing N N 241 
MET CE  HE3  sing N N 242 
MET OXT HXT  sing N N 243 
PHE N   CA   sing N N 244 
PHE N   H    sing N N 245 
PHE N   H2   sing N N 246 
PHE CA  C    sing N N 247 
PHE CA  CB   sing N N 248 
PHE CA  HA   sing N N 249 
PHE C   O    doub N N 250 
PHE C   OXT  sing N N 251 
PHE CB  CG   sing N N 252 
PHE CB  HB2  sing N N 253 
PHE CB  HB3  sing N N 254 
PHE CG  CD1  doub Y N 255 
PHE CG  CD2  sing Y N 256 
PHE CD1 CE1  sing Y N 257 
PHE CD1 HD1  sing N N 258 
PHE CD2 CE2  doub Y N 259 
PHE CD2 HD2  sing N N 260 
PHE CE1 CZ   doub Y N 261 
PHE CE1 HE1  sing N N 262 
PHE CE2 CZ   sing Y N 263 
PHE CE2 HE2  sing N N 264 
PHE CZ  HZ   sing N N 265 
PHE OXT HXT  sing N N 266 
PRO N   CA   sing N N 267 
PRO N   CD   sing N N 268 
PRO N   H    sing N N 269 
PRO CA  C    sing N N 270 
PRO CA  CB   sing N N 271 
PRO CA  HA   sing N N 272 
PRO C   O    doub N N 273 
PRO C   OXT  sing N N 274 
PRO CB  CG   sing N N 275 
PRO CB  HB2  sing N N 276 
PRO CB  HB3  sing N N 277 
PRO CG  CD   sing N N 278 
PRO CG  HG2  sing N N 279 
PRO CG  HG3  sing N N 280 
PRO CD  HD2  sing N N 281 
PRO CD  HD3  sing N N 282 
PRO OXT HXT  sing N N 283 
SER N   CA   sing N N 284 
SER N   H    sing N N 285 
SER N   H2   sing N N 286 
SER CA  C    sing N N 287 
SER CA  CB   sing N N 288 
SER CA  HA   sing N N 289 
SER C   O    doub N N 290 
SER C   OXT  sing N N 291 
SER CB  OG   sing N N 292 
SER CB  HB2  sing N N 293 
SER CB  HB3  sing N N 294 
SER OG  HG   sing N N 295 
SER OXT HXT  sing N N 296 
SO4 S   O1   doub N N 297 
SO4 S   O2   doub N N 298 
SO4 S   O3   sing N N 299 
SO4 S   O4   sing N N 300 
THR N   CA   sing N N 301 
THR N   H    sing N N 302 
THR N   H2   sing N N 303 
THR CA  C    sing N N 304 
THR CA  CB   sing N N 305 
THR CA  HA   sing N N 306 
THR C   O    doub N N 307 
THR C   OXT  sing N N 308 
THR CB  OG1  sing N N 309 
THR CB  CG2  sing N N 310 
THR CB  HB   sing N N 311 
THR OG1 HG1  sing N N 312 
THR CG2 HG21 sing N N 313 
THR CG2 HG22 sing N N 314 
THR CG2 HG23 sing N N 315 
THR OXT HXT  sing N N 316 
TRP N   CA   sing N N 317 
TRP N   H    sing N N 318 
TRP N   H2   sing N N 319 
TRP CA  C    sing N N 320 
TRP CA  CB   sing N N 321 
TRP CA  HA   sing N N 322 
TRP C   O    doub N N 323 
TRP C   OXT  sing N N 324 
TRP CB  CG   sing N N 325 
TRP CB  HB2  sing N N 326 
TRP CB  HB3  sing N N 327 
TRP CG  CD1  doub Y N 328 
TRP CG  CD2  sing Y N 329 
TRP CD1 NE1  sing Y N 330 
TRP CD1 HD1  sing N N 331 
TRP CD2 CE2  doub Y N 332 
TRP CD2 CE3  sing Y N 333 
TRP NE1 CE2  sing Y N 334 
TRP NE1 HE1  sing N N 335 
TRP CE2 CZ2  sing Y N 336 
TRP CE3 CZ3  doub Y N 337 
TRP CE3 HE3  sing N N 338 
TRP CZ2 CH2  doub Y N 339 
TRP CZ2 HZ2  sing N N 340 
TRP CZ3 CH2  sing Y N 341 
TRP CZ3 HZ3  sing N N 342 
TRP CH2 HH2  sing N N 343 
TRP OXT HXT  sing N N 344 
TYR N   CA   sing N N 345 
TYR N   H    sing N N 346 
TYR N   H2   sing N N 347 
TYR CA  C    sing N N 348 
TYR CA  CB   sing N N 349 
TYR CA  HA   sing N N 350 
TYR C   O    doub N N 351 
TYR C   OXT  sing N N 352 
TYR CB  CG   sing N N 353 
TYR CB  HB2  sing N N 354 
TYR CB  HB3  sing N N 355 
TYR CG  CD1  doub Y N 356 
TYR CG  CD2  sing Y N 357 
TYR CD1 CE1  sing Y N 358 
TYR CD1 HD1  sing N N 359 
TYR CD2 CE2  doub Y N 360 
TYR CD2 HD2  sing N N 361 
TYR CE1 CZ   doub Y N 362 
TYR CE1 HE1  sing N N 363 
TYR CE2 CZ   sing Y N 364 
TYR CE2 HE2  sing N N 365 
TYR CZ  OH   sing N N 366 
TYR OH  HH   sing N N 367 
TYR OXT HXT  sing N N 368 
VAL N   CA   sing N N 369 
VAL N   H    sing N N 370 
VAL N   H2   sing N N 371 
VAL CA  C    sing N N 372 
VAL CA  CB   sing N N 373 
VAL CA  HA   sing N N 374 
VAL C   O    doub N N 375 
VAL C   OXT  sing N N 376 
VAL CB  CG1  sing N N 377 
VAL CB  CG2  sing N N 378 
VAL CB  HB   sing N N 379 
VAL CG1 HG11 sing N N 380 
VAL CG1 HG12 sing N N 381 
VAL CG1 HG13 sing N N 382 
VAL CG2 HG21 sing N N 383 
VAL CG2 HG22 sing N N 384 
VAL CG2 HG23 sing N N 385 
VAL OXT HXT  sing N N 386 
# 
_pdbx_audit_support.funding_organization   'National Science Foundation (NSF, United States)' 
_pdbx_audit_support.country                'United States' 
_pdbx_audit_support.grant_number           IOS-1917270 
_pdbx_audit_support.ordinal                1 
# 
loop_
_pdbx_entity_nonpoly.entity_id 
_pdbx_entity_nonpoly.name 
_pdbx_entity_nonpoly.comp_id 
2 '1H-INDOLE-3-CARBOXYLIC ACID' ICO 
3 'SULFATE ION'                 SO4 
4 water                         HOH 
# 
_pdbx_initial_refinement_model.id               1 
_pdbx_initial_refinement_model.entity_id_list   ? 
_pdbx_initial_refinement_model.type             'experimental model' 
_pdbx_initial_refinement_model.source_name      PDB 
_pdbx_initial_refinement_model.accession_code   7KFO 
_pdbx_initial_refinement_model.details          ? 
# 
_pdbx_struct_assembly_auth_evidence.id                     1 
_pdbx_struct_assembly_auth_evidence.assembly_id            1 
_pdbx_struct_assembly_auth_evidence.experimental_support   'gel filtration' 
_pdbx_struct_assembly_auth_evidence.details                ? 
# 
_space_group.name_H-M_alt     'F 2 2 2' 
_space_group.name_Hall        'F 2 2' 
_space_group.IT_number        22 
_space_group.crystal_system   orthorhombic 
_space_group.id               1 
# 
